data_1P44
#
_entry.id   1P44
#
_cell.length_a   100.619
_cell.length_b   83.219
_cell.length_c   192.972
_cell.angle_alpha   90.00
_cell.angle_beta   94.95
_cell.angle_gamma   90.00
#
_symmetry.space_group_name_H-M   'C 1 2 1'
#
loop_
_entity.id
_entity.type
_entity.pdbx_description
1 polymer 'Enoyl-[acyl-carrier-protein] reductase [NADH]'
2 non-polymer NICOTINAMIDE-ADENINE-DINUCLEOTIDE
3 non-polymer 5-{[4-(9H-FLUOREN-9-YL)PIPERAZIN-1-YL]CARBONYL}-1H-INDOLE
4 water water
#
_entity_poly.entity_id   1
_entity_poly.type   'polypeptide(L)'
_entity_poly.pdbx_seq_one_letter_code
;MTGLLDGKRILVSGIITDSSIAFHIARVAQEQGAQLVLTGFDRLRLIQRITDRLPAKAPLLELDVQNEEHLASLAGRVTE
AIGAGNKLDGVVHSIGFMPQTGMGINPFFDAPYADVSKGIHISAYSYASMAKALLPIMNPGGSIVGMDFDPSRAMPAYNW
MTVAKSALESVNRFVAREAGKYGVRSNLVAAGPIRTLAMSAIVGGALGEEAGAQIQLLEEGWDQRAPIGWNMKDATPVAK
TVCALLSDWLPATTGDIIYADGGAHTQLL
;
_entity_poly.pdbx_strand_id   A,B,C,D,E,F
#
loop_
_chem_comp.id
_chem_comp.type
_chem_comp.name
_chem_comp.formula
GEQ non-polymer 5-{[4-(9H-FLUOREN-9-YL)PIPERAZIN-1-YL]CARBONYL}-1H-INDOLE 'C26 H23 N3 O'
NAD non-polymer NICOTINAMIDE-ADENINE-DINUCLEOTIDE 'C21 H27 N7 O14 P2'
#
# COMPACT_ATOMS: atom_id res chain seq x y z
N THR A 2 -21.72 6.98 2.07
CA THR A 2 -22.18 7.03 3.48
C THR A 2 -21.36 8.05 4.28
N GLY A 3 -22.06 8.83 5.11
CA GLY A 3 -21.37 9.81 5.92
C GLY A 3 -21.65 11.21 5.44
N LEU A 4 -21.16 12.18 6.18
CA LEU A 4 -21.36 13.59 5.86
C LEU A 4 -20.34 14.08 4.83
N LEU A 5 -19.10 13.65 5.00
CA LEU A 5 -18.00 14.06 4.11
C LEU A 5 -17.64 12.95 3.13
N ASP A 6 -18.56 11.99 2.98
CA ASP A 6 -18.38 10.84 2.12
C ASP A 6 -17.82 11.12 0.72
N GLY A 7 -16.65 10.57 0.45
CA GLY A 7 -16.03 10.77 -0.85
C GLY A 7 -15.07 11.93 -0.91
N LYS A 8 -15.19 12.86 0.02
CA LYS A 8 -14.31 14.00 0.02
C LYS A 8 -12.92 13.68 0.52
N ARG A 9 -11.94 14.31 -0.11
CA ARG A 9 -10.55 14.14 0.26
C ARG A 9 -10.23 15.46 0.98
N ILE A 10 -9.87 15.35 2.25
CA ILE A 10 -9.61 16.52 3.06
C ILE A 10 -8.22 16.57 3.69
N LEU A 11 -7.63 17.76 3.75
CA LEU A 11 -6.32 17.95 4.36
C LEU A 11 -6.48 18.53 5.76
N VAL A 12 -5.97 17.82 6.77
CA VAL A 12 -6.06 18.24 8.17
C VAL A 12 -4.64 18.53 8.62
N SER A 13 -4.47 19.50 9.51
CA SER A 13 -3.13 19.85 9.98
C SER A 13 -3.23 20.31 11.42
N GLY A 14 -2.08 20.55 12.03
CA GLY A 14 -2.07 21.00 13.41
C GLY A 14 -1.96 19.89 14.44
N ILE A 15 -2.20 18.65 14.06
CA ILE A 15 -2.10 17.57 15.03
C ILE A 15 -0.71 17.53 15.65
N ILE A 16 -0.67 17.10 16.90
CA ILE A 16 0.58 16.97 17.64
C ILE A 16 0.37 15.98 18.77
N THR A 17 -0.85 15.94 19.29
CA THR A 17 -1.21 14.98 20.34
C THR A 17 -2.58 14.41 20.04
N ASP A 18 -3.05 13.48 20.86
CA ASP A 18 -4.36 12.89 20.65
C ASP A 18 -5.38 13.75 21.36
N SER A 19 -4.88 14.82 21.99
CA SER A 19 -5.74 15.73 22.71
C SER A 19 -5.98 17.05 21.96
N SER A 20 -5.15 17.34 20.95
CA SER A 20 -5.34 18.57 20.18
C SER A 20 -6.59 18.49 19.29
N ILE A 21 -7.28 19.61 19.17
CA ILE A 21 -8.51 19.72 18.38
C ILE A 21 -8.41 19.11 16.98
N ALA A 22 -7.37 19.44 16.23
CA ALA A 22 -7.21 18.91 14.88
C ALA A 22 -7.27 17.38 14.83
N PHE A 23 -6.84 16.72 15.90
CA PHE A 23 -6.86 15.26 15.95
C PHE A 23 -8.31 14.79 15.95
N HIS A 24 -9.13 15.43 16.77
CA HIS A 24 -10.53 15.07 16.86
C HIS A 24 -11.27 15.40 15.58
N ILE A 25 -10.83 16.45 14.89
CA ILE A 25 -11.44 16.85 13.62
C ILE A 25 -11.22 15.73 12.61
N ALA A 26 -9.98 15.30 12.51
CA ALA A 26 -9.63 14.24 11.58
C ALA A 26 -10.35 12.95 11.97
N ARG A 27 -10.47 12.68 13.26
CA ARG A 27 -11.16 11.47 13.67
C ARG A 27 -12.62 11.49 13.27
N VAL A 28 -13.25 12.66 13.38
CA VAL A 28 -14.66 12.77 13.02
C VAL A 28 -14.77 12.78 11.52
N ALA A 29 -13.80 13.40 10.84
CA ALA A 29 -13.83 13.43 9.38
C ALA A 29 -13.73 11.99 8.85
N GLN A 30 -12.87 11.18 9.46
CA GLN A 30 -12.74 9.81 9.00
C GLN A 30 -14.01 9.03 9.33
N GLU A 31 -14.53 9.19 10.55
CA GLU A 31 -15.78 8.52 10.95
C GLU A 31 -16.93 8.88 10.01
N GLN A 32 -16.77 9.97 9.27
CA GLN A 32 -17.82 10.41 8.35
C GLN A 32 -17.41 10.07 6.92
N GLY A 33 -16.57 9.05 6.81
CA GLY A 33 -16.13 8.61 5.50
C GLY A 33 -15.53 9.64 4.59
N ALA A 34 -14.47 10.28 5.05
CA ALA A 34 -13.77 11.25 4.25
C ALA A 34 -12.39 10.66 4.23
N GLN A 35 -11.59 10.92 3.19
CA GLN A 35 -10.26 10.36 3.18
C GLN A 35 -9.28 11.50 3.41
N LEU A 36 -8.39 11.30 4.37
CA LEU A 36 -7.43 12.32 4.77
C LEU A 36 -5.97 12.29 4.33
N VAL A 37 -5.35 13.43 4.57
CA VAL A 37 -3.95 13.69 4.32
C VAL A 37 -3.63 14.61 5.48
N LEU A 38 -2.67 14.21 6.29
CA LEU A 38 -2.30 15.00 7.43
C LEU A 38 -0.93 15.60 7.22
N THR A 39 -0.71 16.78 7.78
CA THR A 39 0.58 17.43 7.71
C THR A 39 0.99 17.66 9.15
N GLY A 40 2.26 17.49 9.46
CA GLY A 40 2.70 17.69 10.83
C GLY A 40 3.99 18.48 10.92
N PHE A 41 4.39 18.81 12.14
CA PHE A 41 5.60 19.59 12.36
C PHE A 41 6.86 18.75 12.63
N ASP A 42 7.80 19.28 13.40
CA ASP A 42 9.07 18.59 13.67
C ASP A 42 9.01 17.15 14.16
N ARG A 43 8.37 16.89 15.30
CA ARG A 43 8.28 15.53 15.84
C ARG A 43 7.46 14.58 14.98
N LEU A 44 7.77 14.51 13.69
CA LEU A 44 7.06 13.61 12.78
C LEU A 44 7.06 12.19 13.33
N ARG A 45 8.16 11.81 13.96
CA ARG A 45 8.27 10.47 14.51
C ARG A 45 7.20 10.30 15.57
N LEU A 46 6.97 11.34 16.35
CA LEU A 46 5.98 11.31 17.41
C LEU A 46 4.55 11.41 16.85
N ILE A 47 4.30 12.45 16.06
CA ILE A 47 2.97 12.64 15.49
C ILE A 47 2.51 11.36 14.79
N GLN A 48 3.48 10.61 14.26
CA GLN A 48 3.21 9.36 13.58
C GLN A 48 2.44 8.44 14.51
N ARG A 49 2.98 8.26 15.72
CA ARG A 49 2.36 7.40 16.73
C ARG A 49 0.90 7.80 16.99
N ILE A 50 0.67 9.07 17.29
CA ILE A 50 -0.67 9.59 17.56
C ILE A 50 -1.63 9.24 16.43
N THR A 51 -1.27 9.58 15.20
CA THR A 51 -2.11 9.31 14.05
C THR A 51 -2.37 7.81 13.90
N ASP A 52 -1.48 7.01 14.47
CA ASP A 52 -1.64 5.56 14.41
C ASP A 52 -2.63 5.17 15.50
N ARG A 53 -3.68 5.96 15.62
CA ARG A 53 -4.75 5.73 16.59
C ARG A 53 -6.05 6.06 15.86
N LEU A 54 -5.91 6.87 14.82
CA LEU A 54 -7.05 7.26 14.01
C LEU A 54 -7.75 5.99 13.58
N PRO A 55 -9.03 6.08 13.21
CA PRO A 55 -9.76 4.89 12.77
C PRO A 55 -9.32 4.37 11.42
N ALA A 56 -8.41 5.08 10.76
CA ALA A 56 -7.92 4.66 9.45
C ALA A 56 -6.61 5.33 9.06
N LYS A 57 -5.87 4.70 8.15
CA LYS A 57 -4.58 5.24 7.72
C LYS A 57 -4.69 6.39 6.72
N ALA A 58 -3.80 7.36 6.89
CA ALA A 58 -3.73 8.55 6.06
C ALA A 58 -2.27 8.99 5.93
N PRO A 59 -1.80 9.24 4.70
CA PRO A 59 -0.41 9.67 4.56
C PRO A 59 -0.12 10.90 5.41
N LEU A 60 1.07 10.95 5.99
CA LEU A 60 1.45 12.05 6.86
C LEU A 60 2.64 12.84 6.27
N LEU A 61 2.37 14.00 5.70
CA LEU A 61 3.43 14.82 5.09
C LEU A 61 3.99 15.82 6.10
N GLU A 62 5.18 16.32 5.85
CA GLU A 62 5.81 17.27 6.77
C GLU A 62 5.41 18.69 6.38
N LEU A 63 5.18 19.55 7.35
CA LEU A 63 4.79 20.91 7.03
C LEU A 63 5.08 21.98 8.09
N ASP A 64 6.17 22.69 7.89
CA ASP A 64 6.54 23.79 8.77
C ASP A 64 6.00 24.98 7.96
N VAL A 65 5.02 25.68 8.50
CA VAL A 65 4.43 26.80 7.78
C VAL A 65 5.41 27.94 7.56
N GLN A 66 6.53 27.90 8.27
CA GLN A 66 7.54 28.95 8.12
C GLN A 66 8.51 28.64 6.98
N ASN A 67 8.53 27.39 6.54
CA ASN A 67 9.43 26.99 5.46
C ASN A 67 8.80 27.20 4.09
N GLU A 68 9.12 28.33 3.48
CA GLU A 68 8.60 28.69 2.16
C GLU A 68 8.91 27.62 1.12
N GLU A 69 9.86 26.75 1.45
CA GLU A 69 10.26 25.67 0.55
C GLU A 69 9.26 24.52 0.65
N HIS A 70 8.79 24.25 1.87
CA HIS A 70 7.81 23.20 2.07
C HIS A 70 6.58 23.60 1.30
N LEU A 71 6.15 24.85 1.48
CA LEU A 71 4.98 25.39 0.80
C LEU A 71 5.05 25.22 -0.71
N ALA A 72 6.25 25.37 -1.27
CA ALA A 72 6.45 25.26 -2.71
C ALA A 72 6.37 23.82 -3.23
N SER A 73 6.25 22.87 -2.31
CA SER A 73 6.19 21.48 -2.69
C SER A 73 4.90 20.77 -2.28
N LEU A 74 4.15 21.39 -1.36
CA LEU A 74 2.90 20.82 -0.86
C LEU A 74 1.97 20.29 -1.93
N ALA A 75 1.52 21.17 -2.81
CA ALA A 75 0.60 20.78 -3.88
C ALA A 75 1.09 19.51 -4.58
N GLY A 76 2.39 19.43 -4.84
CA GLY A 76 2.95 18.26 -5.48
C GLY A 76 2.80 17.04 -4.61
N ARG A 77 3.43 17.09 -3.44
CA ARG A 77 3.37 16.00 -2.49
C ARG A 77 1.91 15.56 -2.29
N VAL A 78 1.01 16.50 -2.03
CA VAL A 78 -0.38 16.13 -1.84
C VAL A 78 -0.84 15.36 -3.08
N THR A 79 -0.49 15.87 -4.26
CA THR A 79 -0.85 15.22 -5.51
C THR A 79 -0.40 13.76 -5.52
N GLU A 80 0.68 13.49 -4.80
CA GLU A 80 1.21 12.14 -4.72
C GLU A 80 0.35 11.34 -3.74
N ALA A 81 0.06 11.95 -2.61
CA ALA A 81 -0.73 11.32 -1.55
C ALA A 81 -2.08 10.80 -2.01
N ILE A 82 -2.84 11.66 -2.67
CA ILE A 82 -4.17 11.28 -3.13
C ILE A 82 -4.15 10.67 -4.52
N GLY A 83 -3.13 11.02 -5.29
CA GLY A 83 -3.00 10.47 -6.62
C GLY A 83 -3.41 11.35 -7.80
N ALA A 84 -2.73 11.16 -8.91
CA ALA A 84 -3.03 11.92 -10.12
C ALA A 84 -4.52 11.80 -10.44
N GLY A 85 -5.11 12.87 -10.98
CA GLY A 85 -6.52 12.84 -11.31
C GLY A 85 -7.37 13.09 -10.08
N ASN A 86 -6.72 13.55 -9.02
CA ASN A 86 -7.44 13.82 -7.79
C ASN A 86 -7.13 15.20 -7.26
N LYS A 87 -8.14 15.80 -6.64
CA LYS A 87 -8.02 17.14 -6.07
C LYS A 87 -8.55 17.13 -4.65
N LEU A 88 -8.20 18.17 -3.90
CA LEU A 88 -8.64 18.31 -2.52
C LEU A 88 -10.02 18.95 -2.47
N ASP A 89 -10.83 18.56 -1.49
CA ASP A 89 -12.15 19.15 -1.32
C ASP A 89 -12.17 19.96 -0.01
N GLY A 90 -11.11 19.83 0.77
CA GLY A 90 -11.08 20.56 2.03
C GLY A 90 -9.70 20.76 2.60
N VAL A 91 -9.55 21.87 3.32
CA VAL A 91 -8.29 22.22 3.92
C VAL A 91 -8.61 22.82 5.27
N VAL A 92 -8.02 22.24 6.31
CA VAL A 92 -8.22 22.69 7.67
C VAL A 92 -6.92 23.19 8.26
N HIS A 93 -6.95 24.44 8.72
CA HIS A 93 -5.78 25.08 9.30
C HIS A 93 -5.98 25.15 10.80
N SER A 94 -5.31 24.28 11.53
CA SER A 94 -5.41 24.28 12.97
C SER A 94 -3.99 24.43 13.46
N ILE A 95 -3.46 25.64 13.31
CA ILE A 95 -2.09 25.91 13.68
C ILE A 95 -2.02 27.20 14.46
N GLY A 96 -1.30 27.16 15.58
CA GLY A 96 -1.14 28.35 16.41
C GLY A 96 0.17 28.38 17.18
N PHE A 97 0.78 29.55 17.25
CA PHE A 97 2.01 29.70 18.02
C PHE A 97 2.20 31.10 18.49
N MET A 98 2.70 31.22 19.70
CA MET A 98 2.98 32.50 20.30
C MET A 98 3.91 32.23 21.48
N PRO A 99 5.13 32.82 21.48
CA PRO A 99 6.09 32.62 22.57
C PRO A 99 5.43 32.97 23.90
N GLN A 100 5.91 32.39 25.00
CA GLN A 100 5.33 32.68 26.33
C GLN A 100 5.56 34.15 26.67
N THR A 101 6.38 34.79 25.85
CA THR A 101 6.73 36.19 25.99
C THR A 101 5.56 37.07 25.58
N GLY A 102 4.67 36.51 24.76
CA GLY A 102 3.49 37.24 24.32
C GLY A 102 2.13 36.67 24.71
N MET A 103 2.10 35.70 25.63
CA MET A 103 0.84 35.11 26.07
C MET A 103 0.71 35.05 27.60
N GLY A 104 0.97 33.88 28.17
CA GLY A 104 0.87 33.67 29.59
C GLY A 104 0.83 34.82 30.60
N ILE A 105 1.85 34.90 31.45
CA ILE A 105 1.96 35.90 32.51
C ILE A 105 2.77 37.14 32.17
N ASN A 106 3.62 37.03 31.17
CA ASN A 106 4.47 38.13 30.73
C ASN A 106 3.64 39.32 30.26
N PRO A 107 3.83 40.50 30.87
CA PRO A 107 3.10 41.73 30.52
C PRO A 107 2.87 41.95 29.01
N PHE A 108 1.89 42.77 28.68
CA PHE A 108 1.58 43.04 27.28
C PHE A 108 2.68 43.88 26.62
N PHE A 109 3.15 44.91 27.32
CA PHE A 109 4.18 45.80 26.79
C PHE A 109 5.59 45.20 26.74
N ASP A 110 5.76 44.00 27.28
CA ASP A 110 7.09 43.41 27.31
C ASP A 110 7.38 42.35 26.27
N ALA A 111 6.47 42.17 25.33
CA ALA A 111 6.70 41.19 24.28
C ALA A 111 7.45 41.91 23.16
N PRO A 112 8.66 41.45 22.83
CA PRO A 112 9.43 42.10 21.76
C PRO A 112 8.82 41.72 20.40
N TYR A 113 8.98 42.58 19.41
CA TYR A 113 8.40 42.32 18.10
C TYR A 113 8.78 41.01 17.43
N ALA A 114 10.05 40.63 17.56
CA ALA A 114 10.53 39.40 16.97
C ALA A 114 9.71 38.19 17.40
N ASP A 115 9.22 38.22 18.64
CA ASP A 115 8.43 37.11 19.15
C ASP A 115 7.03 37.17 18.64
N VAL A 116 6.48 38.38 18.65
CA VAL A 116 5.15 38.61 18.17
C VAL A 116 5.10 38.26 16.69
N SER A 117 5.99 38.86 15.91
CA SER A 117 6.05 38.59 14.48
C SER A 117 6.11 37.10 14.19
N LYS A 118 6.74 36.34 15.07
CA LYS A 118 6.84 34.91 14.83
C LYS A 118 5.47 34.31 15.00
N GLY A 119 4.80 34.70 16.09
CA GLY A 119 3.47 34.18 16.36
C GLY A 119 2.44 34.48 15.27
N ILE A 120 2.49 35.70 14.75
CA ILE A 120 1.58 36.16 13.72
C ILE A 120 1.87 35.45 12.40
N HIS A 121 3.15 35.23 12.15
CA HIS A 121 3.61 34.53 10.96
C HIS A 121 2.92 33.16 10.94
N ILE A 122 3.02 32.44 12.05
CA ILE A 122 2.43 31.12 12.17
C ILE A 122 0.92 31.09 12.42
N SER A 123 0.41 32.09 13.14
CA SER A 123 -1.00 32.09 13.47
C SER A 123 -1.88 32.80 12.46
N ALA A 124 -1.36 33.88 11.90
CA ALA A 124 -2.11 34.65 10.93
C ALA A 124 -1.66 34.40 9.50
N TYR A 125 -0.45 34.84 9.14
CA TYR A 125 0.05 34.69 7.78
C TYR A 125 -0.03 33.30 7.15
N SER A 126 0.38 32.27 7.88
CA SER A 126 0.36 30.90 7.31
C SER A 126 -0.98 30.50 6.74
N TYR A 127 -2.05 31.13 7.19
CA TYR A 127 -3.39 30.84 6.67
C TYR A 127 -3.45 31.25 5.20
N ALA A 128 -2.89 32.41 4.89
CA ALA A 128 -2.91 32.87 3.51
C ALA A 128 -1.98 32.06 2.58
N SER A 129 -0.78 31.74 3.05
CA SER A 129 0.18 31.01 2.24
C SER A 129 -0.21 29.54 2.03
N MET A 130 -0.87 28.95 3.02
CA MET A 130 -1.31 27.57 2.92
C MET A 130 -2.44 27.58 1.90
N ALA A 131 -3.26 28.61 1.94
CA ALA A 131 -4.36 28.75 0.99
C ALA A 131 -3.75 29.04 -0.38
N LYS A 132 -2.57 29.64 -0.39
CA LYS A 132 -1.93 29.93 -1.64
C LYS A 132 -1.40 28.61 -2.21
N ALA A 133 -0.94 27.72 -1.33
CA ALA A 133 -0.38 26.45 -1.80
C ALA A 133 -1.39 25.44 -2.33
N LEU A 134 -2.48 25.24 -1.58
CA LEU A 134 -3.47 24.23 -1.95
C LEU A 134 -4.66 24.67 -2.80
N LEU A 135 -4.87 25.98 -2.88
CA LEU A 135 -5.99 26.47 -3.67
C LEU A 135 -6.02 25.79 -5.04
N PRO A 136 -4.92 25.88 -5.80
CA PRO A 136 -4.83 25.28 -7.13
C PRO A 136 -5.16 23.78 -7.31
N ILE A 137 -5.25 23.00 -6.24
CA ILE A 137 -5.58 21.61 -6.45
C ILE A 137 -6.92 21.25 -5.83
N MET A 138 -7.74 22.27 -5.56
CA MET A 138 -9.05 22.05 -4.97
C MET A 138 -10.13 22.11 -6.03
N ASN A 139 -11.24 21.43 -5.77
CA ASN A 139 -12.38 21.40 -6.67
C ASN A 139 -13.31 22.56 -6.34
N PRO A 140 -13.95 23.16 -7.36
CA PRO A 140 -14.84 24.26 -6.97
C PRO A 140 -15.89 23.63 -6.08
N GLY A 141 -16.34 24.37 -5.07
CA GLY A 141 -17.34 23.84 -4.16
C GLY A 141 -16.70 23.42 -2.85
N GLY A 142 -15.38 23.58 -2.77
CA GLY A 142 -14.63 23.19 -1.58
C GLY A 142 -14.59 24.18 -0.43
N SER A 143 -14.13 23.70 0.73
CA SER A 143 -14.09 24.52 1.94
C SER A 143 -12.74 24.49 2.65
N ILE A 144 -12.18 25.66 2.92
CA ILE A 144 -10.94 25.81 3.67
C ILE A 144 -11.42 26.37 5.00
N VAL A 145 -10.89 25.90 6.12
CA VAL A 145 -11.35 26.41 7.40
C VAL A 145 -10.27 26.41 8.48
N GLY A 146 -10.28 27.45 9.31
CA GLY A 146 -9.27 27.55 10.35
C GLY A 146 -9.85 27.86 11.71
N MET A 147 -9.04 27.60 12.73
CA MET A 147 -9.42 27.81 14.12
C MET A 147 -9.29 29.26 14.57
N ASP A 148 -10.21 29.69 15.43
CA ASP A 148 -10.20 31.05 15.94
C ASP A 148 -10.66 31.06 17.39
N PHE A 149 -10.34 32.15 18.08
CA PHE A 149 -10.74 32.35 19.45
C PHE A 149 -11.09 33.84 19.46
N ASP A 150 -12.40 34.14 19.50
CA ASP A 150 -12.92 35.50 19.46
C ASP A 150 -12.01 36.57 20.05
N PRO A 151 -11.40 37.40 19.18
CA PRO A 151 -10.49 38.46 19.65
C PRO A 151 -11.19 39.79 19.77
N SER A 152 -12.52 39.76 19.69
CA SER A 152 -13.36 40.94 19.77
C SER A 152 -13.09 41.90 20.91
N ARG A 153 -12.77 41.36 22.07
CA ARG A 153 -12.51 42.20 23.23
C ARG A 153 -11.32 41.73 24.01
N ALA A 154 -10.58 42.69 24.56
CA ALA A 154 -9.39 42.37 25.31
C ALA A 154 -9.68 41.45 26.50
N MET A 155 -8.70 40.62 26.84
CA MET A 155 -8.80 39.68 27.95
C MET A 155 -7.41 39.45 28.53
N PRO A 156 -7.33 39.15 29.84
CA PRO A 156 -6.04 38.90 30.50
C PRO A 156 -5.30 37.66 30.03
N ALA A 157 -3.98 37.80 29.86
CA ALA A 157 -3.08 36.73 29.45
C ALA A 157 -3.04 36.32 27.99
N TYR A 158 -4.15 36.49 27.26
CA TYR A 158 -4.16 36.09 25.85
C TYR A 158 -3.32 37.07 25.03
N ASN A 159 -3.17 38.26 25.58
CA ASN A 159 -2.37 39.33 25.01
C ASN A 159 -2.12 39.33 23.51
N TRP A 160 -0.91 38.98 23.11
CA TRP A 160 -0.57 39.00 21.71
C TRP A 160 -1.17 37.91 20.86
N MET A 161 -1.60 36.82 21.48
CA MET A 161 -2.21 35.74 20.69
C MET A 161 -3.58 36.29 20.26
N THR A 162 -4.09 37.25 21.02
CA THR A 162 -5.35 37.89 20.73
C THR A 162 -5.18 38.77 19.49
N VAL A 163 -4.10 39.54 19.45
CA VAL A 163 -3.84 40.40 18.30
C VAL A 163 -3.65 39.54 17.03
N ALA A 164 -2.94 38.43 17.17
CA ALA A 164 -2.73 37.53 16.04
C ALA A 164 -4.08 37.02 15.53
N LYS A 165 -4.98 36.69 16.44
CA LYS A 165 -6.28 36.21 16.01
C LYS A 165 -7.12 37.30 15.35
N SER A 166 -6.96 38.54 15.81
CA SER A 166 -7.71 39.64 15.21
C SER A 166 -7.26 39.72 13.78
N ALA A 167 -5.96 39.55 13.59
CA ALA A 167 -5.37 39.59 12.26
C ALA A 167 -5.66 38.34 11.40
N LEU A 168 -6.11 37.26 12.03
CA LEU A 168 -6.42 36.03 11.30
C LEU A 168 -7.79 36.17 10.62
N GLU A 169 -8.74 36.79 11.33
CA GLU A 169 -10.10 36.99 10.84
C GLU A 169 -10.09 37.92 9.64
N SER A 170 -9.25 38.93 9.70
CA SER A 170 -9.15 39.90 8.62
C SER A 170 -8.56 39.25 7.38
N VAL A 171 -7.55 38.40 7.58
CA VAL A 171 -6.89 37.68 6.51
C VAL A 171 -7.88 36.69 5.91
N ASN A 172 -8.67 36.07 6.78
CA ASN A 172 -9.67 35.11 6.33
C ASN A 172 -10.65 35.79 5.36
N ARG A 173 -10.97 37.06 5.59
CA ARG A 173 -11.86 37.75 4.69
C ARG A 173 -11.20 37.98 3.33
N PHE A 174 -9.89 38.18 3.29
CA PHE A 174 -9.22 38.37 2.00
C PHE A 174 -9.01 37.04 1.26
N VAL A 175 -8.52 36.04 1.97
CA VAL A 175 -8.31 34.74 1.36
C VAL A 175 -9.58 34.34 0.61
N ALA A 176 -10.72 34.69 1.19
CA ALA A 176 -12.02 34.35 0.63
C ALA A 176 -12.34 35.01 -0.71
N ARG A 177 -11.92 36.24 -0.93
CA ARG A 177 -12.25 36.81 -2.23
C ARG A 177 -11.32 36.17 -3.26
N GLU A 178 -10.21 35.60 -2.78
CA GLU A 178 -9.30 34.92 -3.67
C GLU A 178 -9.90 33.55 -3.88
N ALA A 179 -10.05 32.81 -2.79
CA ALA A 179 -10.60 31.46 -2.85
C ALA A 179 -11.89 31.40 -3.65
N GLY A 180 -12.68 32.46 -3.56
CA GLY A 180 -13.94 32.51 -4.28
C GLY A 180 -13.78 32.43 -5.77
N LYS A 181 -12.59 32.71 -6.27
CA LYS A 181 -12.31 32.64 -7.70
C LYS A 181 -12.29 31.18 -8.17
N TYR A 182 -11.90 30.28 -7.29
CA TYR A 182 -11.82 28.87 -7.61
C TYR A 182 -13.06 28.15 -7.11
N GLY A 183 -13.99 28.93 -6.55
CA GLY A 183 -15.24 28.38 -6.05
C GLY A 183 -15.11 27.77 -4.68
N VAL A 184 -14.04 28.14 -3.96
CA VAL A 184 -13.76 27.61 -2.64
C VAL A 184 -14.21 28.57 -1.54
N ARG A 185 -14.70 28.04 -0.44
CA ARG A 185 -15.13 28.86 0.66
C ARG A 185 -14.06 28.84 1.74
N SER A 186 -13.86 29.97 2.40
CA SER A 186 -12.90 30.11 3.47
C SER A 186 -13.70 30.64 4.65
N ASN A 187 -13.57 29.98 5.79
CA ASN A 187 -14.25 30.38 7.00
C ASN A 187 -13.40 29.96 8.20
N LEU A 188 -13.69 30.59 9.33
CA LEU A 188 -12.99 30.33 10.58
C LEU A 188 -14.04 29.81 11.56
N VAL A 189 -13.58 29.10 12.58
CA VAL A 189 -14.46 28.57 13.63
C VAL A 189 -13.90 29.05 14.97
N ALA A 190 -14.69 29.85 15.69
CA ALA A 190 -14.24 30.35 16.97
C ALA A 190 -14.72 29.37 18.00
N ALA A 191 -13.80 28.71 18.69
CA ALA A 191 -14.19 27.74 19.70
C ALA A 191 -13.95 28.32 21.09
N GLY A 192 -14.66 27.79 22.08
CA GLY A 192 -14.45 28.26 23.43
C GLY A 192 -13.13 27.63 23.89
N PRO A 193 -12.79 27.69 25.20
CA PRO A 193 -11.51 27.07 25.56
C PRO A 193 -11.68 25.57 25.71
N ILE A 194 -10.67 24.82 25.25
CA ILE A 194 -10.68 23.37 25.35
C ILE A 194 -9.38 22.93 26.00
N ARG A 195 -9.51 22.35 27.19
CA ARG A 195 -8.40 21.87 27.98
C ARG A 195 -7.49 20.91 27.21
N THR A 196 -6.63 21.47 26.36
CA THR A 196 -5.69 20.69 25.57
C THR A 196 -4.42 20.49 26.40
N LEU A 197 -3.44 19.80 25.82
CA LEU A 197 -2.19 19.51 26.50
C LEU A 197 -1.35 20.75 26.75
N ALA A 198 -1.22 21.59 25.73
CA ALA A 198 -0.44 22.82 25.86
C ALA A 198 -0.80 23.54 27.16
N MET A 199 -2.05 23.38 27.59
CA MET A 199 -2.51 24.01 28.82
C MET A 199 -2.66 22.98 29.92
N SER A 200 -2.61 21.70 29.55
CA SER A 200 -2.73 20.60 30.51
C SER A 200 -1.69 20.72 31.62
N ALA A 201 -0.64 21.49 31.35
CA ALA A 201 0.43 21.69 32.32
C ALA A 201 0.08 22.82 33.30
N ILE A 202 -0.42 23.93 32.75
CA ILE A 202 -0.79 25.08 33.57
C ILE A 202 -1.94 24.76 34.52
N VAL A 203 -2.64 23.65 34.24
CA VAL A 203 -3.77 23.22 35.05
C VAL A 203 -3.45 23.14 36.54
N GLY A 204 -2.23 22.71 36.86
CA GLY A 204 -1.82 22.58 38.26
C GLY A 204 -1.18 23.81 38.86
N GLY A 205 -0.84 24.78 38.01
CA GLY A 205 -0.22 25.99 38.51
C GLY A 205 1.10 26.33 37.83
N ALA A 206 1.26 25.90 36.59
CA ALA A 206 2.47 26.17 35.83
C ALA A 206 2.72 27.67 35.70
N LEU A 207 1.66 28.46 35.68
CA LEU A 207 1.81 29.90 35.57
C LEU A 207 1.70 30.58 36.94
N GLY A 208 1.42 29.79 37.97
CA GLY A 208 1.30 30.33 39.30
C GLY A 208 -0.12 30.60 39.74
N GLU A 209 -0.27 31.21 40.91
CA GLU A 209 -1.57 31.53 41.46
C GLU A 209 -2.14 32.85 40.92
N GLU A 210 -1.44 33.94 41.20
CA GLU A 210 -1.82 35.29 40.78
C GLU A 210 -2.10 35.44 39.29
N ALA A 211 -2.28 34.31 38.61
CA ALA A 211 -2.56 34.26 37.19
C ALA A 211 -3.29 32.97 36.82
N GLY A 212 -2.78 31.83 37.29
CA GLY A 212 -3.44 30.57 36.99
C GLY A 212 -4.86 30.54 37.50
N ALA A 213 -5.25 31.58 38.22
CA ALA A 213 -6.60 31.70 38.76
C ALA A 213 -7.43 32.55 37.79
N GLN A 214 -6.77 33.51 37.15
CA GLN A 214 -7.42 34.39 36.20
C GLN A 214 -8.01 33.56 35.07
N ILE A 215 -7.15 32.83 34.38
CA ILE A 215 -7.57 31.98 33.27
C ILE A 215 -8.67 31.03 33.74
N GLN A 216 -8.56 30.59 34.98
CA GLN A 216 -9.56 29.70 35.51
C GLN A 216 -10.95 30.36 35.54
N LEU A 217 -11.09 31.47 36.28
CA LEU A 217 -12.40 32.13 36.35
C LEU A 217 -12.86 32.50 34.96
N LEU A 218 -11.94 32.53 34.02
CA LEU A 218 -12.28 32.87 32.65
C LEU A 218 -13.06 31.75 31.99
N GLU A 219 -12.56 30.53 32.16
CA GLU A 219 -13.19 29.36 31.58
C GLU A 219 -14.54 29.07 32.19
N GLU A 220 -14.63 29.19 33.51
CA GLU A 220 -15.89 28.95 34.20
C GLU A 220 -16.93 29.94 33.74
N GLY A 221 -16.50 31.17 33.48
CA GLY A 221 -17.42 32.18 33.02
C GLY A 221 -18.12 31.71 31.76
N TRP A 222 -17.36 30.97 30.93
CA TRP A 222 -17.87 30.45 29.68
C TRP A 222 -19.07 29.52 29.83
N ASP A 223 -18.94 28.47 30.64
CA ASP A 223 -20.05 27.54 30.84
C ASP A 223 -21.16 28.30 31.55
N GLN A 224 -20.76 29.28 32.34
CA GLN A 224 -21.68 30.12 33.07
C GLN A 224 -22.54 30.86 32.05
N ARG A 225 -21.87 31.58 31.13
CA ARG A 225 -22.54 32.34 30.09
C ARG A 225 -23.26 31.52 29.01
N ALA A 226 -22.68 30.38 28.63
CA ALA A 226 -23.25 29.52 27.57
C ALA A 226 -24.64 28.95 27.86
N PRO A 227 -25.63 29.36 27.06
CA PRO A 227 -26.99 28.88 27.25
C PRO A 227 -27.07 27.38 27.24
N ILE A 228 -26.23 26.73 26.43
CA ILE A 228 -26.22 25.28 26.37
C ILE A 228 -25.00 24.66 27.03
N GLY A 229 -24.43 25.39 27.97
CA GLY A 229 -23.27 24.88 28.68
C GLY A 229 -22.03 24.76 27.83
N TRP A 230 -20.94 24.35 28.48
CA TRP A 230 -19.69 24.20 27.77
C TRP A 230 -18.67 23.42 28.53
N ASN A 231 -18.40 22.22 28.04
CA ASN A 231 -17.41 21.33 28.63
C ASN A 231 -16.14 21.62 27.85
N MET A 232 -15.08 22.00 28.56
CA MET A 232 -13.83 22.32 27.88
C MET A 232 -12.98 21.09 27.73
N LYS A 233 -13.35 20.00 28.40
CA LYS A 233 -12.59 18.77 28.26
C LYS A 233 -13.36 17.82 27.34
N ASP A 234 -13.48 18.23 26.08
CA ASP A 234 -14.18 17.50 25.04
C ASP A 234 -14.23 18.41 23.81
N ALA A 235 -13.47 18.06 22.78
CA ALA A 235 -13.42 18.87 21.58
C ALA A 235 -14.55 18.60 20.58
N THR A 236 -15.01 17.37 20.52
CA THR A 236 -16.06 16.95 19.61
C THR A 236 -17.05 18.00 19.09
N PRO A 237 -17.68 18.79 19.97
CA PRO A 237 -18.61 19.81 19.47
C PRO A 237 -17.94 20.75 18.46
N VAL A 238 -16.67 21.06 18.69
CA VAL A 238 -15.93 21.93 17.80
C VAL A 238 -15.65 21.21 16.48
N ALA A 239 -15.29 19.93 16.58
CA ALA A 239 -14.98 19.09 15.43
C ALA A 239 -16.16 18.84 14.50
N LYS A 240 -17.35 18.73 15.09
CA LYS A 240 -18.54 18.50 14.29
C LYS A 240 -18.84 19.76 13.48
N THR A 241 -18.62 20.91 14.13
CA THR A 241 -18.84 22.21 13.51
C THR A 241 -17.87 22.34 12.33
N VAL A 242 -16.64 21.92 12.53
CA VAL A 242 -15.68 21.98 11.46
C VAL A 242 -16.21 21.13 10.30
N CYS A 243 -16.55 19.88 10.59
CA CYS A 243 -17.06 19.00 9.55
C CYS A 243 -18.23 19.59 8.79
N ALA A 244 -19.08 20.31 9.49
CA ALA A 244 -20.24 20.93 8.88
C ALA A 244 -19.80 21.94 7.82
N LEU A 245 -18.69 22.63 8.11
CA LEU A 245 -18.18 23.63 7.21
C LEU A 245 -17.43 23.03 6.03
N LEU A 246 -16.93 21.82 6.21
CA LEU A 246 -16.20 21.13 5.14
C LEU A 246 -17.15 20.41 4.21
N SER A 247 -18.39 20.23 4.65
CA SER A 247 -19.42 19.56 3.84
C SER A 247 -20.01 20.49 2.78
N ASP A 248 -21.21 20.16 2.32
CA ASP A 248 -21.90 20.95 1.29
C ASP A 248 -23.17 21.61 1.81
N TRP A 249 -23.33 21.68 3.12
CA TRP A 249 -24.52 22.29 3.69
C TRP A 249 -24.37 23.71 4.22
N LEU A 250 -23.33 24.40 3.76
CA LEU A 250 -23.06 25.78 4.12
C LEU A 250 -22.25 26.35 2.97
N PRO A 251 -22.80 26.28 1.75
CA PRO A 251 -22.18 26.75 0.52
C PRO A 251 -22.49 28.18 0.13
N ALA A 252 -23.04 28.96 1.05
CA ALA A 252 -23.39 30.35 0.78
C ALA A 252 -22.71 31.24 1.83
N THR A 253 -22.05 30.61 2.78
CA THR A 253 -21.36 31.33 3.82
C THR A 253 -19.85 31.22 3.54
N THR A 254 -19.16 32.37 3.56
CA THR A 254 -17.72 32.42 3.33
C THR A 254 -17.11 33.71 3.89
N GLY A 255 -15.81 33.70 4.17
CA GLY A 255 -15.17 34.87 4.73
C GLY A 255 -15.81 35.17 6.08
N ASP A 256 -16.47 34.16 6.65
CA ASP A 256 -17.16 34.32 7.92
C ASP A 256 -16.49 33.70 9.14
N ILE A 257 -17.20 33.80 10.24
CA ILE A 257 -16.77 33.24 11.50
C ILE A 257 -17.99 32.53 12.11
N ILE A 258 -17.88 31.23 12.29
CA ILE A 258 -18.94 30.44 12.88
C ILE A 258 -18.55 30.14 14.32
N TYR A 259 -19.32 30.66 15.26
CA TYR A 259 -18.98 30.43 16.66
C TYR A 259 -19.46 29.09 17.21
N ALA A 260 -18.51 28.28 17.63
CA ALA A 260 -18.82 27.01 18.26
C ALA A 260 -18.38 27.16 19.71
N ASP A 261 -19.09 27.99 20.46
CA ASP A 261 -18.76 28.24 21.87
C ASP A 261 -19.95 28.07 22.81
N GLY A 262 -21.04 27.50 22.31
CA GLY A 262 -22.21 27.32 23.15
C GLY A 262 -22.92 28.63 23.43
N GLY A 263 -22.83 29.57 22.50
CA GLY A 263 -23.49 30.85 22.62
C GLY A 263 -22.94 31.80 23.67
N ALA A 264 -21.76 31.53 24.20
CA ALA A 264 -21.19 32.38 25.23
C ALA A 264 -20.95 33.82 24.77
N HIS A 265 -20.48 33.99 23.54
CA HIS A 265 -20.20 35.34 23.09
C HIS A 265 -21.43 36.22 22.88
N THR A 266 -22.63 35.62 22.97
CA THR A 266 -23.88 36.38 22.80
C THR A 266 -24.57 36.72 24.12
N GLN A 267 -23.89 36.44 25.23
CA GLN A 267 -24.41 36.70 26.58
C GLN A 267 -23.39 37.43 27.43
N LEU A 268 -23.80 38.52 28.08
CA LEU A 268 -22.88 39.26 28.93
C LEU A 268 -22.68 38.52 30.26
N LEU A 269 -23.76 38.35 31.02
CA LEU A 269 -23.69 37.63 32.30
C LEU A 269 -24.52 36.36 32.32
N THR B 2 -9.68 80.68 26.48
CA THR B 2 -10.13 80.15 25.16
C THR B 2 -9.37 78.87 24.77
N GLY B 3 -10.07 77.97 24.09
CA GLY B 3 -9.46 76.74 23.65
C GLY B 3 -10.06 75.48 24.24
N LEU B 4 -10.13 74.45 23.41
CA LEU B 4 -10.68 73.15 23.80
C LEU B 4 -9.58 72.36 24.52
N LEU B 5 -8.33 72.59 24.12
CA LEU B 5 -7.20 71.91 24.74
C LEU B 5 -6.27 72.90 25.42
N ASP B 6 -6.83 74.02 25.87
CA ASP B 6 -6.07 75.08 26.53
C ASP B 6 -5.30 74.54 27.72
N GLY B 7 -3.97 74.60 27.65
CA GLY B 7 -3.15 74.13 28.75
C GLY B 7 -2.83 72.65 28.75
N LYS B 8 -3.09 71.99 27.62
CA LYS B 8 -2.82 70.56 27.48
C LYS B 8 -1.53 70.42 26.68
N ARG B 9 -0.57 69.68 27.23
CA ARG B 9 0.68 69.47 26.50
C ARG B 9 0.49 68.16 25.76
N ILE B 10 0.45 68.22 24.43
CA ILE B 10 0.25 67.02 23.65
C ILE B 10 1.35 66.75 22.63
N LEU B 11 1.63 65.46 22.42
CA LEU B 11 2.64 64.98 21.49
C LEU B 11 1.90 64.57 20.24
N VAL B 12 2.41 64.97 19.09
CA VAL B 12 1.80 64.60 17.82
C VAL B 12 2.89 64.01 16.96
N SER B 13 2.64 62.83 16.41
CA SER B 13 3.61 62.16 15.56
C SER B 13 2.93 61.84 14.25
N GLY B 14 3.71 61.55 13.23
CA GLY B 14 3.11 61.20 11.96
C GLY B 14 3.19 62.26 10.89
N ILE B 15 3.83 63.39 11.19
CA ILE B 15 3.94 64.46 10.21
C ILE B 15 5.13 64.28 9.28
N ILE B 16 4.87 64.52 7.99
CA ILE B 16 5.92 64.43 6.97
C ILE B 16 5.67 65.58 5.96
N THR B 17 4.42 65.75 5.54
CA THR B 17 4.07 66.82 4.61
C THR B 17 2.95 67.66 5.21
N ASP B 18 2.68 68.81 4.61
CA ASP B 18 1.61 69.66 5.11
C ASP B 18 0.26 69.06 4.75
N SER B 19 0.29 67.97 3.99
CA SER B 19 -0.94 67.30 3.58
C SER B 19 -1.34 66.25 4.60
N SER B 20 -0.34 65.59 5.18
CA SER B 20 -0.57 64.54 6.18
C SER B 20 -1.57 64.92 7.26
N ILE B 21 -2.38 63.96 7.66
CA ILE B 21 -3.40 64.20 8.66
C ILE B 21 -2.85 64.77 9.97
N ALA B 22 -1.69 64.31 10.42
CA ALA B 22 -1.13 64.81 11.68
C ALA B 22 -0.91 66.33 11.67
N PHE B 23 -0.52 66.85 10.51
CA PHE B 23 -0.28 68.29 10.39
C PHE B 23 -1.57 69.07 10.71
N HIS B 24 -2.71 68.55 10.25
CA HIS B 24 -4.01 69.18 10.48
C HIS B 24 -4.49 68.94 11.90
N ILE B 25 -4.05 67.83 12.50
CA ILE B 25 -4.40 67.50 13.88
C ILE B 25 -3.58 68.44 14.74
N ALA B 26 -2.34 68.66 14.34
CA ALA B 26 -1.45 69.57 15.08
C ALA B 26 -1.94 70.99 14.96
N ARG B 27 -2.39 71.34 13.77
CA ARG B 27 -2.88 72.69 13.51
C ARG B 27 -4.08 73.07 14.36
N VAL B 28 -5.15 72.29 14.25
CA VAL B 28 -6.37 72.55 15.00
C VAL B 28 -6.06 72.46 16.47
N ALA B 29 -5.15 71.58 16.82
CA ALA B 29 -4.78 71.44 18.23
C ALA B 29 -4.22 72.76 18.78
N GLN B 30 -3.36 73.40 17.99
CA GLN B 30 -2.73 74.63 18.42
C GLN B 30 -3.67 75.84 18.37
N GLU B 31 -4.56 75.87 17.40
CA GLU B 31 -5.49 76.99 17.32
C GLU B 31 -6.36 76.97 18.59
N GLN B 32 -6.39 75.83 19.27
CA GLN B 32 -7.20 75.68 20.48
C GLN B 32 -6.38 75.74 21.78
N GLY B 33 -5.22 76.40 21.72
CA GLY B 33 -4.37 76.61 22.89
C GLY B 33 -3.63 75.49 23.59
N ALA B 34 -3.33 74.40 22.90
CA ALA B 34 -2.60 73.31 23.51
C ALA B 34 -1.11 73.47 23.20
N GLN B 35 -0.26 73.00 24.11
CA GLN B 35 1.18 73.09 23.88
C GLN B 35 1.62 71.76 23.27
N LEU B 36 2.33 71.80 22.15
CA LEU B 36 2.76 70.58 21.47
C LEU B 36 4.25 70.18 21.44
N VAL B 37 4.45 68.91 21.10
CA VAL B 37 5.75 68.25 20.93
C VAL B 37 5.53 67.36 19.70
N LEU B 38 6.37 67.53 18.67
CA LEU B 38 6.23 66.75 17.46
C LEU B 38 7.39 65.79 17.22
N THR B 39 7.13 64.62 16.65
CA THR B 39 8.20 63.64 16.37
C THR B 39 8.24 63.31 14.88
N GLY B 40 9.43 63.32 14.30
CA GLY B 40 9.58 63.02 12.89
C GLY B 40 10.46 61.80 12.71
N PHE B 41 10.35 61.14 11.55
CA PHE B 41 11.11 59.92 11.28
C PHE B 41 12.60 60.00 10.87
N ASP B 42 12.89 60.34 9.62
CA ASP B 42 14.29 60.40 9.20
C ASP B 42 14.78 61.69 8.56
N ARG B 43 14.10 62.17 7.52
CA ARG B 43 14.51 63.40 6.87
C ARG B 43 14.09 64.59 7.75
N LEU B 44 14.52 64.51 9.00
CA LEU B 44 14.23 65.51 10.02
C LEU B 44 14.33 66.97 9.57
N ARG B 45 15.52 67.36 9.14
CA ARG B 45 15.78 68.73 8.71
C ARG B 45 14.81 69.16 7.61
N LEU B 46 14.10 68.20 7.03
CA LEU B 46 13.18 68.51 5.95
C LEU B 46 11.73 68.70 6.38
N ILE B 47 11.37 68.26 7.58
CA ILE B 47 10.00 68.43 8.04
C ILE B 47 9.86 69.70 8.89
N GLN B 48 10.99 70.28 9.28
CA GLN B 48 10.97 71.51 10.06
C GLN B 48 10.41 72.59 9.16
N ARG B 49 10.64 72.41 7.86
CA ARG B 49 10.16 73.33 6.85
C ARG B 49 8.64 73.24 6.77
N ILE B 50 8.10 72.08 7.13
CA ILE B 50 6.67 71.90 7.10
C ILE B 50 6.03 72.24 8.46
N THR B 51 6.69 71.94 9.57
CA THR B 51 6.10 72.30 10.86
C THR B 51 6.40 73.76 11.16
N ASP B 52 7.07 74.44 10.23
CA ASP B 52 7.36 75.85 10.44
C ASP B 52 6.18 76.65 9.90
N ARG B 53 5.27 75.97 9.20
CA ARG B 53 4.07 76.59 8.66
C ARG B 53 2.93 76.39 9.65
N LEU B 54 3.27 76.08 10.89
CA LEU B 54 2.28 75.86 11.95
C LEU B 54 2.03 77.13 12.75
N PRO B 55 0.84 77.24 13.36
CA PRO B 55 0.46 78.39 14.18
C PRO B 55 1.58 78.79 15.11
N ALA B 56 2.03 77.82 15.90
CA ALA B 56 3.07 78.06 16.88
C ALA B 56 4.28 77.13 16.78
N LYS B 57 5.42 77.63 17.27
CA LYS B 57 6.67 76.89 17.27
C LYS B 57 6.64 75.79 18.33
N ALA B 58 6.78 74.56 17.88
CA ALA B 58 6.79 73.43 18.78
C ALA B 58 8.03 72.61 18.47
N PRO B 59 8.78 72.25 19.52
CA PRO B 59 10.00 71.45 19.36
C PRO B 59 9.75 70.16 18.57
N LEU B 60 10.77 69.70 17.87
CA LEU B 60 10.64 68.48 17.08
C LEU B 60 11.70 67.48 17.53
N LEU B 61 11.25 66.29 17.90
CA LEU B 61 12.18 65.27 18.33
C LEU B 61 12.15 64.20 17.26
N GLU B 62 13.20 63.40 17.19
CA GLU B 62 13.28 62.34 16.21
C GLU B 62 12.68 61.11 16.86
N LEU B 63 11.94 60.34 16.09
CA LEU B 63 11.31 59.13 16.59
C LEU B 63 11.01 58.16 15.45
N ASP B 64 11.87 57.15 15.33
CA ASP B 64 11.73 56.09 14.35
C ASP B 64 11.21 54.94 15.21
N VAL B 65 9.93 54.63 15.05
CA VAL B 65 9.29 53.60 15.86
C VAL B 65 9.88 52.21 15.75
N GLN B 66 10.73 51.96 14.78
CA GLN B 66 11.32 50.63 14.67
C GLN B 66 12.58 50.57 15.48
N ASN B 67 13.12 51.74 15.81
CA ASN B 67 14.35 51.85 16.58
C ASN B 67 14.10 51.77 18.08
N GLU B 68 14.59 50.69 18.70
CA GLU B 68 14.40 50.53 20.13
C GLU B 68 15.12 51.65 20.92
N GLU B 69 16.31 52.05 20.46
CA GLU B 69 17.08 53.11 21.10
C GLU B 69 16.19 54.34 21.24
N HIS B 70 15.61 54.76 20.12
CA HIS B 70 14.72 55.89 20.11
C HIS B 70 13.70 55.74 21.23
N LEU B 71 12.87 54.70 21.14
CA LEU B 71 11.84 54.45 22.13
C LEU B 71 12.33 54.67 23.56
N ALA B 72 13.43 54.02 23.90
CA ALA B 72 13.96 54.14 25.24
C ALA B 72 14.29 55.58 25.64
N SER B 73 14.80 56.36 24.69
CA SER B 73 15.17 57.74 24.98
C SER B 73 14.00 58.71 24.87
N LEU B 74 12.88 58.23 24.33
CA LEU B 74 11.69 59.03 24.12
C LEU B 74 11.27 59.88 25.31
N ALA B 75 10.82 59.24 26.37
CA ALA B 75 10.35 59.94 27.56
C ALA B 75 11.32 61.00 28.09
N GLY B 76 12.59 60.66 28.21
CA GLY B 76 13.56 61.61 28.72
C GLY B 76 13.64 62.82 27.80
N ARG B 77 13.50 62.56 26.51
CA ARG B 77 13.55 63.61 25.52
C ARG B 77 12.33 64.51 25.49
N VAL B 78 11.18 64.01 25.91
CA VAL B 78 9.99 64.86 25.92
C VAL B 78 10.10 65.82 27.10
N THR B 79 10.65 65.31 28.20
CA THR B 79 10.84 66.12 29.41
C THR B 79 11.78 67.27 29.09
N GLU B 80 12.94 66.94 28.51
CA GLU B 80 13.93 67.94 28.13
C GLU B 80 13.22 69.04 27.36
N ALA B 81 12.04 68.70 26.84
CA ALA B 81 11.27 69.66 26.07
C ALA B 81 10.12 70.30 26.83
N ILE B 82 9.26 69.47 27.40
CA ILE B 82 8.10 69.97 28.12
C ILE B 82 8.37 70.60 29.49
N GLY B 83 9.34 70.09 30.23
CA GLY B 83 9.64 70.66 31.53
C GLY B 83 9.67 69.67 32.69
N ALA B 84 10.70 69.77 33.52
CA ALA B 84 10.85 68.87 34.66
C ALA B 84 9.57 68.74 35.48
N GLY B 85 9.20 67.51 35.83
CA GLY B 85 8.00 67.33 36.61
C GLY B 85 6.75 67.53 35.79
N ASN B 86 6.88 68.14 34.61
CA ASN B 86 5.73 68.34 33.75
C ASN B 86 5.45 67.05 32.98
N LYS B 87 4.19 66.86 32.60
CA LYS B 87 3.80 65.66 31.88
C LYS B 87 3.05 65.93 30.57
N LEU B 88 2.68 64.86 29.88
CA LEU B 88 1.94 64.96 28.62
C LEU B 88 0.49 64.68 28.97
N ASP B 89 -0.42 65.29 28.22
CA ASP B 89 -1.86 65.10 28.45
C ASP B 89 -2.40 64.20 27.36
N GLY B 90 -1.66 64.11 26.27
CA GLY B 90 -2.13 63.27 25.19
C GLY B 90 -1.02 62.98 24.24
N VAL B 91 -1.20 61.89 23.51
CA VAL B 91 -0.22 61.45 22.54
C VAL B 91 -1.01 60.98 21.34
N VAL B 92 -0.66 61.51 20.16
CA VAL B 92 -1.32 61.15 18.92
C VAL B 92 -0.42 60.31 18.02
N HIS B 93 -0.91 59.11 17.69
CA HIS B 93 -0.19 58.19 16.83
C HIS B 93 -0.80 58.24 15.45
N SER B 94 -0.13 58.91 14.52
CA SER B 94 -0.60 59.04 13.14
C SER B 94 0.50 58.42 12.28
N ILE B 95 0.76 57.15 12.50
CA ILE B 95 1.82 56.42 11.80
C ILE B 95 1.33 55.17 11.07
N GLY B 96 1.53 55.13 9.77
CA GLY B 96 1.09 53.99 8.99
C GLY B 96 2.04 53.65 7.86
N PHE B 97 2.39 52.38 7.70
CA PHE B 97 3.28 52.01 6.61
C PHE B 97 3.11 50.60 6.10
N MET B 98 3.16 50.47 4.78
CA MET B 98 3.03 49.17 4.17
C MET B 98 3.69 49.15 2.78
N PRO B 99 4.64 48.24 2.55
CA PRO B 99 5.33 48.14 1.26
C PRO B 99 4.31 47.88 0.17
N GLN B 100 4.48 48.52 -0.98
CA GLN B 100 3.58 48.39 -2.13
C GLN B 100 3.33 46.94 -2.49
N THR B 101 4.13 46.07 -1.89
CA THR B 101 4.04 44.65 -2.13
C THR B 101 2.95 44.03 -1.31
N GLY B 102 2.39 44.81 -0.39
CA GLY B 102 1.32 44.33 0.47
C GLY B 102 0.08 45.20 0.40
N MET B 103 0.16 46.25 -0.40
CA MET B 103 -0.96 47.16 -0.57
C MET B 103 -1.30 47.23 -2.06
N GLY B 104 -1.61 48.42 -2.54
CA GLY B 104 -1.95 48.62 -3.94
C GLY B 104 -2.24 47.49 -4.94
N ILE B 105 -1.54 47.52 -6.06
CA ILE B 105 -1.75 46.57 -7.16
C ILE B 105 -1.25 45.14 -7.07
N ASN B 106 -0.33 44.87 -6.14
CA ASN B 106 0.22 43.53 -5.97
C ASN B 106 -0.84 42.57 -5.45
N PRO B 107 -0.87 41.32 -5.95
CA PRO B 107 -1.87 40.37 -5.47
C PRO B 107 -1.76 40.12 -3.95
N PHE B 108 -2.84 39.67 -3.33
CA PHE B 108 -2.85 39.44 -1.89
C PHE B 108 -1.94 38.30 -1.43
N PHE B 109 -2.01 37.14 -2.08
CA PHE B 109 -1.19 36.00 -1.72
C PHE B 109 0.29 36.22 -2.08
N ASP B 110 0.56 37.22 -2.91
CA ASP B 110 1.93 37.51 -3.37
C ASP B 110 2.79 38.43 -2.52
N ALA B 111 2.36 38.77 -1.31
CA ALA B 111 3.19 39.63 -0.46
C ALA B 111 4.11 38.80 0.45
N PRO B 112 5.43 39.00 0.36
CA PRO B 112 6.36 38.25 1.20
C PRO B 112 6.04 38.57 2.64
N TYR B 113 6.41 37.70 3.57
CA TYR B 113 6.11 37.98 4.96
C TYR B 113 6.94 39.11 5.53
N ALA B 114 8.17 39.26 5.06
CA ALA B 114 9.02 40.33 5.57
C ALA B 114 8.39 41.70 5.34
N ASP B 115 7.63 41.84 4.26
CA ASP B 115 7.04 43.12 3.97
C ASP B 115 5.83 43.35 4.85
N VAL B 116 5.13 42.27 5.15
CA VAL B 116 3.95 42.35 6.01
C VAL B 116 4.38 42.58 7.46
N SER B 117 5.43 41.90 7.87
CA SER B 117 5.93 42.04 9.24
C SER B 117 6.32 43.47 9.54
N LYS B 118 6.92 44.16 8.60
CA LYS B 118 7.34 45.52 8.82
C LYS B 118 6.17 46.49 8.80
N GLY B 119 5.13 46.13 8.05
CA GLY B 119 3.95 46.99 7.95
C GLY B 119 3.16 46.93 9.23
N ILE B 120 3.20 45.78 9.88
CA ILE B 120 2.48 45.61 11.11
C ILE B 120 3.31 46.21 12.23
N HIS B 121 4.60 45.96 12.16
CA HIS B 121 5.52 46.47 13.17
C HIS B 121 5.36 47.99 13.27
N ILE B 122 5.33 48.66 12.13
CA ILE B 122 5.16 50.11 12.10
C ILE B 122 3.69 50.56 12.24
N SER B 123 2.75 49.77 11.75
CA SER B 123 1.34 50.15 11.81
C SER B 123 0.58 49.75 13.06
N ALA B 124 0.86 48.57 13.60
CA ALA B 124 0.17 48.09 14.80
C ALA B 124 1.00 48.09 16.10
N TYR B 125 2.16 47.47 16.05
CA TYR B 125 3.01 47.38 17.22
C TYR B 125 3.56 48.72 17.77
N SER B 126 3.90 49.67 16.90
CA SER B 126 4.45 50.92 17.41
C SER B 126 3.45 51.64 18.32
N TYR B 127 2.19 51.27 18.18
CA TYR B 127 1.16 51.87 19.01
C TYR B 127 1.40 51.44 20.46
N ALA B 128 1.69 50.15 20.67
CA ALA B 128 1.96 49.66 22.01
C ALA B 128 3.31 50.18 22.53
N SER B 129 4.25 50.39 21.60
CA SER B 129 5.59 50.86 21.93
C SER B 129 5.53 52.28 22.45
N MET B 130 5.00 53.19 21.65
CA MET B 130 4.90 54.57 22.07
C MET B 130 4.26 54.64 23.45
N ALA B 131 3.04 54.15 23.53
CA ALA B 131 2.28 54.11 24.76
C ALA B 131 3.10 53.53 25.94
N LYS B 132 3.96 52.56 25.65
CA LYS B 132 4.78 51.97 26.69
C LYS B 132 5.83 52.96 27.17
N ALA B 133 6.38 53.72 26.23
CA ALA B 133 7.39 54.67 26.57
C ALA B 133 6.79 55.89 27.24
N LEU B 134 5.75 56.44 26.64
CA LEU B 134 5.11 57.64 27.14
C LEU B 134 4.14 57.53 28.31
N LEU B 135 3.61 56.33 28.56
CA LEU B 135 2.66 56.15 29.66
C LEU B 135 3.15 56.71 31.02
N PRO B 136 4.39 56.38 31.42
CA PRO B 136 4.89 56.87 32.70
C PRO B 136 5.02 58.38 32.87
N ILE B 137 4.85 59.15 31.79
CA ILE B 137 4.94 60.60 31.94
C ILE B 137 3.75 61.34 31.36
N MET B 138 2.57 60.76 31.56
CA MET B 138 1.32 61.35 31.10
C MET B 138 0.47 61.64 32.33
N ASN B 139 -0.44 62.60 32.21
CA ASN B 139 -1.28 62.94 33.35
C ASN B 139 -2.53 62.08 33.40
N PRO B 140 -3.08 61.87 34.60
CA PRO B 140 -4.29 61.07 34.72
C PRO B 140 -5.41 61.81 34.00
N GLY B 141 -6.26 61.10 33.29
CA GLY B 141 -7.33 61.76 32.59
C GLY B 141 -6.82 62.15 31.22
N GLY B 142 -5.52 61.96 30.99
CA GLY B 142 -4.93 62.26 29.70
C GLY B 142 -5.39 61.18 28.73
N SER B 143 -5.02 61.28 27.46
CA SER B 143 -5.46 60.30 26.49
C SER B 143 -4.53 60.04 25.32
N ILE B 144 -4.64 58.83 24.79
CA ILE B 144 -3.85 58.43 23.65
C ILE B 144 -4.85 58.12 22.52
N VAL B 145 -4.46 58.40 21.28
CA VAL B 145 -5.35 58.16 20.14
C VAL B 145 -4.61 57.83 18.85
N GLY B 146 -5.11 56.81 18.17
CA GLY B 146 -4.51 56.40 16.92
C GLY B 146 -5.48 56.62 15.76
N MET B 147 -4.93 56.46 14.57
CA MET B 147 -5.67 56.63 13.34
C MET B 147 -6.03 55.25 12.82
N ASP B 148 -7.26 55.08 12.38
CA ASP B 148 -7.70 53.79 11.89
C ASP B 148 -8.43 53.94 10.58
N PHE B 149 -8.62 52.81 9.90
CA PHE B 149 -9.37 52.80 8.64
C PHE B 149 -10.07 51.47 8.78
N ASP B 150 -11.37 51.55 9.06
CA ASP B 150 -12.25 50.39 9.26
C ASP B 150 -12.02 49.15 8.36
N PRO B 151 -11.35 48.12 8.91
CA PRO B 151 -11.04 46.85 8.22
C PRO B 151 -12.04 45.72 8.47
N SER B 152 -13.22 46.06 8.98
CA SER B 152 -14.25 45.06 9.24
C SER B 152 -14.64 44.31 7.98
N ARG B 153 -14.14 44.76 6.84
CA ARG B 153 -14.48 44.12 5.58
C ARG B 153 -13.35 44.18 4.57
N ALA B 154 -13.21 43.11 3.79
CA ALA B 154 -12.17 43.07 2.79
C ALA B 154 -12.50 44.08 1.70
N MET B 155 -11.48 44.53 0.98
CA MET B 155 -11.67 45.47 -0.09
C MET B 155 -10.49 45.35 -1.01
N PRO B 156 -10.64 45.77 -2.25
CA PRO B 156 -9.50 45.66 -3.14
C PRO B 156 -8.37 46.64 -2.81
N ALA B 157 -7.14 46.22 -3.11
CA ALA B 157 -5.95 47.03 -2.94
C ALA B 157 -5.39 47.29 -1.54
N TYR B 158 -6.26 47.58 -0.57
CA TYR B 158 -5.81 47.87 0.79
C TYR B 158 -5.08 46.65 1.43
N ASN B 159 -5.45 45.46 0.96
CA ASN B 159 -4.87 44.19 1.38
C ASN B 159 -4.27 44.05 2.76
N TRP B 160 -2.96 43.87 2.84
CA TRP B 160 -2.31 43.68 4.13
C TRP B 160 -2.30 44.89 5.05
N MET B 161 -2.62 46.06 4.51
CA MET B 161 -2.68 47.24 5.38
C MET B 161 -3.98 47.07 6.20
N THR B 162 -4.95 46.42 5.56
CA THR B 162 -6.25 46.15 6.17
C THR B 162 -6.05 45.20 7.34
N VAL B 163 -5.24 44.18 7.13
CA VAL B 163 -4.95 43.20 8.18
C VAL B 163 -4.12 43.90 9.29
N ALA B 164 -3.32 44.88 8.90
CA ALA B 164 -2.51 45.62 9.86
C ALA B 164 -3.37 46.49 10.78
N LYS B 165 -4.46 47.01 10.22
CA LYS B 165 -5.38 47.84 10.99
C LYS B 165 -6.24 47.00 11.92
N SER B 166 -6.52 45.77 11.53
CA SER B 166 -7.34 44.90 12.36
C SER B 166 -6.57 44.69 13.64
N ALA B 167 -5.28 44.41 13.48
CA ALA B 167 -4.42 44.19 14.62
C ALA B 167 -4.32 45.45 15.47
N LEU B 168 -4.37 46.62 14.84
CA LEU B 168 -4.30 47.91 15.55
C LEU B 168 -5.50 48.05 16.48
N GLU B 169 -6.69 47.76 15.94
CA GLU B 169 -7.89 47.85 16.74
C GLU B 169 -7.76 46.87 17.89
N SER B 170 -7.17 45.71 17.61
CA SER B 170 -7.00 44.69 18.64
C SER B 170 -5.95 45.10 19.67
N VAL B 171 -4.86 45.67 19.18
CA VAL B 171 -3.78 46.12 20.03
C VAL B 171 -4.32 47.26 20.92
N ASN B 172 -5.14 48.13 20.34
CA ASN B 172 -5.72 49.27 21.06
C ASN B 172 -6.50 48.86 22.35
N ARG B 173 -7.24 47.76 22.25
CA ARG B 173 -8.02 47.29 23.39
C ARG B 173 -7.13 46.93 24.55
N PHE B 174 -5.93 46.43 24.27
CA PHE B 174 -5.03 46.07 25.36
C PHE B 174 -4.31 47.26 25.92
N VAL B 175 -3.99 48.21 25.06
CA VAL B 175 -3.30 49.41 25.50
C VAL B 175 -4.17 50.12 26.55
N ALA B 176 -5.47 50.16 26.31
CA ALA B 176 -6.38 50.80 27.23
C ALA B 176 -6.34 50.12 28.60
N ARG B 177 -6.18 48.81 28.60
CA ARG B 177 -6.13 48.06 29.85
C ARG B 177 -4.89 48.48 30.65
N GLU B 178 -3.76 48.64 29.97
CA GLU B 178 -2.54 49.06 30.64
C GLU B 178 -2.60 50.54 30.97
N ALA B 179 -3.29 51.30 30.12
CA ALA B 179 -3.43 52.74 30.30
C ALA B 179 -4.38 53.11 31.42
N GLY B 180 -5.20 52.15 31.84
CA GLY B 180 -6.13 52.43 32.90
C GLY B 180 -5.47 52.54 34.25
N LYS B 181 -4.35 51.83 34.40
CA LYS B 181 -3.59 51.81 35.64
C LYS B 181 -2.93 53.18 35.88
N TYR B 182 -3.26 54.13 35.03
CA TYR B 182 -2.71 55.47 35.10
C TYR B 182 -3.82 56.48 34.90
N GLY B 183 -5.01 56.00 34.58
CA GLY B 183 -6.12 56.90 34.36
C GLY B 183 -5.96 57.56 33.00
N VAL B 184 -5.40 56.84 32.04
CA VAL B 184 -5.24 57.38 30.70
C VAL B 184 -6.17 56.63 29.76
N ARG B 185 -6.63 57.34 28.73
CA ARG B 185 -7.53 56.77 27.76
C ARG B 185 -6.78 56.38 26.51
N SER B 186 -7.28 55.36 25.82
CA SER B 186 -6.68 54.91 24.60
C SER B 186 -7.81 54.67 23.61
N ASN B 187 -7.84 55.45 22.54
CA ASN B 187 -8.89 55.27 21.54
C ASN B 187 -8.34 55.48 20.15
N LEU B 188 -9.05 54.97 19.17
CA LEU B 188 -8.67 55.07 17.77
C LEU B 188 -9.74 55.86 17.04
N VAL B 189 -9.34 56.58 15.99
CA VAL B 189 -10.29 57.34 15.17
C VAL B 189 -10.30 56.73 13.79
N ALA B 190 -11.41 56.12 13.41
CA ALA B 190 -11.53 55.50 12.09
C ALA B 190 -11.87 56.64 11.14
N ALA B 191 -10.86 57.17 10.47
CA ALA B 191 -11.06 58.27 9.55
C ALA B 191 -11.65 57.78 8.25
N GLY B 192 -12.24 58.69 7.48
CA GLY B 192 -12.78 58.33 6.19
C GLY B 192 -11.63 58.51 5.20
N PRO B 193 -11.84 58.34 3.89
CA PRO B 193 -10.71 58.51 2.98
C PRO B 193 -10.34 59.97 2.71
N ILE B 194 -9.15 60.34 3.17
CA ILE B 194 -8.62 61.69 3.00
C ILE B 194 -7.56 61.68 1.92
N ARG B 195 -7.78 62.46 0.86
CA ARG B 195 -6.80 62.51 -0.21
C ARG B 195 -5.55 63.21 0.34
N THR B 196 -4.57 62.40 0.74
CA THR B 196 -3.32 62.92 1.26
C THR B 196 -2.36 63.05 0.07
N LEU B 197 -1.15 63.54 0.32
CA LEU B 197 -0.19 63.67 -0.76
C LEU B 197 0.02 62.27 -1.32
N ALA B 198 0.59 61.40 -0.50
CA ALA B 198 0.86 60.01 -0.90
C ALA B 198 -0.44 59.21 -1.06
N MET B 199 -1.37 59.75 -1.83
CA MET B 199 -2.66 59.11 -2.09
C MET B 199 -3.41 59.76 -3.24
N SER B 200 -3.18 61.05 -3.44
CA SER B 200 -3.83 61.77 -4.53
C SER B 200 -3.26 61.29 -5.86
N ALA B 201 -2.00 60.88 -5.83
CA ALA B 201 -1.31 60.39 -7.03
C ALA B 201 -2.00 59.15 -7.60
N ILE B 202 -2.41 58.25 -6.71
CA ILE B 202 -3.09 57.01 -7.09
C ILE B 202 -4.16 57.25 -8.17
N VAL B 203 -5.12 58.13 -7.89
CA VAL B 203 -6.18 58.43 -8.84
C VAL B 203 -5.58 59.10 -10.08
N GLY B 204 -4.46 59.81 -9.88
CA GLY B 204 -3.78 60.48 -10.97
C GLY B 204 -3.35 59.55 -12.09
N GLY B 205 -3.40 58.24 -11.85
CA GLY B 205 -3.02 57.27 -12.87
C GLY B 205 -1.82 56.40 -12.57
N ALA B 206 -1.00 56.82 -11.61
CA ALA B 206 0.21 56.07 -11.24
C ALA B 206 -0.09 54.65 -10.78
N LEU B 207 -1.37 54.33 -10.64
CA LEU B 207 -1.76 53.00 -10.19
C LEU B 207 -2.16 52.17 -11.41
N GLY B 208 -2.33 52.86 -12.54
CA GLY B 208 -2.73 52.20 -13.76
C GLY B 208 -4.19 52.49 -14.01
N GLU B 209 -4.72 52.06 -15.14
CA GLU B 209 -6.13 52.30 -15.46
C GLU B 209 -6.98 51.51 -14.47
N GLU B 210 -6.80 50.20 -14.47
CA GLU B 210 -7.53 49.29 -13.59
C GLU B 210 -7.65 49.84 -12.18
N ALA B 211 -6.68 49.51 -11.33
CA ALA B 211 -6.66 49.96 -9.94
C ALA B 211 -7.02 51.43 -9.75
N GLY B 212 -6.69 52.27 -10.72
CA GLY B 212 -6.99 53.68 -10.60
C GLY B 212 -8.48 53.94 -10.65
N ALA B 213 -9.25 52.97 -11.11
CA ALA B 213 -10.70 53.10 -11.20
C ALA B 213 -11.30 52.46 -9.96
N GLN B 214 -10.67 51.39 -9.51
CA GLN B 214 -11.06 50.63 -8.33
C GLN B 214 -11.09 51.60 -7.14
N ILE B 215 -9.96 52.22 -6.87
CA ILE B 215 -9.85 53.18 -5.78
C ILE B 215 -10.90 54.29 -5.90
N GLN B 216 -11.11 54.82 -7.11
CA GLN B 216 -12.09 55.88 -7.29
C GLN B 216 -13.49 55.47 -6.91
N LEU B 217 -13.82 54.21 -7.11
CA LEU B 217 -15.14 53.72 -6.80
C LEU B 217 -15.39 53.70 -5.31
N LEU B 218 -14.36 53.33 -4.54
CA LEU B 218 -14.51 53.29 -3.10
C LEU B 218 -14.73 54.67 -2.54
N GLU B 219 -14.06 55.66 -3.15
CA GLU B 219 -14.19 57.06 -2.70
C GLU B 219 -15.51 57.66 -3.12
N GLU B 220 -15.75 57.67 -4.42
CA GLU B 220 -16.98 58.21 -4.99
C GLU B 220 -18.20 57.60 -4.32
N GLY B 221 -18.05 56.37 -3.83
CA GLY B 221 -19.16 55.68 -3.18
C GLY B 221 -19.21 55.84 -1.68
N TRP B 222 -18.27 56.61 -1.16
CA TRP B 222 -18.20 56.85 0.28
C TRP B 222 -19.05 58.09 0.61
N ASP B 223 -18.88 59.14 -0.19
CA ASP B 223 -19.63 60.38 -0.02
C ASP B 223 -21.09 60.08 -0.33
N GLN B 224 -21.31 58.99 -1.04
CA GLN B 224 -22.65 58.57 -1.41
C GLN B 224 -23.31 57.91 -0.21
N ARG B 225 -22.54 57.10 0.52
CA ARG B 225 -23.05 56.41 1.70
C ARG B 225 -23.22 57.39 2.85
N ALA B 226 -22.25 58.27 3.04
CA ALA B 226 -22.30 59.23 4.14
C ALA B 226 -23.48 60.20 4.04
N PRO B 227 -24.38 60.17 5.06
CA PRO B 227 -25.58 61.01 5.18
C PRO B 227 -25.31 62.50 5.16
N ILE B 228 -24.17 62.91 5.73
CA ILE B 228 -23.78 64.33 5.75
C ILE B 228 -22.62 64.50 4.78
N GLY B 229 -22.52 63.58 3.83
CA GLY B 229 -21.48 63.63 2.83
C GLY B 229 -20.09 63.47 3.38
N TRP B 230 -19.11 63.46 2.48
CA TRP B 230 -17.72 63.32 2.86
C TRP B 230 -16.79 64.02 1.87
N ASN B 231 -16.06 65.03 2.34
CA ASN B 231 -15.12 65.72 1.46
C ASN B 231 -13.77 65.03 1.64
N MET B 232 -13.42 64.16 0.70
CA MET B 232 -12.17 63.42 0.77
C MET B 232 -10.88 64.25 0.87
N LYS B 233 -10.98 65.57 0.67
CA LYS B 233 -9.80 66.42 0.73
C LYS B 233 -9.87 67.54 1.76
N ASP B 234 -10.50 67.26 2.89
CA ASP B 234 -10.61 68.21 3.99
C ASP B 234 -10.44 67.38 5.26
N ALA B 235 -9.23 67.42 5.81
CA ALA B 235 -8.92 66.66 7.02
C ALA B 235 -9.42 67.32 8.30
N THR B 236 -10.04 68.49 8.16
CA THR B 236 -10.54 69.20 9.32
C THR B 236 -11.56 68.42 10.17
N PRO B 237 -12.58 67.83 9.53
CA PRO B 237 -13.56 67.09 10.33
C PRO B 237 -12.88 66.01 11.16
N VAL B 238 -11.82 65.42 10.60
CA VAL B 238 -11.07 64.38 11.30
C VAL B 238 -10.24 65.00 12.45
N ALA B 239 -9.40 65.97 12.10
CA ALA B 239 -8.57 66.67 13.07
C ALA B 239 -9.38 67.18 14.25
N LYS B 240 -10.62 67.59 13.99
CA LYS B 240 -11.48 68.11 15.03
C LYS B 240 -12.04 67.00 15.89
N THR B 241 -12.08 65.80 15.33
CA THR B 241 -12.59 64.66 16.09
C THR B 241 -11.50 64.19 17.02
N VAL B 242 -10.26 64.24 16.53
CA VAL B 242 -9.12 63.83 17.34
C VAL B 242 -9.04 64.77 18.53
N CYS B 243 -8.89 66.05 18.26
CA CYS B 243 -8.82 67.02 19.34
C CYS B 243 -9.92 66.76 20.38
N ALA B 244 -11.12 66.43 19.92
CA ALA B 244 -12.20 66.14 20.86
C ALA B 244 -11.85 64.99 21.81
N LEU B 245 -11.21 63.95 21.26
CA LEU B 245 -10.83 62.76 22.02
C LEU B 245 -9.66 63.09 22.91
N LEU B 246 -9.06 64.24 22.65
CA LEU B 246 -7.94 64.67 23.47
C LEU B 246 -8.43 65.52 24.64
N SER B 247 -9.65 66.05 24.54
CA SER B 247 -10.19 66.88 25.59
C SER B 247 -10.77 66.08 26.74
N ASP B 248 -11.33 66.77 27.72
CA ASP B 248 -11.93 66.10 28.86
C ASP B 248 -13.42 65.83 28.62
N TRP B 249 -13.91 66.06 27.40
CA TRP B 249 -15.32 65.86 27.09
C TRP B 249 -15.77 64.45 26.67
N LEU B 250 -14.88 63.47 26.82
CA LEU B 250 -15.20 62.09 26.48
C LEU B 250 -14.39 61.28 27.48
N PRO B 251 -14.41 61.70 28.75
CA PRO B 251 -13.69 61.07 29.85
C PRO B 251 -14.09 59.65 30.21
N ALA B 252 -15.11 59.11 29.54
CA ALA B 252 -15.54 57.76 29.89
C ALA B 252 -15.51 56.73 28.77
N THR B 253 -14.63 56.93 27.79
CA THR B 253 -14.55 55.96 26.71
C THR B 253 -13.09 55.62 26.36
N THR B 254 -12.77 54.33 26.36
CA THR B 254 -11.44 53.84 26.02
C THR B 254 -11.54 52.58 25.19
N GLY B 255 -10.38 51.99 24.88
CA GLY B 255 -10.30 50.78 24.09
C GLY B 255 -11.36 50.76 23.02
N ASP B 256 -11.71 51.95 22.52
CA ASP B 256 -12.76 52.06 21.54
C ASP B 256 -12.42 52.77 20.25
N ILE B 257 -13.34 52.67 19.29
CA ILE B 257 -13.16 53.30 17.99
C ILE B 257 -14.26 54.33 17.71
N ILE B 258 -13.86 55.54 17.35
CA ILE B 258 -14.78 56.62 17.02
C ILE B 258 -14.61 56.88 15.54
N TYR B 259 -15.72 56.78 14.82
CA TYR B 259 -15.73 56.95 13.37
C TYR B 259 -16.01 58.37 12.91
N ALA B 260 -15.00 59.02 12.33
CA ALA B 260 -15.16 60.36 11.76
C ALA B 260 -15.13 60.04 10.28
N ASP B 261 -16.18 59.36 9.84
CA ASP B 261 -16.30 58.96 8.45
C ASP B 261 -17.62 59.38 7.81
N GLY B 262 -18.20 60.47 8.29
CA GLY B 262 -19.46 60.92 7.74
C GLY B 262 -20.59 59.89 7.86
N GLY B 263 -20.46 58.94 8.78
CA GLY B 263 -21.50 57.95 8.94
C GLY B 263 -21.50 56.92 7.83
N ALA B 264 -20.44 56.89 7.04
CA ALA B 264 -20.38 55.96 5.92
C ALA B 264 -20.23 54.48 6.23
N HIS B 265 -19.97 54.11 7.48
CA HIS B 265 -19.84 52.69 7.78
C HIS B 265 -21.17 52.13 8.22
N THR B 266 -22.10 53.01 8.57
CA THR B 266 -23.44 52.65 9.05
C THR B 266 -24.53 52.51 7.97
N GLN B 267 -24.16 52.71 6.70
CA GLN B 267 -25.11 52.58 5.57
C GLN B 267 -24.62 51.50 4.59
N LEU B 268 -25.52 50.66 4.08
CA LEU B 268 -25.13 49.64 3.11
C LEU B 268 -25.19 50.26 1.72
N LEU B 269 -26.00 51.29 1.56
CA LEU B 269 -26.11 51.97 0.27
C LEU B 269 -26.54 53.44 0.44
N THR C 2 21.62 11.63 -15.98
CA THR C 2 21.47 10.15 -16.09
C THR C 2 21.22 9.53 -14.72
N GLY C 3 22.07 8.58 -14.33
CA GLY C 3 21.93 7.92 -13.04
C GLY C 3 20.53 7.37 -12.84
N LEU C 4 20.44 6.07 -12.58
CA LEU C 4 19.13 5.48 -12.37
C LEU C 4 18.67 5.84 -10.96
N LEU C 5 19.64 6.14 -10.07
CA LEU C 5 19.35 6.46 -8.67
C LEU C 5 19.64 7.88 -8.13
N ASP C 6 19.91 8.84 -9.01
CA ASP C 6 20.22 10.22 -8.61
C ASP C 6 19.62 10.76 -7.32
N GLY C 7 20.50 11.32 -6.49
CA GLY C 7 20.08 11.91 -5.24
C GLY C 7 19.18 11.13 -4.32
N LYS C 8 19.39 9.82 -4.23
CA LYS C 8 18.60 9.00 -3.33
C LYS C 8 19.53 8.53 -2.23
N ARG C 9 19.09 8.69 -0.99
CA ARG C 9 19.87 8.25 0.16
C ARG C 9 19.46 6.79 0.33
N ILE C 10 20.42 5.88 0.15
CA ILE C 10 20.10 4.46 0.31
C ILE C 10 21.00 3.78 1.33
N LEU C 11 20.39 3.31 2.41
CA LEU C 11 21.11 2.61 3.45
C LEU C 11 21.36 1.20 2.95
N VAL C 12 22.61 0.75 3.00
CA VAL C 12 22.91 -0.59 2.53
C VAL C 12 23.62 -1.42 3.59
N SER C 13 23.37 -2.72 3.60
CA SER C 13 23.97 -3.63 4.57
C SER C 13 24.57 -4.86 3.88
N GLY C 14 24.99 -5.82 4.68
CA GLY C 14 25.56 -7.06 4.14
C GLY C 14 27.04 -7.12 3.75
N ILE C 15 27.63 -6.00 3.34
CA ILE C 15 29.04 -6.01 2.93
C ILE C 15 29.99 -6.67 3.93
N ILE C 16 30.94 -7.42 3.40
CA ILE C 16 31.93 -8.12 4.21
C ILE C 16 33.16 -8.54 3.38
N THR C 17 32.97 -8.70 2.07
CA THR C 17 34.05 -9.08 1.18
C THR C 17 33.86 -8.36 -0.16
N ASP C 18 34.83 -8.54 -1.06
CA ASP C 18 34.80 -7.91 -2.38
C ASP C 18 34.16 -8.86 -3.38
N SER C 19 33.40 -9.81 -2.86
CA SER C 19 32.72 -10.79 -3.71
C SER C 19 31.28 -10.91 -3.24
N SER C 20 30.97 -10.30 -2.09
CA SER C 20 29.62 -10.36 -1.56
C SER C 20 28.69 -9.52 -2.43
N ILE C 21 27.44 -9.93 -2.54
CA ILE C 21 26.46 -9.21 -3.35
C ILE C 21 26.16 -7.87 -2.70
N ALA C 22 26.37 -7.78 -1.39
CA ALA C 22 26.14 -6.55 -0.66
C ALA C 22 27.14 -5.48 -1.04
N PHE C 23 28.28 -5.88 -1.59
CA PHE C 23 29.31 -4.92 -2.01
C PHE C 23 29.02 -4.59 -3.47
N HIS C 24 28.66 -5.62 -4.24
CA HIS C 24 28.36 -5.45 -5.67
C HIS C 24 27.11 -4.63 -5.87
N ILE C 25 26.11 -4.85 -5.04
CA ILE C 25 24.89 -4.08 -5.16
C ILE C 25 25.32 -2.61 -5.15
N ALA C 26 25.76 -2.17 -3.98
CA ALA C 26 26.20 -0.80 -3.75
C ALA C 26 27.20 -0.26 -4.75
N ARG C 27 28.13 -1.09 -5.19
CA ARG C 27 29.13 -0.63 -6.15
C ARG C 27 28.39 -0.16 -7.40
N VAL C 28 27.16 -0.67 -7.57
CA VAL C 28 26.31 -0.32 -8.70
C VAL C 28 25.44 0.88 -8.38
N ALA C 29 24.61 0.76 -7.35
CA ALA C 29 23.74 1.84 -6.94
C ALA C 29 24.54 3.15 -6.88
N GLN C 30 25.80 3.05 -6.48
CA GLN C 30 26.68 4.21 -6.33
C GLN C 30 27.10 4.83 -7.67
N GLU C 31 27.30 3.98 -8.68
CA GLU C 31 27.68 4.46 -10.01
C GLU C 31 26.48 5.14 -10.66
N GLN C 32 25.29 4.92 -10.10
CA GLN C 32 24.06 5.51 -10.62
C GLN C 32 23.68 6.78 -9.86
N GLY C 33 24.49 7.17 -8.89
CA GLY C 33 24.21 8.39 -8.15
C GLY C 33 23.70 8.28 -6.73
N ALA C 34 23.32 7.09 -6.29
CA ALA C 34 22.79 6.92 -4.94
C ALA C 34 23.72 7.54 -3.91
N GLN C 35 23.13 7.98 -2.80
CA GLN C 35 23.91 8.55 -1.71
C GLN C 35 23.84 7.48 -0.62
N LEU C 36 24.80 6.57 -0.65
CA LEU C 36 24.86 5.45 0.27
C LEU C 36 25.28 5.67 1.72
N VAL C 37 24.80 4.78 2.57
CA VAL C 37 25.15 4.73 3.98
C VAL C 37 25.39 3.25 4.20
N LEU C 38 26.59 2.87 4.61
CA LEU C 38 26.91 1.47 4.83
C LEU C 38 26.84 1.04 6.29
N THR C 39 26.63 -0.25 6.50
CA THR C 39 26.52 -0.84 7.82
C THR C 39 27.29 -2.16 7.88
N GLY C 40 27.98 -2.38 9.01
CA GLY C 40 28.75 -3.60 9.18
C GLY C 40 28.38 -4.36 10.44
N PHE C 41 28.90 -5.56 10.59
CA PHE C 41 28.58 -6.38 11.75
C PHE C 41 29.53 -6.27 12.95
N ASP C 42 30.49 -7.18 13.09
CA ASP C 42 31.37 -7.08 14.24
C ASP C 42 32.81 -6.74 13.92
N ARG C 43 33.09 -6.44 12.65
CA ARG C 43 34.43 -6.06 12.24
C ARG C 43 34.41 -4.85 11.32
N LEU C 44 34.37 -3.66 11.93
CA LEU C 44 34.35 -2.40 11.19
C LEU C 44 35.73 -1.97 10.70
N ARG C 45 36.78 -2.50 11.32
CA ARG C 45 38.14 -2.18 10.90
C ARG C 45 38.64 -3.33 10.02
N LEU C 46 37.82 -3.67 9.05
CA LEU C 46 38.12 -4.74 8.11
C LEU C 46 37.19 -4.57 6.91
N ILE C 47 35.89 -4.40 7.19
CA ILE C 47 34.91 -4.20 6.13
C ILE C 47 35.09 -2.79 5.59
N GLN C 48 35.57 -1.89 6.45
CA GLN C 48 35.80 -0.51 6.04
C GLN C 48 36.92 -0.51 5.01
N ARG C 49 37.91 -1.37 5.22
CA ARG C 49 39.04 -1.48 4.30
C ARG C 49 38.50 -2.07 2.99
N ILE C 50 37.27 -2.57 3.05
CA ILE C 50 36.62 -3.16 1.89
C ILE C 50 35.83 -2.07 1.16
N THR C 51 35.14 -1.23 1.92
CA THR C 51 34.33 -0.15 1.33
C THR C 51 35.19 1.08 0.97
N ASP C 52 36.45 1.03 1.37
CA ASP C 52 37.38 2.11 1.06
C ASP C 52 37.89 1.78 -0.34
N ARG C 53 37.18 0.86 -0.98
CA ARG C 53 37.47 0.42 -2.34
C ARG C 53 36.15 0.47 -3.12
N LEU C 54 35.55 1.65 -3.14
CA LEU C 54 34.30 1.88 -3.84
C LEU C 54 34.38 3.13 -4.72
N PRO C 55 33.52 3.23 -5.74
CA PRO C 55 33.51 4.39 -6.64
C PRO C 55 33.18 5.71 -5.93
N ALA C 56 33.03 5.63 -4.60
CA ALA C 56 32.73 6.79 -3.77
C ALA C 56 32.74 6.33 -2.32
N LYS C 57 32.95 7.27 -1.39
CA LYS C 57 32.98 6.92 0.02
C LYS C 57 31.61 7.09 0.68
N ALA C 58 31.35 6.24 1.66
CA ALA C 58 30.09 6.29 2.40
C ALA C 58 30.36 5.87 3.84
N PRO C 59 29.73 6.53 4.81
CA PRO C 59 29.96 6.16 6.21
C PRO C 59 29.63 4.70 6.48
N LEU C 60 30.20 4.17 7.55
CA LEU C 60 29.95 2.79 7.93
C LEU C 60 29.13 2.88 9.19
N LEU C 61 28.37 1.84 9.50
CA LEU C 61 27.56 1.87 10.70
C LEU C 61 27.38 0.52 11.37
N GLU C 62 27.84 0.43 12.60
CA GLU C 62 27.74 -0.79 13.37
C GLU C 62 26.26 -1.13 13.53
N LEU C 63 25.88 -2.35 13.11
CA LEU C 63 24.50 -2.82 13.23
C LEU C 63 24.39 -4.34 13.36
N ASP C 64 24.36 -4.81 14.60
CA ASP C 64 24.21 -6.22 14.92
C ASP C 64 22.69 -6.36 15.01
N VAL C 65 22.07 -6.92 13.97
CA VAL C 65 20.62 -7.07 13.92
C VAL C 65 19.99 -7.82 15.08
N GLN C 66 20.82 -8.50 15.86
CA GLN C 66 20.33 -9.25 17.01
C GLN C 66 20.39 -8.35 18.23
N ASN C 67 21.30 -7.38 18.19
CA ASN C 67 21.51 -6.42 19.26
C ASN C 67 20.41 -5.38 19.17
N GLU C 68 19.49 -5.44 20.12
CA GLU C 68 18.37 -4.51 20.12
C GLU C 68 18.78 -3.06 20.28
N GLU C 69 19.75 -2.80 21.13
CA GLU C 69 20.21 -1.42 21.35
C GLU C 69 20.70 -0.81 20.03
N HIS C 70 21.17 -1.66 19.12
CA HIS C 70 21.63 -1.22 17.82
C HIS C 70 20.44 -0.79 16.98
N LEU C 71 19.39 -1.62 16.98
CA LEU C 71 18.19 -1.32 16.22
C LEU C 71 17.47 -0.11 16.78
N ALA C 72 17.70 0.18 18.05
CA ALA C 72 17.06 1.32 18.73
C ALA C 72 17.70 2.67 18.43
N SER C 73 19.01 2.66 18.22
CA SER C 73 19.75 3.88 17.92
C SER C 73 19.99 3.98 16.43
N LEU C 74 19.45 3.00 15.68
CA LEU C 74 19.62 2.98 14.24
C LEU C 74 19.09 4.24 13.57
N ALA C 75 17.80 4.52 13.76
CA ALA C 75 17.18 5.70 13.18
C ALA C 75 18.08 6.92 13.39
N GLY C 76 18.14 7.38 14.64
CA GLY C 76 18.94 8.53 15.01
C GLY C 76 20.30 8.62 14.33
N ARG C 77 21.08 7.54 14.37
CA ARG C 77 22.40 7.54 13.75
C ARG C 77 22.36 7.79 12.23
N VAL C 78 21.57 7.02 11.51
CA VAL C 78 21.45 7.20 10.05
C VAL C 78 21.39 8.69 9.72
N THR C 79 20.59 9.41 10.52
CA THR C 79 20.38 10.85 10.35
C THR C 79 21.63 11.69 10.53
N GLU C 80 22.56 11.23 11.37
CA GLU C 80 23.80 11.95 11.61
C GLU C 80 24.70 11.69 10.41
N ALA C 81 24.47 10.56 9.75
CA ALA C 81 25.24 10.16 8.59
C ALA C 81 24.78 11.00 7.41
N ILE C 82 23.48 10.94 7.14
CA ILE C 82 22.91 11.69 6.02
C ILE C 82 22.58 13.13 6.37
N GLY C 83 22.75 13.50 7.64
CA GLY C 83 22.48 14.86 8.07
C GLY C 83 21.01 15.18 8.25
N ALA C 84 20.64 15.69 9.42
CA ALA C 84 19.25 16.03 9.71
C ALA C 84 18.64 16.90 8.60
N GLY C 85 17.35 16.70 8.36
CA GLY C 85 16.66 17.43 7.31
C GLY C 85 16.55 16.56 6.08
N ASN C 86 17.06 15.33 6.16
CA ASN C 86 17.00 14.40 5.04
C ASN C 86 16.43 13.06 5.49
N LYS C 87 15.86 12.33 4.54
CA LYS C 87 15.27 11.02 4.82
C LYS C 87 15.89 9.92 3.95
N LEU C 88 15.52 8.67 4.22
CA LEU C 88 16.03 7.52 3.48
C LEU C 88 15.17 7.14 2.28
N ASP C 89 15.79 7.05 1.10
CA ASP C 89 15.07 6.65 -0.12
C ASP C 89 15.14 5.13 -0.32
N GLY C 90 16.21 4.50 0.18
CA GLY C 90 16.37 3.06 0.04
C GLY C 90 16.96 2.34 1.24
N VAL C 91 16.51 1.11 1.46
CA VAL C 91 16.96 0.28 2.57
C VAL C 91 17.14 -1.16 2.08
N VAL C 92 18.39 -1.62 1.97
CA VAL C 92 18.68 -2.98 1.51
C VAL C 92 19.03 -3.94 2.64
N HIS C 93 18.32 -5.05 2.69
CA HIS C 93 18.58 -6.07 3.70
C HIS C 93 19.24 -7.26 3.01
N SER C 94 20.58 -7.28 3.02
CA SER C 94 21.35 -8.35 2.39
C SER C 94 22.10 -9.07 3.50
N ILE C 95 21.33 -9.70 4.39
CA ILE C 95 21.87 -10.43 5.54
C ILE C 95 21.36 -11.86 5.68
N GLY C 96 22.27 -12.77 6.01
CA GLY C 96 21.91 -14.17 6.18
C GLY C 96 22.89 -14.92 7.05
N PHE C 97 22.38 -15.78 7.92
CA PHE C 97 23.23 -16.56 8.79
C PHE C 97 22.59 -17.90 9.09
N MET C 98 23.45 -18.88 9.41
CA MET C 98 23.02 -20.23 9.72
C MET C 98 24.24 -21.06 10.07
N PRO C 99 24.26 -21.62 11.29
CA PRO C 99 25.40 -22.45 11.72
C PRO C 99 25.46 -23.73 10.88
N GLN C 100 26.66 -24.27 10.67
CA GLN C 100 26.83 -25.49 9.87
C GLN C 100 25.83 -26.57 10.22
N THR C 101 25.35 -26.49 11.46
CA THR C 101 24.39 -27.45 11.99
C THR C 101 23.03 -27.40 11.29
N GLY C 102 22.85 -26.44 10.38
CA GLY C 102 21.60 -26.31 9.67
C GLY C 102 21.68 -26.34 8.14
N MET C 103 22.89 -26.24 7.58
CA MET C 103 23.06 -26.25 6.13
C MET C 103 24.01 -27.32 5.64
N GLY C 104 25.29 -27.14 5.90
CA GLY C 104 26.32 -28.08 5.46
C GLY C 104 26.00 -29.55 5.19
N ILE C 105 26.88 -30.42 5.67
CA ILE C 105 26.75 -31.87 5.48
C ILE C 105 26.05 -32.57 6.65
N ASN C 106 25.53 -31.79 7.58
CA ASN C 106 24.83 -32.33 8.73
C ASN C 106 23.38 -32.67 8.35
N PRO C 107 22.83 -33.78 8.87
CA PRO C 107 21.45 -34.20 8.58
C PRO C 107 20.43 -33.12 8.97
N PHE C 108 19.29 -33.10 8.29
CA PHE C 108 18.26 -32.11 8.58
C PHE C 108 17.68 -32.25 10.00
N PHE C 109 17.43 -33.49 10.42
CA PHE C 109 16.88 -33.78 11.73
C PHE C 109 17.77 -33.41 12.92
N ASP C 110 19.08 -33.25 12.68
CA ASP C 110 20.04 -32.95 13.76
C ASP C 110 20.45 -31.49 14.00
N ALA C 111 19.62 -30.52 13.63
CA ALA C 111 19.98 -29.13 13.88
C ALA C 111 19.20 -28.69 15.12
N PRO C 112 19.90 -28.51 16.25
CA PRO C 112 19.26 -28.10 17.50
C PRO C 112 18.52 -26.78 17.31
N TYR C 113 17.28 -26.67 17.80
CA TYR C 113 16.54 -25.44 17.60
C TYR C 113 17.29 -24.13 17.86
N ALA C 114 17.98 -24.04 18.99
CA ALA C 114 18.71 -22.83 19.34
C ALA C 114 19.51 -22.27 18.17
N ASP C 115 20.00 -23.15 17.29
CA ASP C 115 20.79 -22.74 16.14
C ASP C 115 19.91 -22.26 14.99
N VAL C 116 18.79 -22.94 14.80
CA VAL C 116 17.85 -22.58 13.76
C VAL C 116 17.17 -21.29 14.14
N SER C 117 16.86 -21.15 15.43
CA SER C 117 16.19 -19.97 15.96
C SER C 117 17.12 -18.77 15.82
N LYS C 118 18.40 -18.96 16.11
CA LYS C 118 19.35 -17.88 15.97
C LYS C 118 19.42 -17.58 14.49
N GLY C 119 19.26 -18.63 13.68
CA GLY C 119 19.32 -18.52 12.24
C GLY C 119 18.20 -17.70 11.61
N ILE C 120 16.97 -18.00 12.00
CA ILE C 120 15.80 -17.30 11.47
C ILE C 120 15.77 -15.86 12.03
N HIS C 121 16.40 -15.67 13.19
CA HIS C 121 16.43 -14.37 13.85
C HIS C 121 17.17 -13.32 13.02
N ILE C 122 18.27 -13.75 12.41
CA ILE C 122 19.11 -12.88 11.60
C ILE C 122 18.80 -12.98 10.10
N SER C 123 18.14 -14.05 9.69
CA SER C 123 17.82 -14.26 8.29
C SER C 123 16.41 -13.82 7.97
N ALA C 124 15.50 -13.95 8.94
CA ALA C 124 14.11 -13.59 8.74
C ALA C 124 13.67 -12.42 9.59
N TYR C 125 13.43 -12.67 10.87
CA TYR C 125 12.98 -11.62 11.78
C TYR C 125 13.64 -10.25 11.60
N SER C 126 14.95 -10.24 11.31
CA SER C 126 15.65 -8.97 11.16
C SER C 126 15.13 -8.12 10.01
N TYR C 127 14.60 -8.76 8.99
CA TYR C 127 14.08 -8.01 7.87
C TYR C 127 13.04 -7.02 8.43
N ALA C 128 12.23 -7.53 9.34
CA ALA C 128 11.19 -6.74 9.98
C ALA C 128 11.77 -5.77 11.00
N SER C 129 12.95 -6.08 11.53
CA SER C 129 13.59 -5.22 12.50
C SER C 129 14.07 -3.90 11.91
N MET C 130 14.91 -3.97 10.89
CA MET C 130 15.43 -2.78 10.22
C MET C 130 14.26 -1.95 9.68
N ALA C 131 13.17 -2.65 9.36
CA ALA C 131 11.97 -2.02 8.84
C ALA C 131 11.35 -1.10 9.88
N LYS C 132 10.99 -1.68 11.03
CA LYS C 132 10.39 -0.93 12.12
C LYS C 132 11.25 0.28 12.53
N ALA C 133 12.56 0.16 12.32
CA ALA C 133 13.51 1.19 12.68
C ALA C 133 13.91 2.18 11.57
N LEU C 134 13.59 1.87 10.32
CA LEU C 134 13.95 2.78 9.22
C LEU C 134 12.74 3.40 8.52
N LEU C 135 11.59 2.79 8.69
CA LEU C 135 10.37 3.28 8.07
C LEU C 135 10.08 4.72 8.52
N PRO C 136 10.21 4.98 9.84
CA PRO C 136 9.96 6.30 10.42
C PRO C 136 10.84 7.42 9.85
N ILE C 137 11.83 7.04 9.05
CA ILE C 137 12.73 8.03 8.45
C ILE C 137 12.86 7.86 6.94
N MET C 138 11.79 7.42 6.28
CA MET C 138 11.82 7.23 4.83
C MET C 138 10.82 8.10 4.07
N ASN C 139 11.14 8.41 2.82
CA ASN C 139 10.28 9.21 1.96
C ASN C 139 9.33 8.31 1.20
N PRO C 140 8.08 8.75 0.99
CA PRO C 140 7.12 7.92 0.26
C PRO C 140 7.65 7.58 -1.12
N GLY C 141 7.37 6.36 -1.56
CA GLY C 141 7.84 5.93 -2.85
C GLY C 141 9.14 5.21 -2.56
N GLY C 142 9.54 5.27 -1.30
CA GLY C 142 10.76 4.61 -0.87
C GLY C 142 10.76 3.15 -1.24
N SER C 143 11.90 2.49 -1.09
CA SER C 143 11.99 1.07 -1.43
C SER C 143 12.89 0.23 -0.50
N ILE C 144 12.27 -0.70 0.22
CA ILE C 144 13.00 -1.61 1.09
C ILE C 144 13.15 -2.87 0.25
N VAL C 145 14.33 -3.47 0.24
CA VAL C 145 14.55 -4.66 -0.58
C VAL C 145 15.41 -5.69 0.11
N GLY C 146 15.07 -6.97 -0.08
CA GLY C 146 15.83 -8.04 0.56
C GLY C 146 16.21 -9.18 -0.36
N MET C 147 17.26 -9.91 0.04
CA MET C 147 17.75 -11.02 -0.75
C MET C 147 17.09 -12.33 -0.33
N ASP C 148 16.53 -13.02 -1.32
CA ASP C 148 15.83 -14.27 -1.13
C ASP C 148 16.51 -15.39 -1.93
N PHE C 149 16.21 -16.65 -1.58
CA PHE C 149 16.75 -17.79 -2.31
C PHE C 149 15.63 -18.81 -2.42
N ASP C 150 14.86 -18.69 -3.50
CA ASP C 150 13.72 -19.55 -3.75
C ASP C 150 13.66 -20.84 -2.90
N PRO C 151 12.73 -20.87 -1.93
CA PRO C 151 12.50 -21.99 -1.03
C PRO C 151 11.21 -22.76 -1.33
N SER C 152 10.66 -22.55 -2.52
CA SER C 152 9.42 -23.20 -2.95
C SER C 152 9.61 -24.71 -3.13
N ARG C 153 10.76 -25.08 -3.68
CA ARG C 153 11.10 -26.49 -3.89
C ARG C 153 12.20 -26.78 -2.86
N ALA C 154 12.24 -27.99 -2.34
CA ALA C 154 13.26 -28.36 -1.36
C ALA C 154 14.49 -28.90 -2.08
N MET C 155 15.65 -28.62 -1.53
CA MET C 155 16.90 -29.07 -2.12
C MET C 155 17.83 -29.60 -1.04
N PRO C 156 18.94 -30.21 -1.43
CA PRO C 156 19.85 -30.73 -0.41
C PRO C 156 20.83 -29.65 0.10
N ALA C 157 21.40 -29.92 1.26
CA ALA C 157 22.37 -29.04 1.89
C ALA C 157 21.84 -27.70 2.36
N TYR C 158 20.82 -27.18 1.69
CA TYR C 158 20.29 -25.88 2.09
C TYR C 158 19.53 -26.06 3.40
N ASN C 159 18.96 -27.25 3.58
CA ASN C 159 18.17 -27.61 4.76
C ASN C 159 17.51 -26.45 5.48
N TRP C 160 17.98 -26.16 6.69
CA TRP C 160 17.39 -25.12 7.50
C TRP C 160 17.47 -23.69 7.01
N MET C 161 18.39 -23.38 6.11
CA MET C 161 18.45 -22.02 5.60
C MET C 161 17.32 -21.88 4.58
N THR C 162 16.71 -23.01 4.21
CA THR C 162 15.61 -23.00 3.25
C THR C 162 14.33 -22.63 3.99
N VAL C 163 14.21 -23.13 5.23
CA VAL C 163 13.05 -22.85 6.05
C VAL C 163 13.10 -21.37 6.43
N ALA C 164 14.30 -20.84 6.63
CA ALA C 164 14.47 -19.44 6.99
C ALA C 164 13.88 -18.55 5.90
N LYS C 165 14.39 -18.73 4.68
CA LYS C 165 13.93 -17.96 3.53
C LYS C 165 12.42 -18.03 3.43
N SER C 166 11.85 -19.23 3.56
CA SER C 166 10.41 -19.34 3.49
C SER C 166 9.79 -18.38 4.49
N ALA C 167 10.41 -18.26 5.67
CA ALA C 167 9.91 -17.36 6.70
C ALA C 167 10.07 -15.91 6.24
N LEU C 168 11.24 -15.61 5.66
CA LEU C 168 11.51 -14.27 5.16
C LEU C 168 10.42 -13.85 4.16
N GLU C 169 10.25 -14.63 3.10
CA GLU C 169 9.24 -14.31 2.09
C GLU C 169 7.91 -14.00 2.76
N SER C 170 7.60 -14.74 3.81
CA SER C 170 6.35 -14.49 4.50
C SER C 170 6.43 -13.11 5.15
N VAL C 171 7.50 -12.87 5.91
CA VAL C 171 7.70 -11.61 6.61
C VAL C 171 7.68 -10.41 5.68
N ASN C 172 8.13 -10.58 4.45
CA ASN C 172 8.14 -9.47 3.54
C ASN C 172 6.73 -9.10 3.04
N ARG C 173 5.77 -9.99 3.31
CA ARG C 173 4.38 -9.79 2.89
C ARG C 173 3.62 -8.93 3.88
N PHE C 174 4.04 -8.95 5.15
CA PHE C 174 3.41 -8.11 6.16
C PHE C 174 4.20 -6.82 6.21
N VAL C 175 5.53 -6.94 6.23
CA VAL C 175 6.38 -5.78 6.25
C VAL C 175 5.95 -4.85 5.12
N ALA C 176 5.32 -5.40 4.08
CA ALA C 176 4.87 -4.61 2.94
C ALA C 176 3.62 -3.78 3.21
N ARG C 177 2.68 -4.30 3.98
CA ARG C 177 1.48 -3.54 4.27
C ARG C 177 1.82 -2.52 5.34
N GLU C 178 2.68 -2.91 6.28
CA GLU C 178 3.08 -1.97 7.31
C GLU C 178 3.63 -0.74 6.57
N ALA C 179 4.70 -0.96 5.79
CA ALA C 179 5.35 0.08 5.03
C ALA C 179 4.38 0.75 4.07
N GLY C 180 3.27 0.05 3.77
CA GLY C 180 2.28 0.61 2.87
C GLY C 180 1.76 1.91 3.44
N LYS C 181 1.72 1.96 4.78
CA LYS C 181 1.25 3.12 5.51
C LYS C 181 2.21 4.31 5.42
N TYR C 182 3.22 4.17 4.56
CA TYR C 182 4.19 5.24 4.36
C TYR C 182 4.42 5.39 2.86
N GLY C 183 3.61 4.68 2.07
CA GLY C 183 3.74 4.75 0.63
C GLY C 183 4.94 3.96 0.11
N VAL C 184 5.80 3.52 1.04
CA VAL C 184 7.00 2.74 0.73
C VAL C 184 6.68 1.30 0.31
N ARG C 185 7.48 0.76 -0.60
CA ARG C 185 7.27 -0.61 -1.03
C ARG C 185 8.31 -1.56 -0.42
N SER C 186 8.02 -2.85 -0.43
CA SER C 186 8.94 -3.83 0.14
C SER C 186 9.04 -5.07 -0.76
N ASN C 187 10.25 -5.37 -1.22
CA ASN C 187 10.45 -6.51 -2.11
C ASN C 187 11.68 -7.35 -1.86
N LEU C 188 11.61 -8.57 -2.37
CA LEU C 188 12.69 -9.53 -2.25
C LEU C 188 13.15 -9.94 -3.64
N VAL C 189 14.47 -9.96 -3.81
CA VAL C 189 15.10 -10.39 -5.08
C VAL C 189 15.64 -11.81 -4.87
N ALA C 190 15.11 -12.76 -5.63
CA ALA C 190 15.52 -14.16 -5.54
C ALA C 190 16.68 -14.36 -6.48
N ALA C 191 17.90 -14.45 -5.96
CA ALA C 191 19.05 -14.61 -6.85
C ALA C 191 19.37 -16.06 -7.19
N GLY C 192 20.03 -16.23 -8.34
CA GLY C 192 20.44 -17.55 -8.74
C GLY C 192 21.67 -17.83 -7.90
N PRO C 193 22.23 -19.05 -7.95
CA PRO C 193 23.42 -19.31 -7.13
C PRO C 193 24.58 -18.39 -7.49
N ILE C 194 25.21 -17.81 -6.47
CA ILE C 194 26.33 -16.89 -6.67
C ILE C 194 27.52 -17.15 -5.74
N ARG C 195 28.71 -16.88 -6.25
CA ARG C 195 29.93 -17.10 -5.48
C ARG C 195 30.13 -16.07 -4.37
N THR C 196 30.74 -16.53 -3.29
CA THR C 196 31.07 -15.71 -2.13
C THR C 196 32.00 -16.61 -1.34
N LEU C 197 32.21 -16.33 -0.06
CA LEU C 197 33.10 -17.18 0.74
C LEU C 197 32.55 -18.58 0.93
N ALA C 198 31.28 -18.69 1.33
CA ALA C 198 30.63 -19.99 1.56
C ALA C 198 30.67 -20.88 0.32
N MET C 199 29.86 -20.54 -0.69
CA MET C 199 29.80 -21.29 -1.94
C MET C 199 31.20 -21.72 -2.40
N SER C 200 32.18 -20.84 -2.20
CA SER C 200 33.56 -21.10 -2.58
C SER C 200 34.13 -22.28 -1.78
N ALA C 201 34.18 -22.13 -0.45
CA ALA C 201 34.67 -23.19 0.41
C ALA C 201 33.78 -24.41 0.14
N ILE C 202 32.48 -24.21 0.24
CA ILE C 202 31.50 -25.26 -0.02
C ILE C 202 31.81 -25.94 -1.37
N VAL C 203 32.69 -25.31 -2.14
CA VAL C 203 33.12 -25.83 -3.43
C VAL C 203 34.63 -26.08 -3.41
N GLY C 204 35.02 -27.27 -2.94
CA GLY C 204 36.43 -27.62 -2.86
C GLY C 204 36.73 -28.51 -1.66
N GLY C 205 35.82 -29.43 -1.37
CA GLY C 205 36.02 -30.33 -0.25
C GLY C 205 36.11 -29.60 1.07
N ALA C 206 35.85 -28.30 1.07
CA ALA C 206 35.91 -27.49 2.30
C ALA C 206 34.79 -27.91 3.24
N LEU C 207 33.92 -28.79 2.75
CA LEU C 207 32.83 -29.30 3.55
C LEU C 207 32.56 -30.76 3.17
N GLY C 208 33.59 -31.40 2.61
CA GLY C 208 33.47 -32.79 2.21
C GLY C 208 33.34 -32.88 0.70
N GLU C 209 33.76 -33.98 0.11
CA GLU C 209 33.67 -34.12 -1.34
C GLU C 209 32.33 -34.74 -1.72
N GLU C 210 31.61 -35.22 -0.71
CA GLU C 210 30.29 -35.82 -0.92
C GLU C 210 29.30 -34.67 -1.11
N ALA C 211 29.49 -33.62 -0.32
CA ALA C 211 28.64 -32.45 -0.40
C ALA C 211 28.95 -31.73 -1.71
N GLY C 212 30.23 -31.50 -1.94
CA GLY C 212 30.67 -30.81 -3.15
C GLY C 212 30.21 -31.47 -4.44
N ALA C 213 29.42 -32.52 -4.32
CA ALA C 213 28.93 -33.22 -5.49
C ALA C 213 27.45 -32.88 -5.74
N GLN C 214 26.72 -32.63 -4.65
CA GLN C 214 25.30 -32.30 -4.75
C GLN C 214 25.11 -30.80 -4.97
N ILE C 215 26.04 -30.02 -4.46
CA ILE C 215 25.98 -28.58 -4.61
C ILE C 215 26.47 -28.22 -6.02
N GLN C 216 27.46 -28.97 -6.49
CA GLN C 216 28.05 -28.76 -7.81
C GLN C 216 27.04 -28.90 -8.94
N LEU C 217 26.45 -30.09 -9.04
CA LEU C 217 25.47 -30.34 -10.09
C LEU C 217 24.24 -29.46 -10.04
N LEU C 218 24.02 -28.79 -8.91
CA LEU C 218 22.87 -27.89 -8.82
C LEU C 218 23.20 -26.63 -9.59
N GLU C 219 24.47 -26.20 -9.52
CA GLU C 219 24.92 -25.02 -10.22
C GLU C 219 24.89 -25.31 -11.72
N GLU C 220 25.37 -26.48 -12.09
CA GLU C 220 25.40 -26.90 -13.47
C GLU C 220 23.99 -26.83 -14.05
N GLY C 221 23.03 -27.38 -13.32
CA GLY C 221 21.66 -27.39 -13.80
C GLY C 221 20.96 -26.05 -13.75
N TRP C 222 21.52 -25.09 -13.02
CA TRP C 222 20.91 -23.77 -12.93
C TRP C 222 21.26 -22.97 -14.17
N ASP C 223 22.27 -23.44 -14.90
CA ASP C 223 22.71 -22.78 -16.13
C ASP C 223 22.03 -23.54 -17.27
N GLN C 224 21.76 -24.81 -17.01
CA GLN C 224 21.10 -25.68 -17.95
C GLN C 224 19.67 -25.15 -18.18
N ARG C 225 18.91 -24.98 -17.09
CA ARG C 225 17.53 -24.50 -17.16
C ARG C 225 17.38 -23.05 -17.58
N ALA C 226 18.25 -22.19 -17.07
CA ALA C 226 18.19 -20.78 -17.42
C ALA C 226 18.17 -20.62 -18.94
N PRO C 227 17.09 -20.05 -19.50
CA PRO C 227 17.01 -19.86 -20.95
C PRO C 227 18.16 -18.98 -21.44
N ILE C 228 18.56 -18.03 -20.59
CA ILE C 228 19.68 -17.14 -20.92
C ILE C 228 20.88 -17.49 -20.05
N GLY C 229 20.95 -18.75 -19.65
CA GLY C 229 22.05 -19.22 -18.82
C GLY C 229 22.22 -18.46 -17.52
N TRP C 230 23.04 -19.01 -16.64
CA TRP C 230 23.31 -18.39 -15.34
C TRP C 230 24.81 -18.27 -15.10
N ASN C 231 25.28 -17.03 -15.10
CA ASN C 231 26.69 -16.69 -14.89
C ASN C 231 26.89 -16.52 -13.39
N MET C 232 26.87 -17.64 -12.67
CA MET C 232 27.03 -17.64 -11.23
C MET C 232 28.35 -17.07 -10.73
N LYS C 233 29.10 -16.45 -11.64
CA LYS C 233 30.39 -15.86 -11.29
C LYS C 233 30.31 -14.34 -11.33
N ASP C 234 29.24 -13.83 -11.96
CA ASP C 234 28.98 -12.40 -12.10
C ASP C 234 27.74 -12.04 -11.31
N ALA C 235 27.91 -11.27 -10.24
CA ALA C 235 26.79 -10.87 -9.39
C ALA C 235 26.14 -9.56 -9.84
N THR C 236 26.77 -8.91 -10.82
CA THR C 236 26.26 -7.65 -11.35
C THR C 236 24.83 -7.75 -11.88
N PRO C 237 24.45 -8.92 -12.44
CA PRO C 237 23.07 -8.98 -12.93
C PRO C 237 22.08 -8.93 -11.76
N VAL C 238 22.53 -9.32 -10.57
CA VAL C 238 21.70 -9.29 -9.38
C VAL C 238 21.67 -7.89 -8.79
N ALA C 239 22.84 -7.29 -8.63
CA ALA C 239 22.91 -5.92 -8.09
C ALA C 239 22.03 -5.06 -8.98
N LYS C 240 22.31 -5.07 -10.28
CA LYS C 240 21.53 -4.29 -11.23
C LYS C 240 20.02 -4.41 -11.03
N THR C 241 19.52 -5.59 -10.72
CA THR C 241 18.09 -5.79 -10.52
C THR C 241 17.59 -5.19 -9.20
N VAL C 242 18.46 -5.16 -8.19
CA VAL C 242 18.09 -4.59 -6.89
C VAL C 242 17.98 -3.06 -6.99
N CYS C 243 18.73 -2.48 -7.93
CA CYS C 243 18.70 -1.03 -8.15
C CYS C 243 17.39 -0.59 -8.80
N ALA C 244 16.92 -1.38 -9.78
CA ALA C 244 15.67 -1.06 -10.44
C ALA C 244 14.57 -0.94 -9.40
N LEU C 245 14.48 -1.95 -8.53
CA LEU C 245 13.49 -1.98 -7.45
C LEU C 245 13.67 -0.75 -6.57
N LEU C 246 14.92 -0.41 -6.28
CA LEU C 246 15.20 0.76 -5.45
C LEU C 246 15.04 2.04 -6.24
N SER C 247 14.67 1.90 -7.52
CA SER C 247 14.48 3.06 -8.36
C SER C 247 13.01 3.43 -8.41
N ASP C 248 12.65 4.27 -9.37
CA ASP C 248 11.29 4.75 -9.56
C ASP C 248 10.48 3.98 -10.60
N TRP C 249 11.08 3.05 -11.33
CA TRP C 249 10.33 2.38 -12.39
C TRP C 249 9.47 1.16 -12.09
N LEU C 250 9.49 0.70 -10.85
CA LEU C 250 8.65 -0.42 -10.43
C LEU C 250 7.90 0.10 -9.19
N PRO C 251 7.13 1.19 -9.37
CA PRO C 251 6.37 1.83 -8.31
C PRO C 251 5.11 1.11 -7.87
N ALA C 252 4.63 0.16 -8.67
CA ALA C 252 3.41 -0.53 -8.32
C ALA C 252 3.53 -1.97 -7.82
N THR C 253 4.71 -2.37 -7.34
CA THR C 253 4.87 -3.75 -6.87
C THR C 253 5.44 -3.81 -5.45
N THR C 254 4.72 -4.53 -4.57
CA THR C 254 5.08 -4.70 -3.17
C THR C 254 4.71 -6.06 -2.58
N GLY C 255 5.35 -6.39 -1.46
CA GLY C 255 5.12 -7.66 -0.79
C GLY C 255 5.36 -8.78 -1.77
N ASP C 256 6.10 -8.47 -2.83
CA ASP C 256 6.35 -9.44 -3.88
C ASP C 256 7.77 -9.92 -3.96
N ILE C 257 8.00 -10.83 -4.89
CA ILE C 257 9.30 -11.44 -5.13
C ILE C 257 9.65 -11.39 -6.63
N ILE C 258 10.76 -10.74 -6.95
CA ILE C 258 11.21 -10.70 -8.33
C ILE C 258 12.33 -11.73 -8.40
N TYR C 259 12.52 -12.36 -9.55
CA TYR C 259 13.56 -13.36 -9.69
C TYR C 259 14.70 -12.92 -10.60
N ALA C 260 15.93 -13.08 -10.12
CA ALA C 260 17.15 -12.76 -10.88
C ALA C 260 18.01 -14.03 -10.87
N ASP C 261 17.55 -15.04 -11.60
CA ASP C 261 18.21 -16.34 -11.66
C ASP C 261 18.24 -16.90 -13.07
N GLY C 262 18.02 -16.03 -14.06
CA GLY C 262 18.00 -16.48 -15.44
C GLY C 262 16.83 -17.38 -15.76
N GLY C 263 15.65 -17.03 -15.25
CA GLY C 263 14.46 -17.81 -15.50
C GLY C 263 14.63 -19.30 -15.30
N ALA C 264 15.36 -19.68 -14.26
CA ALA C 264 15.59 -21.10 -14.01
C ALA C 264 14.40 -21.75 -13.30
N HIS C 265 13.74 -21.03 -12.38
CA HIS C 265 12.60 -21.59 -11.67
C HIS C 265 11.40 -21.81 -12.57
N THR C 266 11.52 -21.44 -13.85
CA THR C 266 10.40 -21.61 -14.75
C THR C 266 10.54 -22.82 -15.66
N GLN C 267 11.67 -23.51 -15.57
CA GLN C 267 11.92 -24.69 -16.40
C GLN C 267 12.07 -25.90 -15.51
N LEU C 268 11.47 -27.02 -15.88
CA LEU C 268 11.59 -28.23 -15.08
C LEU C 268 12.87 -28.92 -15.54
N LEU C 269 12.91 -29.27 -16.82
CA LEU C 269 14.10 -29.89 -17.38
C LEU C 269 14.62 -28.94 -18.44
N THR D 2 -15.20 -53.21 9.80
CA THR D 2 -14.54 -52.62 8.59
C THR D 2 -13.88 -51.28 8.91
N GLY D 3 -13.59 -50.50 7.87
CA GLY D 3 -12.97 -49.20 8.08
C GLY D 3 -11.87 -48.89 7.09
N LEU D 4 -11.59 -47.61 6.91
CA LEU D 4 -10.58 -47.15 5.96
C LEU D 4 -9.16 -47.32 6.53
N LEU D 5 -9.06 -47.45 7.84
CA LEU D 5 -7.75 -47.59 8.49
C LEU D 5 -7.64 -48.83 9.39
N ASP D 6 -8.32 -49.91 9.02
CA ASP D 6 -8.30 -51.15 9.80
C ASP D 6 -6.88 -51.67 9.95
N GLY D 7 -6.53 -52.08 11.17
CA GLY D 7 -5.19 -52.60 11.43
C GLY D 7 -4.16 -51.52 11.22
N LYS D 8 -4.49 -50.31 11.67
CA LYS D 8 -3.62 -49.15 11.53
C LYS D 8 -3.20 -48.62 12.90
N ARG D 9 -1.91 -48.33 13.03
CA ARG D 9 -1.38 -47.77 14.27
C ARG D 9 -1.19 -46.28 13.99
N ILE D 10 -2.02 -45.44 14.60
CA ILE D 10 -1.93 -44.01 14.35
C ILE D 10 -1.80 -43.18 15.63
N LEU D 11 -0.66 -42.53 15.76
CA LEU D 11 -0.41 -41.69 16.91
C LEU D 11 -0.98 -40.32 16.57
N VAL D 12 -1.78 -39.77 17.47
CA VAL D 12 -2.38 -38.46 17.23
C VAL D 12 -2.18 -37.51 18.41
N SER D 13 -1.60 -36.35 18.14
CA SER D 13 -1.36 -35.35 19.17
C SER D 13 -2.26 -34.13 18.93
N GLY D 14 -2.22 -33.17 19.85
CA GLY D 14 -3.01 -31.97 19.71
C GLY D 14 -4.35 -31.87 20.43
N ILE D 15 -4.79 -32.93 21.10
CA ILE D 15 -6.07 -32.85 21.82
C ILE D 15 -5.97 -31.88 23.00
N ILE D 16 -7.12 -31.33 23.40
CA ILE D 16 -7.15 -30.39 24.51
C ILE D 16 -8.59 -30.07 24.88
N THR D 17 -9.46 -30.17 23.88
CA THR D 17 -10.89 -29.89 24.00
C THR D 17 -11.63 -30.96 23.19
N ASP D 18 -12.93 -31.08 23.38
CA ASP D 18 -13.71 -32.05 22.63
C ASP D 18 -14.05 -31.40 21.31
N SER D 19 -13.65 -30.13 21.17
CA SER D 19 -13.92 -29.36 19.96
C SER D 19 -12.67 -29.06 19.16
N SER D 20 -11.53 -29.64 19.55
CA SER D 20 -10.28 -29.42 18.83
C SER D 20 -10.27 -30.33 17.60
N ILE D 21 -9.63 -29.88 16.52
CA ILE D 21 -9.57 -30.66 15.29
C ILE D 21 -9.10 -32.08 15.55
N ALA D 22 -8.07 -32.21 16.39
CA ALA D 22 -7.48 -33.50 16.74
C ALA D 22 -8.46 -34.45 17.40
N PHE D 23 -9.43 -33.91 18.13
CA PHE D 23 -10.41 -34.74 18.79
C PHE D 23 -11.24 -35.44 17.72
N HIS D 24 -11.68 -34.66 16.74
CA HIS D 24 -12.45 -35.19 15.62
C HIS D 24 -11.56 -36.04 14.72
N ILE D 25 -10.33 -35.58 14.49
CA ILE D 25 -9.41 -36.34 13.67
C ILE D 25 -9.26 -37.70 14.33
N ALA D 26 -9.27 -37.72 15.66
CA ALA D 26 -9.12 -38.97 16.39
C ALA D 26 -10.43 -39.77 16.45
N ARG D 27 -11.55 -39.06 16.50
CA ARG D 27 -12.86 -39.74 16.53
C ARG D 27 -13.05 -40.56 15.25
N VAL D 28 -13.18 -39.88 14.12
CA VAL D 28 -13.37 -40.54 12.84
C VAL D 28 -12.25 -41.58 12.72
N ALA D 29 -11.07 -41.21 13.18
CA ALA D 29 -9.92 -42.09 13.14
C ALA D 29 -10.29 -43.50 13.62
N GLN D 30 -10.69 -43.62 14.88
CA GLN D 30 -11.07 -44.92 15.44
C GLN D 30 -12.36 -45.47 14.84
N GLU D 31 -13.27 -44.58 14.44
CA GLU D 31 -14.53 -45.00 13.85
C GLU D 31 -14.20 -45.86 12.64
N GLN D 32 -13.00 -45.65 12.10
CA GLN D 32 -12.57 -46.41 10.93
C GLN D 32 -11.70 -47.61 11.29
N GLY D 33 -11.81 -48.07 12.54
CA GLY D 33 -11.07 -49.23 13.00
C GLY D 33 -9.59 -48.96 13.23
N ALA D 34 -9.26 -47.68 13.41
CA ALA D 34 -7.88 -47.27 13.65
C ALA D 34 -7.59 -47.22 15.14
N GLN D 35 -6.43 -47.74 15.54
CA GLN D 35 -6.03 -47.73 16.94
C GLN D 35 -5.18 -46.46 17.11
N LEU D 36 -5.37 -45.72 18.20
CA LEU D 36 -4.62 -44.49 18.39
C LEU D 36 -3.72 -44.42 19.62
N VAL D 37 -2.77 -43.50 19.55
CA VAL D 37 -1.82 -43.24 20.63
C VAL D 37 -1.78 -41.72 20.74
N LEU D 38 -2.46 -41.20 21.75
CA LEU D 38 -2.56 -39.76 21.96
C LEU D 38 -1.45 -39.22 22.87
N THR D 39 -1.09 -37.96 22.65
CA THR D 39 -0.09 -37.31 23.50
C THR D 39 -0.71 -36.04 24.06
N GLY D 40 -0.20 -35.56 25.19
CA GLY D 40 -0.73 -34.37 25.81
C GLY D 40 0.36 -33.44 26.24
N PHE D 41 0.00 -32.20 26.53
CA PHE D 41 0.97 -31.21 26.94
C PHE D 41 1.30 -31.29 28.44
N ASP D 42 0.52 -30.59 29.27
CA ASP D 42 0.80 -30.61 30.71
C ASP D 42 -0.31 -31.14 31.62
N ARG D 43 -1.56 -30.98 31.18
CA ARG D 43 -2.72 -31.43 31.97
C ARG D 43 -3.08 -32.87 31.59
N LEU D 44 -2.33 -33.82 32.12
CA LEU D 44 -2.57 -35.23 31.83
C LEU D 44 -3.93 -35.73 32.31
N ARG D 45 -4.56 -34.98 33.21
CA ARG D 45 -5.87 -35.37 33.74
C ARG D 45 -6.99 -34.62 33.04
N LEU D 46 -6.71 -33.41 32.60
CA LEU D 46 -7.71 -32.59 31.91
C LEU D 46 -7.84 -33.00 30.45
N ILE D 47 -6.93 -33.86 30.00
CA ILE D 47 -6.97 -34.35 28.63
C ILE D 47 -7.34 -35.83 28.64
N GLN D 48 -7.79 -36.29 29.80
CA GLN D 48 -8.23 -37.67 29.97
C GLN D 48 -9.76 -37.72 30.05
N ARG D 49 -10.35 -36.86 30.88
CA ARG D 49 -11.80 -36.82 31.02
C ARG D 49 -12.44 -36.39 29.71
N ILE D 50 -11.60 -36.18 28.70
CA ILE D 50 -12.07 -35.77 27.38
C ILE D 50 -11.86 -36.89 26.35
N THR D 51 -10.64 -37.41 26.28
CA THR D 51 -10.35 -38.48 25.34
C THR D 51 -11.01 -39.78 25.80
N ASP D 52 -11.72 -39.72 26.92
CA ASP D 52 -12.45 -40.87 27.44
C ASP D 52 -13.81 -40.86 26.74
N ARG D 53 -14.10 -39.76 26.07
CA ARG D 53 -15.35 -39.58 25.33
C ARG D 53 -15.18 -40.10 23.92
N LEU D 54 -13.93 -40.40 23.55
CA LEU D 54 -13.65 -40.90 22.21
C LEU D 54 -14.25 -42.29 22.02
N PRO D 55 -14.71 -42.59 20.79
CA PRO D 55 -15.33 -43.87 20.47
C PRO D 55 -14.69 -45.07 21.19
N ALA D 56 -13.45 -45.36 20.86
CA ALA D 56 -12.76 -46.49 21.47
C ALA D 56 -11.72 -46.10 22.51
N LYS D 57 -11.20 -47.11 23.20
CA LYS D 57 -10.20 -46.95 24.24
C LYS D 57 -8.79 -46.75 23.71
N ALA D 58 -8.27 -45.53 23.86
CA ALA D 58 -6.93 -45.22 23.40
C ALA D 58 -6.12 -44.61 24.54
N PRO D 59 -4.93 -45.18 24.81
CA PRO D 59 -4.06 -44.70 25.89
C PRO D 59 -3.48 -43.31 25.60
N LEU D 60 -3.21 -42.56 26.66
CA LEU D 60 -2.68 -41.20 26.53
C LEU D 60 -1.17 -41.20 26.80
N LEU D 61 -0.51 -40.08 26.49
CA LEU D 61 0.93 -39.91 26.71
C LEU D 61 1.28 -38.44 26.92
N GLU D 62 2.34 -38.18 27.67
CA GLU D 62 2.76 -36.80 27.93
C GLU D 62 3.87 -36.39 26.98
N LEU D 63 3.56 -35.48 26.06
CA LEU D 63 4.54 -35.01 25.10
C LEU D 63 4.55 -33.51 24.93
N ASP D 64 5.64 -32.88 25.33
CA ASP D 64 5.80 -31.44 25.22
C ASP D 64 6.89 -31.23 24.17
N VAL D 65 6.48 -30.94 22.93
CA VAL D 65 7.41 -30.74 21.82
C VAL D 65 8.66 -29.89 22.09
N GLN D 66 8.60 -28.99 23.07
CA GLN D 66 9.76 -28.15 23.37
C GLN D 66 10.75 -28.89 24.29
N ASN D 67 10.25 -29.94 24.93
CA ASN D 67 11.04 -30.74 25.87
C ASN D 67 11.98 -31.74 25.20
N GLU D 68 13.27 -31.48 25.35
CA GLU D 68 14.35 -32.30 24.81
C GLU D 68 14.23 -33.75 25.27
N GLU D 69 13.83 -33.94 26.53
CA GLU D 69 13.68 -35.26 27.14
C GLU D 69 12.44 -36.06 26.72
N HIS D 70 11.29 -35.40 26.65
CA HIS D 70 10.06 -36.06 26.24
C HIS D 70 10.18 -36.62 24.82
N LEU D 71 10.87 -35.89 23.95
CA LEU D 71 11.06 -36.33 22.56
C LEU D 71 11.95 -37.57 22.51
N ALA D 72 13.16 -37.46 23.05
CA ALA D 72 14.11 -38.58 23.05
C ALA D 72 13.56 -39.81 23.75
N SER D 73 12.42 -39.67 24.41
CA SER D 73 11.82 -40.80 25.12
C SER D 73 10.54 -41.26 24.44
N LEU D 74 9.92 -40.38 23.66
CA LEU D 74 8.68 -40.72 22.96
C LEU D 74 8.82 -42.05 22.25
N ALA D 75 9.91 -42.22 21.51
CA ALA D 75 10.19 -43.45 20.76
C ALA D 75 10.61 -44.57 21.72
N GLY D 76 9.62 -45.16 22.37
CA GLY D 76 9.87 -46.21 23.33
C GLY D 76 8.65 -46.35 24.23
N ARG D 77 8.10 -45.22 24.66
CA ARG D 77 6.90 -45.20 25.50
C ARG D 77 5.77 -45.59 24.58
N VAL D 78 5.77 -44.98 23.39
CA VAL D 78 4.77 -45.27 22.38
C VAL D 78 4.84 -46.76 22.07
N THR D 79 6.07 -47.25 21.95
CA THR D 79 6.32 -48.65 21.61
C THR D 79 5.93 -49.65 22.70
N GLU D 80 6.04 -49.24 23.97
CA GLU D 80 5.70 -50.12 25.08
C GLU D 80 4.30 -49.87 25.60
N ALA D 81 3.38 -49.67 24.66
CA ALA D 81 1.99 -49.43 24.97
C ALA D 81 1.18 -49.87 23.77
N ILE D 82 1.86 -50.00 22.64
CA ILE D 82 1.22 -50.41 21.40
C ILE D 82 1.48 -51.89 21.16
N GLY D 83 2.58 -52.39 21.70
CA GLY D 83 2.92 -53.78 21.53
C GLY D 83 4.33 -54.05 21.05
N ALA D 84 5.28 -54.10 21.99
CA ALA D 84 6.69 -54.35 21.70
C ALA D 84 6.88 -55.23 20.47
N GLY D 85 7.21 -54.62 19.33
CA GLY D 85 7.39 -55.37 18.11
C GLY D 85 6.41 -54.87 17.07
N ASN D 86 5.63 -53.87 17.43
CA ASN D 86 4.66 -53.29 16.52
C ASN D 86 5.07 -51.84 16.26
N LYS D 87 5.17 -51.49 14.98
CA LYS D 87 5.56 -50.15 14.58
C LYS D 87 4.36 -49.34 14.12
N LEU D 88 4.43 -48.02 14.30
CA LEU D 88 3.35 -47.12 13.91
C LEU D 88 3.10 -47.01 12.42
N ASP D 89 1.85 -46.73 12.09
CA ASP D 89 1.42 -46.56 10.72
C ASP D 89 1.25 -45.08 10.39
N GLY D 90 1.00 -44.26 11.41
CA GLY D 90 0.82 -42.84 11.18
C GLY D 90 1.03 -41.92 12.36
N VAL D 91 1.32 -40.66 12.05
CA VAL D 91 1.56 -39.64 13.05
C VAL D 91 0.71 -38.44 12.67
N VAL D 92 0.20 -37.73 13.67
CA VAL D 92 -0.62 -36.56 13.42
C VAL D 92 -0.18 -35.34 14.22
N HIS D 93 0.56 -34.44 13.58
CA HIS D 93 1.03 -33.24 14.25
C HIS D 93 0.00 -32.11 14.16
N SER D 94 -0.94 -32.08 15.11
CA SER D 94 -1.95 -31.01 15.13
C SER D 94 -1.60 -30.11 16.32
N ILE D 95 -0.35 -29.65 16.37
CA ILE D 95 0.11 -28.81 17.45
C ILE D 95 0.73 -27.47 17.05
N GLY D 96 0.01 -26.38 17.36
CA GLY D 96 0.49 -25.05 17.03
C GLY D 96 0.40 -24.09 18.20
N PHE D 97 1.12 -22.98 18.14
CA PHE D 97 1.09 -22.01 19.22
C PHE D 97 1.83 -20.73 18.87
N MET D 98 1.38 -19.63 19.45
CA MET D 98 1.95 -18.31 19.24
C MET D 98 1.38 -17.37 20.31
N PRO D 99 2.26 -16.81 21.15
CA PRO D 99 1.82 -15.89 22.21
C PRO D 99 1.06 -14.71 21.63
N GLN D 100 -0.07 -14.38 22.23
CA GLN D 100 -0.91 -13.28 21.75
C GLN D 100 -0.11 -12.04 21.38
N THR D 101 1.17 -11.99 21.78
CA THR D 101 2.03 -10.86 21.46
C THR D 101 2.36 -10.90 19.98
N GLY D 102 2.08 -12.04 19.35
CA GLY D 102 2.35 -12.23 17.95
C GLY D 102 1.09 -12.51 17.15
N MET D 103 -0.05 -12.13 17.69
CA MET D 103 -1.33 -12.32 17.01
C MET D 103 -2.37 -11.29 17.47
N GLY D 104 -3.60 -11.44 16.98
CA GLY D 104 -4.66 -10.54 17.35
C GLY D 104 -4.54 -9.11 16.85
N ILE D 105 -4.54 -8.17 17.78
CA ILE D 105 -4.44 -6.75 17.46
C ILE D 105 -3.06 -6.15 17.71
N ASN D 106 -2.26 -6.83 18.54
CA ASN D 106 -0.90 -6.40 18.88
C ASN D 106 -0.05 -6.20 17.61
N PRO D 107 0.24 -4.94 17.25
CA PRO D 107 1.03 -4.58 16.07
C PRO D 107 2.18 -5.51 15.68
N PHE D 108 2.14 -5.96 14.43
CA PHE D 108 3.12 -6.87 13.87
C PHE D 108 4.57 -6.58 14.26
N PHE D 109 4.94 -5.29 14.35
CA PHE D 109 6.31 -4.94 14.71
C PHE D 109 6.58 -5.00 16.21
N ASP D 110 5.54 -4.87 17.03
CA ASP D 110 5.71 -4.91 18.49
C ASP D 110 5.82 -6.32 19.06
N ALA D 111 6.20 -7.28 18.22
CA ALA D 111 6.34 -8.67 18.64
C ALA D 111 7.80 -9.04 18.89
N PRO D 112 8.18 -9.29 20.15
CA PRO D 112 9.54 -9.67 20.53
C PRO D 112 9.89 -10.97 19.82
N TYR D 113 11.17 -11.23 19.58
CA TYR D 113 11.54 -12.48 18.93
C TYR D 113 11.56 -13.65 19.89
N ALA D 114 11.81 -13.38 21.17
CA ALA D 114 11.86 -14.44 22.18
C ALA D 114 10.55 -15.21 22.20
N ASP D 115 9.45 -14.52 21.87
CA ASP D 115 8.14 -15.17 21.84
C ASP D 115 7.73 -15.55 20.42
N VAL D 116 8.44 -15.04 19.42
CA VAL D 116 8.14 -15.40 18.04
C VAL D 116 8.87 -16.73 17.79
N SER D 117 10.06 -16.84 18.38
CA SER D 117 10.87 -18.05 18.28
C SER D 117 10.18 -19.17 19.05
N LYS D 118 9.56 -18.82 20.17
CA LYS D 118 8.83 -19.80 20.98
C LYS D 118 7.69 -20.31 20.09
N GLY D 119 7.07 -19.38 19.38
CA GLY D 119 5.98 -19.72 18.48
C GLY D 119 6.45 -20.59 17.32
N ILE D 120 7.61 -20.27 16.77
CA ILE D 120 8.10 -21.07 15.66
C ILE D 120 8.59 -22.44 16.15
N HIS D 121 9.14 -22.49 17.36
CA HIS D 121 9.64 -23.77 17.87
C HIS D 121 8.52 -24.81 17.86
N ILE D 122 7.47 -24.53 18.61
CA ILE D 122 6.36 -25.44 18.74
C ILE D 122 5.53 -25.63 17.50
N SER D 123 5.41 -24.59 16.70
CA SER D 123 4.59 -24.67 15.50
C SER D 123 5.26 -25.28 14.26
N ALA D 124 6.49 -24.90 13.97
CA ALA D 124 7.15 -25.42 12.79
C ALA D 124 8.17 -26.53 13.01
N TYR D 125 9.21 -26.24 13.77
CA TYR D 125 10.31 -27.15 14.04
C TYR D 125 9.93 -28.48 14.69
N SER D 126 9.03 -28.39 15.67
CA SER D 126 8.58 -29.57 16.39
C SER D 126 8.00 -30.62 15.45
N TYR D 127 7.68 -30.21 14.23
CA TYR D 127 7.14 -31.16 13.27
C TYR D 127 8.28 -32.07 12.85
N ALA D 128 9.48 -31.50 12.75
CA ALA D 128 10.65 -32.26 12.35
C ALA D 128 11.24 -33.02 13.51
N SER D 129 11.02 -32.53 14.74
CA SER D 129 11.54 -33.22 15.92
C SER D 129 10.74 -34.51 16.17
N MET D 130 9.44 -34.46 15.90
CA MET D 130 8.59 -35.62 16.08
C MET D 130 8.83 -36.66 15.00
N ALA D 131 9.05 -36.20 13.78
CA ALA D 131 9.31 -37.10 12.66
C ALA D 131 10.63 -37.82 12.94
N LYS D 132 11.58 -37.07 13.50
CA LYS D 132 12.90 -37.55 13.86
C LYS D 132 12.86 -38.62 14.95
N ALA D 133 11.79 -38.59 15.74
CA ALA D 133 11.64 -39.52 16.85
C ALA D 133 10.77 -40.72 16.54
N LEU D 134 9.80 -40.55 15.66
CA LEU D 134 8.88 -41.63 15.33
C LEU D 134 9.19 -42.43 14.08
N LEU D 135 9.90 -41.82 13.13
CA LEU D 135 10.24 -42.49 11.89
C LEU D 135 10.85 -43.86 12.18
N PRO D 136 11.68 -43.95 13.23
CA PRO D 136 12.31 -45.22 13.60
C PRO D 136 11.34 -46.35 13.93
N ILE D 137 10.13 -46.01 14.36
CA ILE D 137 9.16 -47.04 14.71
C ILE D 137 7.96 -47.05 13.77
N MET D 138 8.17 -46.62 12.53
CA MET D 138 7.07 -46.56 11.56
C MET D 138 7.13 -47.60 10.44
N ASN D 139 5.95 -48.04 10.02
CA ASN D 139 5.82 -49.04 8.95
C ASN D 139 6.12 -48.46 7.57
N PRO D 140 6.66 -49.29 6.66
CA PRO D 140 6.93 -48.71 5.34
C PRO D 140 5.58 -48.41 4.73
N GLY D 141 5.46 -47.28 4.06
CA GLY D 141 4.19 -46.92 3.45
C GLY D 141 3.34 -46.17 4.44
N GLY D 142 3.92 -45.86 5.59
CA GLY D 142 3.19 -45.13 6.62
C GLY D 142 2.82 -43.73 6.16
N SER D 143 2.37 -42.88 7.09
CA SER D 143 1.95 -41.53 6.73
C SER D 143 1.97 -40.49 7.85
N ILE D 144 2.78 -39.44 7.71
CA ILE D 144 2.84 -38.37 8.70
C ILE D 144 2.05 -37.21 8.12
N VAL D 145 1.13 -36.66 8.90
CA VAL D 145 0.30 -35.56 8.41
C VAL D 145 0.23 -34.41 9.43
N GLY D 146 0.23 -33.18 8.91
CA GLY D 146 0.18 -31.99 9.76
C GLY D 146 -0.86 -30.96 9.33
N MET D 147 -1.24 -30.09 10.27
CA MET D 147 -2.24 -29.06 10.00
C MET D 147 -1.65 -27.69 9.68
N ASP D 148 -1.87 -27.23 8.47
CA ASP D 148 -1.36 -25.94 8.02
C ASP D 148 -2.51 -24.95 7.81
N PHE D 149 -2.17 -23.68 7.63
CA PHE D 149 -3.17 -22.65 7.39
C PHE D 149 -2.67 -21.64 6.35
N ASP D 150 -3.02 -21.88 5.10
CA ASP D 150 -2.63 -21.05 3.96
C ASP D 150 -1.96 -19.69 4.23
N PRO D 151 -0.61 -19.66 4.16
CA PRO D 151 0.19 -18.45 4.39
C PRO D 151 0.73 -17.81 3.09
N SER D 152 0.11 -18.13 1.97
CA SER D 152 0.54 -17.60 0.69
C SER D 152 0.40 -16.08 0.63
N ARG D 153 -0.80 -15.60 0.95
CA ARG D 153 -1.08 -14.17 0.94
C ARG D 153 -1.02 -13.67 2.37
N ALA D 154 -0.74 -12.38 2.55
CA ALA D 154 -0.68 -11.80 3.88
C ALA D 154 -2.12 -11.61 4.35
N MET D 155 -2.32 -11.53 5.65
CA MET D 155 -3.66 -11.35 6.18
C MET D 155 -3.67 -10.68 7.56
N PRO D 156 -4.64 -9.80 7.81
CA PRO D 156 -4.80 -9.07 9.08
C PRO D 156 -4.83 -9.92 10.35
N ALA D 157 -4.26 -9.39 11.42
CA ALA D 157 -4.20 -10.06 12.72
C ALA D 157 -3.30 -11.29 12.77
N TYR D 158 -3.57 -12.28 11.91
CA TYR D 158 -2.81 -13.53 11.88
C TYR D 158 -1.29 -13.38 12.04
N ASN D 159 -0.75 -12.32 11.46
CA ASN D 159 0.68 -12.01 11.51
C ASN D 159 1.69 -13.13 11.73
N TRP D 160 2.33 -13.16 12.91
CA TRP D 160 3.37 -14.16 13.17
C TRP D 160 3.02 -15.63 13.12
N MET D 161 1.76 -16.01 13.29
CA MET D 161 1.41 -17.41 13.19
C MET D 161 1.56 -17.75 11.70
N THR D 162 1.20 -16.80 10.84
CA THR D 162 1.31 -16.98 9.40
C THR D 162 2.76 -17.24 9.05
N VAL D 163 3.64 -16.43 9.60
CA VAL D 163 5.07 -16.59 9.35
C VAL D 163 5.49 -18.02 9.76
N ALA D 164 4.98 -18.47 10.91
CA ALA D 164 5.31 -19.82 11.39
C ALA D 164 4.86 -20.88 10.40
N LYS D 165 3.63 -20.73 9.93
CA LYS D 165 3.04 -21.67 8.97
C LYS D 165 3.82 -21.77 7.67
N SER D 166 4.29 -20.64 7.16
CA SER D 166 5.06 -20.64 5.92
C SER D 166 6.35 -21.42 6.16
N ALA D 167 6.76 -21.53 7.41
CA ALA D 167 7.96 -22.27 7.77
C ALA D 167 7.56 -23.72 8.02
N LEU D 168 6.30 -23.93 8.34
CA LEU D 168 5.81 -25.28 8.59
C LEU D 168 5.75 -26.06 7.27
N GLU D 169 5.40 -25.38 6.19
CA GLU D 169 5.32 -26.04 4.90
C GLU D 169 6.71 -26.24 4.34
N SER D 170 7.59 -25.30 4.66
CA SER D 170 8.95 -25.37 4.21
C SER D 170 9.50 -26.68 4.80
N VAL D 171 9.50 -26.76 6.13
CA VAL D 171 9.97 -27.94 6.86
C VAL D 171 9.31 -29.22 6.34
N ASN D 172 8.01 -29.15 6.01
CA ASN D 172 7.30 -30.31 5.51
C ASN D 172 7.99 -30.93 4.30
N ARG D 173 8.40 -30.10 3.34
CA ARG D 173 9.07 -30.59 2.13
C ARG D 173 10.35 -31.36 2.44
N PHE D 174 11.11 -30.88 3.42
CA PHE D 174 12.37 -31.50 3.81
C PHE D 174 12.19 -32.80 4.57
N VAL D 175 11.14 -32.85 5.38
CA VAL D 175 10.83 -34.04 6.16
C VAL D 175 10.38 -35.14 5.22
N ALA D 176 9.78 -34.74 4.10
CA ALA D 176 9.28 -35.70 3.11
C ALA D 176 10.40 -36.49 2.44
N ARG D 177 11.60 -35.94 2.39
CA ARG D 177 12.69 -36.68 1.76
C ARG D 177 13.40 -37.57 2.78
N GLU D 178 13.31 -37.20 4.06
CA GLU D 178 13.93 -37.98 5.11
C GLU D 178 13.13 -39.26 5.26
N ALA D 179 11.80 -39.12 5.26
CA ALA D 179 10.88 -40.26 5.40
C ALA D 179 10.76 -41.13 4.15
N GLY D 180 11.27 -40.64 3.03
CA GLY D 180 11.22 -41.39 1.79
C GLY D 180 12.04 -42.66 1.87
N LYS D 181 13.19 -42.58 2.54
CA LYS D 181 14.09 -43.72 2.70
C LYS D 181 13.52 -44.70 3.71
N TYR D 182 12.35 -44.38 4.23
CA TYR D 182 11.66 -45.25 5.17
C TYR D 182 10.35 -45.67 4.52
N GLY D 183 10.15 -45.16 3.30
CA GLY D 183 8.94 -45.44 2.54
C GLY D 183 7.73 -44.76 3.14
N VAL D 184 7.96 -43.66 3.85
CA VAL D 184 6.89 -42.93 4.50
C VAL D 184 6.60 -41.57 3.92
N ARG D 185 5.32 -41.30 3.67
CA ARG D 185 4.89 -40.03 3.12
C ARG D 185 4.78 -38.96 4.19
N SER D 186 4.86 -37.70 3.75
CA SER D 186 4.74 -36.56 4.65
C SER D 186 3.97 -35.44 3.96
N ASN D 187 2.87 -35.01 4.58
CA ASN D 187 2.07 -33.93 4.00
C ASN D 187 1.37 -33.09 5.07
N LEU D 188 0.89 -31.93 4.64
CA LEU D 188 0.17 -30.99 5.49
C LEU D 188 -1.23 -30.86 4.97
N VAL D 189 -2.12 -30.33 5.81
CA VAL D 189 -3.51 -30.14 5.43
C VAL D 189 -3.82 -28.70 5.76
N ALA D 190 -3.92 -27.85 4.74
CA ALA D 190 -4.26 -26.44 4.96
C ALA D 190 -5.77 -26.38 5.17
N ALA D 191 -6.19 -26.28 6.43
CA ALA D 191 -7.62 -26.24 6.70
C ALA D 191 -8.17 -24.82 6.77
N GLY D 192 -9.49 -24.72 6.73
CA GLY D 192 -10.15 -23.44 6.81
C GLY D 192 -10.45 -23.26 8.28
N PRO D 193 -11.01 -22.11 8.68
CA PRO D 193 -11.32 -21.88 10.10
C PRO D 193 -12.38 -22.81 10.70
N ILE D 194 -12.16 -23.22 11.94
CA ILE D 194 -13.10 -24.08 12.66
C ILE D 194 -13.43 -23.39 14.00
N ARG D 195 -14.70 -23.41 14.40
CA ARG D 195 -15.14 -22.78 15.63
C ARG D 195 -14.97 -23.71 16.84
N THR D 196 -14.05 -23.33 17.73
CA THR D 196 -13.77 -24.10 18.94
C THR D 196 -13.88 -23.24 20.21
N LEU D 197 -12.75 -22.73 20.71
CA LEU D 197 -12.75 -21.90 21.91
C LEU D 197 -11.87 -20.65 21.78
N ALA D 198 -11.25 -20.47 20.62
CA ALA D 198 -10.38 -19.33 20.40
C ALA D 198 -11.08 -18.14 19.75
N MET D 199 -11.46 -18.28 18.49
CA MET D 199 -12.12 -17.21 17.73
C MET D 199 -13.39 -16.60 18.32
N SER D 200 -14.08 -17.34 19.19
CA SER D 200 -15.29 -16.81 19.82
C SER D 200 -14.89 -15.68 20.75
N ALA D 201 -13.57 -15.46 20.87
CA ALA D 201 -13.01 -14.42 21.71
C ALA D 201 -11.92 -13.64 20.94
N ILE D 202 -11.86 -13.86 19.62
CA ILE D 202 -10.88 -13.19 18.76
C ILE D 202 -11.60 -12.09 17.96
N VAL D 203 -12.93 -12.14 18.01
CA VAL D 203 -13.79 -11.17 17.33
C VAL D 203 -14.23 -10.16 18.39
N GLY D 204 -14.04 -10.55 19.65
CA GLY D 204 -14.40 -9.71 20.78
C GLY D 204 -14.19 -10.45 22.08
N GLY D 205 -12.92 -10.80 22.36
CA GLY D 205 -12.61 -11.52 23.58
C GLY D 205 -11.31 -11.07 24.23
N ALA D 206 -10.18 -11.59 23.73
CA ALA D 206 -8.88 -11.22 24.26
C ALA D 206 -7.84 -11.09 23.14
N LEU D 207 -7.83 -12.06 22.23
CA LEU D 207 -6.90 -12.05 21.09
C LEU D 207 -7.28 -10.99 20.06
N GLY D 208 -7.68 -9.81 20.54
CA GLY D 208 -8.07 -8.74 19.65
C GLY D 208 -9.52 -8.33 19.86
N GLU D 209 -9.75 -7.03 20.04
CA GLU D 209 -11.10 -6.53 20.25
C GLU D 209 -11.40 -5.37 19.31
N GLU D 210 -10.70 -4.26 19.47
CA GLU D 210 -10.91 -3.08 18.63
C GLU D 210 -10.60 -3.35 17.16
N ALA D 211 -10.51 -4.63 16.80
CA ALA D 211 -10.23 -5.04 15.44
C ALA D 211 -10.78 -6.46 15.24
N GLY D 212 -11.84 -6.78 15.98
CA GLY D 212 -12.46 -8.08 15.90
C GLY D 212 -13.27 -8.24 14.63
N ALA D 213 -13.31 -7.18 13.83
CA ALA D 213 -14.03 -7.20 12.58
C ALA D 213 -13.05 -7.57 11.48
N GLN D 214 -12.02 -8.32 11.87
CA GLN D 214 -10.98 -8.79 10.96
C GLN D 214 -10.86 -10.32 11.03
N ILE D 215 -11.34 -10.89 12.13
CA ILE D 215 -11.31 -12.33 12.33
C ILE D 215 -12.73 -12.84 12.25
N GLN D 216 -13.66 -11.89 12.05
CA GLN D 216 -15.07 -12.22 11.94
C GLN D 216 -15.51 -11.84 10.54
N LEU D 217 -15.44 -10.54 10.24
CA LEU D 217 -15.82 -10.02 8.94
C LEU D 217 -15.16 -10.91 7.88
N LEU D 218 -13.89 -11.23 8.12
CA LEU D 218 -13.10 -12.08 7.22
C LEU D 218 -13.55 -13.55 7.33
N GLU D 219 -13.53 -14.07 8.56
CA GLU D 219 -13.91 -15.45 8.81
C GLU D 219 -15.30 -15.75 8.24
N GLU D 220 -16.16 -14.74 8.23
CA GLU D 220 -17.52 -14.84 7.73
C GLU D 220 -17.57 -15.10 6.23
N GLY D 221 -16.74 -14.37 5.50
CA GLY D 221 -16.70 -14.50 4.05
C GLY D 221 -16.02 -15.71 3.48
N TRP D 222 -15.30 -16.45 4.31
CA TRP D 222 -14.61 -17.65 3.82
C TRP D 222 -15.61 -18.61 3.16
N ASP D 223 -16.89 -18.45 3.46
CA ASP D 223 -17.90 -19.29 2.86
C ASP D 223 -18.33 -18.63 1.56
N GLN D 224 -18.21 -17.30 1.54
CA GLN D 224 -18.58 -16.49 0.37
C GLN D 224 -17.75 -16.83 -0.87
N ARG D 225 -16.63 -17.51 -0.67
CA ARG D 225 -15.78 -17.88 -1.80
C ARG D 225 -15.75 -19.38 -2.08
N ALA D 226 -16.02 -20.19 -1.07
CA ALA D 226 -16.00 -21.63 -1.24
C ALA D 226 -17.12 -22.10 -2.14
N PRO D 227 -16.78 -22.56 -3.37
CA PRO D 227 -17.78 -23.02 -4.33
C PRO D 227 -18.71 -24.08 -3.75
N ILE D 228 -18.22 -24.82 -2.76
CA ILE D 228 -19.05 -25.84 -2.12
C ILE D 228 -19.35 -25.50 -0.66
N GLY D 229 -19.24 -24.22 -0.31
CA GLY D 229 -19.53 -23.79 1.03
C GLY D 229 -18.49 -24.10 2.08
N TRP D 230 -18.57 -23.39 3.20
CA TRP D 230 -17.63 -23.57 4.29
C TRP D 230 -18.32 -23.38 5.63
N ASN D 231 -18.38 -24.45 6.43
CA ASN D 231 -19.02 -24.41 7.76
C ASN D 231 -17.99 -24.50 8.89
N MET D 232 -17.68 -23.34 9.49
CA MET D 232 -16.70 -23.26 10.56
C MET D 232 -17.12 -23.85 11.92
N LYS D 233 -18.26 -24.54 11.95
CA LYS D 233 -18.70 -25.15 13.18
C LYS D 233 -18.60 -26.67 13.05
N ASP D 234 -18.12 -27.14 11.90
CA ASP D 234 -17.99 -28.57 11.66
C ASP D 234 -16.59 -28.96 11.25
N ALA D 235 -15.89 -29.65 12.15
CA ALA D 235 -14.53 -30.10 11.92
C ALA D 235 -14.44 -31.45 11.18
N THR D 236 -15.51 -32.25 11.26
CA THR D 236 -15.53 -33.56 10.63
C THR D 236 -14.97 -33.58 9.21
N PRO D 237 -15.36 -32.59 8.37
CA PRO D 237 -14.84 -32.57 7.00
C PRO D 237 -13.33 -32.49 6.96
N VAL D 238 -12.75 -31.82 7.95
CA VAL D 238 -11.30 -31.66 8.04
C VAL D 238 -10.68 -32.94 8.58
N ALA D 239 -11.34 -33.55 9.56
CA ALA D 239 -10.88 -34.80 10.16
C ALA D 239 -10.93 -35.97 9.19
N LYS D 240 -11.86 -35.93 8.23
CA LYS D 240 -11.99 -37.01 7.23
C LYS D 240 -10.90 -36.90 6.16
N THR D 241 -10.46 -35.68 5.92
CA THR D 241 -9.43 -35.42 4.94
C THR D 241 -8.09 -35.91 5.44
N VAL D 242 -7.85 -35.74 6.74
CA VAL D 242 -6.60 -36.15 7.37
C VAL D 242 -6.48 -37.67 7.37
N CYS D 243 -7.63 -38.33 7.47
CA CYS D 243 -7.66 -39.78 7.48
C CYS D 243 -7.31 -40.33 6.11
N ALA D 244 -7.77 -39.66 5.05
CA ALA D 244 -7.49 -40.10 3.69
C ALA D 244 -5.98 -40.10 3.48
N LEU D 245 -5.30 -39.06 3.95
CA LEU D 245 -3.85 -39.01 3.81
C LEU D 245 -3.24 -40.17 4.61
N LEU D 246 -3.84 -40.52 5.73
CA LEU D 246 -3.36 -41.60 6.58
C LEU D 246 -3.59 -42.99 6.00
N SER D 247 -4.54 -43.13 5.09
CA SER D 247 -4.83 -44.42 4.49
C SER D 247 -3.80 -44.77 3.44
N ASP D 248 -4.21 -45.56 2.45
CA ASP D 248 -3.29 -45.94 1.38
C ASP D 248 -3.88 -45.64 0.01
N TRP D 249 -4.67 -44.57 -0.08
CA TRP D 249 -5.30 -44.18 -1.35
C TRP D 249 -4.58 -43.02 -2.02
N LEU D 250 -3.62 -42.45 -1.31
CA LEU D 250 -2.80 -41.37 -1.85
C LEU D 250 -1.36 -41.84 -1.62
N PRO D 251 -1.01 -43.04 -2.16
CA PRO D 251 0.32 -43.62 -2.01
C PRO D 251 1.43 -42.89 -2.74
N ALA D 252 1.09 -41.98 -3.65
CA ALA D 252 2.12 -41.26 -4.40
C ALA D 252 2.26 -39.76 -4.12
N THR D 253 1.85 -39.27 -2.96
CA THR D 253 1.97 -37.84 -2.66
C THR D 253 2.65 -37.52 -1.33
N THR D 254 3.75 -36.75 -1.40
CA THR D 254 4.53 -36.35 -0.23
C THR D 254 4.99 -34.92 -0.43
N GLY D 255 5.44 -34.28 0.66
CA GLY D 255 5.92 -32.91 0.60
C GLY D 255 4.86 -31.94 0.18
N ASP D 256 3.73 -32.48 -0.24
CA ASP D 256 2.61 -31.68 -0.71
C ASP D 256 1.81 -31.07 0.42
N ILE D 257 0.69 -30.45 0.08
CA ILE D 257 -0.21 -29.79 1.02
C ILE D 257 -1.64 -29.91 0.49
N ILE D 258 -2.47 -30.73 1.13
CA ILE D 258 -3.85 -30.92 0.70
C ILE D 258 -4.73 -29.80 1.26
N TYR D 259 -5.51 -29.16 0.41
CA TYR D 259 -6.39 -28.07 0.85
C TYR D 259 -7.83 -28.48 1.15
N ALA D 260 -8.24 -28.26 2.40
CA ALA D 260 -9.59 -28.55 2.85
C ALA D 260 -10.22 -27.22 3.27
N ASP D 261 -10.33 -26.29 2.31
CA ASP D 261 -10.89 -24.96 2.59
C ASP D 261 -12.09 -24.59 1.72
N GLY D 262 -12.87 -25.60 1.32
CA GLY D 262 -14.04 -25.35 0.49
C GLY D 262 -13.68 -24.95 -0.92
N GLY D 263 -12.39 -25.01 -1.26
CA GLY D 263 -11.95 -24.61 -2.59
C GLY D 263 -11.77 -23.10 -2.52
N ALA D 264 -11.83 -22.57 -1.31
CA ALA D 264 -11.71 -21.13 -1.07
C ALA D 264 -10.49 -20.48 -1.72
N HIS D 265 -9.31 -20.95 -1.36
CA HIS D 265 -8.08 -20.37 -1.89
C HIS D 265 -8.01 -20.30 -3.42
N THR D 266 -8.90 -21.01 -4.12
CA THR D 266 -8.88 -21.02 -5.59
C THR D 266 -9.72 -19.95 -6.27
N GLN D 267 -10.61 -19.34 -5.53
CA GLN D 267 -11.47 -18.29 -6.06
C GLN D 267 -11.05 -16.97 -5.44
N LEU D 268 -11.10 -15.90 -6.23
CA LEU D 268 -10.69 -14.59 -5.70
C LEU D 268 -11.82 -13.95 -4.88
N LEU D 269 -13.04 -13.99 -5.41
CA LEU D 269 -14.17 -13.40 -4.71
C LEU D 269 -15.40 -14.30 -4.81
N THR E 2 -17.04 -53.53 0.55
CA THR E 2 -16.24 -52.91 1.65
C THR E 2 -15.34 -51.79 1.13
N GLY E 3 -15.04 -51.83 -0.17
CA GLY E 3 -14.17 -50.84 -0.80
C GLY E 3 -14.71 -49.43 -0.95
N LEU E 4 -13.80 -48.49 -1.18
CA LEU E 4 -14.14 -47.07 -1.32
C LEU E 4 -15.40 -46.72 -2.12
N LEU E 5 -15.38 -46.97 -3.42
CA LEU E 5 -16.48 -46.62 -4.31
C LEU E 5 -17.67 -47.56 -4.37
N ASP E 6 -17.97 -48.25 -3.28
CA ASP E 6 -19.10 -49.18 -3.27
C ASP E 6 -20.45 -48.47 -3.45
N GLY E 7 -21.31 -49.05 -4.29
CA GLY E 7 -22.62 -48.49 -4.54
C GLY E 7 -22.58 -47.15 -5.24
N LYS E 8 -21.44 -46.85 -5.86
CA LYS E 8 -21.25 -45.59 -6.58
C LYS E 8 -21.14 -45.78 -8.09
N ARG E 9 -22.00 -45.09 -8.83
CA ARG E 9 -22.00 -45.16 -10.30
C ARG E 9 -20.99 -44.10 -10.76
N ILE E 10 -20.01 -44.51 -11.56
CA ILE E 10 -18.97 -43.60 -12.00
C ILE E 10 -18.60 -43.72 -13.47
N LEU E 11 -18.53 -42.58 -14.15
CA LEU E 11 -18.18 -42.56 -15.57
C LEU E 11 -16.68 -42.31 -15.77
N VAL E 12 -16.06 -43.18 -16.56
CA VAL E 12 -14.64 -43.06 -16.86
C VAL E 12 -14.52 -42.88 -18.36
N SER E 13 -13.52 -42.12 -18.80
CA SER E 13 -13.31 -41.88 -20.21
C SER E 13 -11.81 -41.92 -20.48
N GLY E 14 -11.44 -42.25 -21.71
CA GLY E 14 -10.03 -42.28 -22.04
C GLY E 14 -9.42 -43.64 -22.25
N ILE E 15 -10.15 -44.71 -21.94
CA ILE E 15 -9.60 -46.04 -22.14
C ILE E 15 -9.39 -46.30 -23.63
N ILE E 16 -8.15 -46.52 -24.04
CA ILE E 16 -7.84 -46.83 -25.43
C ILE E 16 -7.09 -48.17 -25.44
N THR E 17 -6.36 -48.43 -24.36
CA THR E 17 -5.58 -49.66 -24.19
C THR E 17 -5.65 -50.19 -22.75
N ASP E 18 -4.80 -51.14 -22.41
CA ASP E 18 -4.79 -51.68 -21.06
C ASP E 18 -3.76 -50.93 -20.20
N SER E 19 -2.89 -50.20 -20.89
CA SER E 19 -1.86 -49.40 -20.22
C SER E 19 -2.32 -47.97 -19.94
N SER E 20 -3.31 -47.49 -20.68
CA SER E 20 -3.84 -46.14 -20.46
C SER E 20 -4.31 -46.02 -19.01
N ILE E 21 -4.07 -44.85 -18.43
CA ILE E 21 -4.42 -44.58 -17.03
C ILE E 21 -5.88 -44.81 -16.65
N ALA E 22 -6.81 -44.60 -17.58
CA ALA E 22 -8.22 -44.80 -17.26
C ALA E 22 -8.55 -46.28 -17.07
N PHE E 23 -7.93 -47.15 -17.87
CA PHE E 23 -8.16 -48.59 -17.77
C PHE E 23 -7.89 -49.00 -16.34
N HIS E 24 -6.84 -48.43 -15.77
CA HIS E 24 -6.46 -48.71 -14.40
C HIS E 24 -7.38 -47.99 -13.42
N ILE E 25 -7.84 -46.79 -13.79
CA ILE E 25 -8.75 -46.04 -12.93
C ILE E 25 -10.09 -46.77 -12.86
N ALA E 26 -10.41 -47.54 -13.89
CA ALA E 26 -11.67 -48.30 -13.89
C ALA E 26 -11.44 -49.68 -13.24
N ARG E 27 -10.19 -50.13 -13.26
CA ARG E 27 -9.84 -51.40 -12.67
C ARG E 27 -10.04 -51.26 -11.16
N VAL E 28 -9.31 -50.33 -10.58
CA VAL E 28 -9.38 -50.06 -9.16
C VAL E 28 -10.81 -49.64 -8.83
N ALA E 29 -11.39 -48.80 -9.69
CA ALA E 29 -12.75 -48.33 -9.47
C ALA E 29 -13.67 -49.53 -9.22
N GLN E 30 -13.63 -50.51 -10.13
CA GLN E 30 -14.45 -51.70 -9.97
C GLN E 30 -14.05 -52.45 -8.72
N GLU E 31 -12.74 -52.66 -8.56
CA GLU E 31 -12.20 -53.35 -7.40
C GLU E 31 -12.74 -52.76 -6.10
N GLN E 32 -13.05 -51.47 -6.11
CA GLN E 32 -13.56 -50.82 -4.90
C GLN E 32 -15.08 -50.72 -4.70
N GLY E 33 -15.85 -51.44 -5.50
CA GLY E 33 -17.30 -51.46 -5.33
C GLY E 33 -18.11 -50.51 -6.18
N ALA E 34 -17.48 -49.93 -7.18
CA ALA E 34 -18.16 -48.98 -8.04
C ALA E 34 -18.73 -49.63 -9.30
N GLN E 35 -19.93 -49.20 -9.65
CA GLN E 35 -20.59 -49.68 -10.85
C GLN E 35 -20.14 -48.66 -11.87
N LEU E 36 -19.75 -49.12 -13.05
CA LEU E 36 -19.27 -48.16 -14.02
C LEU E 36 -20.05 -48.04 -15.33
N VAL E 37 -19.70 -46.99 -16.05
CA VAL E 37 -20.23 -46.68 -17.37
C VAL E 37 -18.96 -46.13 -17.99
N LEU E 38 -18.67 -46.56 -19.21
CA LEU E 38 -17.48 -46.11 -19.88
C LEU E 38 -17.85 -45.39 -21.16
N THR E 39 -16.95 -44.55 -21.63
CA THR E 39 -17.12 -43.82 -22.87
C THR E 39 -15.86 -44.11 -23.66
N GLY E 40 -15.99 -44.18 -24.97
CA GLY E 40 -14.84 -44.48 -25.81
C GLY E 40 -14.85 -43.59 -27.03
N PHE E 41 -13.72 -43.50 -27.70
CA PHE E 41 -13.60 -42.65 -28.86
C PHE E 41 -13.11 -43.38 -30.11
N ASP E 42 -13.71 -43.03 -31.24
CA ASP E 42 -13.34 -43.60 -32.53
C ASP E 42 -13.44 -45.13 -32.64
N ARG E 43 -12.30 -45.80 -32.54
CA ARG E 43 -12.29 -47.25 -32.66
C ARG E 43 -12.88 -47.96 -31.45
N LEU E 44 -14.20 -48.12 -31.48
CA LEU E 44 -14.91 -48.76 -30.39
C LEU E 44 -14.78 -50.28 -30.38
N ARG E 45 -14.62 -50.91 -31.55
CA ARG E 45 -14.45 -52.35 -31.62
C ARG E 45 -13.32 -52.77 -30.69
N LEU E 46 -12.23 -52.03 -30.80
CA LEU E 46 -11.04 -52.26 -29.98
C LEU E 46 -11.38 -52.10 -28.50
N ILE E 47 -11.57 -50.85 -28.08
CA ILE E 47 -11.88 -50.55 -26.68
C ILE E 47 -12.73 -51.67 -26.07
N GLN E 48 -13.79 -52.04 -26.78
CA GLN E 48 -14.71 -53.08 -26.35
C GLN E 48 -13.92 -54.31 -25.87
N ARG E 49 -13.04 -54.82 -26.73
CA ARG E 49 -12.23 -55.98 -26.41
C ARG E 49 -11.30 -55.75 -25.20
N ILE E 50 -10.60 -54.62 -25.20
CA ILE E 50 -9.67 -54.29 -24.11
C ILE E 50 -10.38 -54.21 -22.78
N THR E 51 -11.42 -53.39 -22.73
CA THR E 51 -12.20 -53.19 -21.51
C THR E 51 -12.82 -54.52 -21.06
N ASP E 52 -12.72 -55.54 -21.89
CA ASP E 52 -13.28 -56.84 -21.57
C ASP E 52 -12.41 -57.52 -20.52
N ARG E 53 -11.17 -57.05 -20.37
CA ARG E 53 -10.23 -57.61 -19.41
C ARG E 53 -10.29 -56.99 -18.02
N LEU E 54 -11.32 -56.18 -17.75
CA LEU E 54 -11.47 -55.57 -16.44
C LEU E 54 -12.31 -56.50 -15.57
N PRO E 55 -12.24 -56.35 -14.24
CA PRO E 55 -13.00 -57.20 -13.31
C PRO E 55 -14.49 -57.38 -13.59
N ALA E 56 -15.17 -56.33 -14.02
CA ALA E 56 -16.60 -56.42 -14.31
C ALA E 56 -16.96 -55.79 -15.64
N LYS E 57 -18.16 -56.04 -16.10
CA LYS E 57 -18.62 -55.50 -17.38
C LYS E 57 -19.43 -54.22 -17.23
N ALA E 58 -18.97 -53.17 -17.90
CA ALA E 58 -19.63 -51.88 -17.88
C ALA E 58 -19.93 -51.51 -19.31
N PRO E 59 -21.09 -50.90 -19.56
CA PRO E 59 -21.46 -50.52 -20.92
C PRO E 59 -20.56 -49.42 -21.49
N LEU E 60 -20.44 -49.42 -22.82
CA LEU E 60 -19.64 -48.44 -23.52
C LEU E 60 -20.52 -47.56 -24.39
N LEU E 61 -20.35 -46.24 -24.24
CA LEU E 61 -21.12 -45.29 -25.04
C LEU E 61 -20.05 -44.58 -25.85
N GLU E 62 -20.40 -44.05 -27.02
CA GLU E 62 -19.42 -43.35 -27.81
C GLU E 62 -19.42 -41.88 -27.46
N LEU E 63 -18.24 -41.28 -27.41
CA LEU E 63 -18.13 -39.86 -27.08
C LEU E 63 -16.89 -39.21 -27.67
N ASP E 64 -17.11 -38.31 -28.62
CA ASP E 64 -16.02 -37.57 -29.25
C ASP E 64 -16.24 -36.17 -28.70
N VAL E 65 -15.44 -35.79 -27.71
CA VAL E 65 -15.62 -34.49 -27.11
C VAL E 65 -15.75 -33.36 -28.14
N GLN E 66 -15.13 -33.53 -29.31
CA GLN E 66 -15.23 -32.50 -30.34
C GLN E 66 -16.56 -32.59 -31.06
N ASN E 67 -17.34 -33.60 -30.73
CA ASN E 67 -18.62 -33.83 -31.37
C ASN E 67 -19.79 -33.28 -30.57
N GLU E 68 -20.60 -32.47 -31.23
CA GLU E 68 -21.76 -31.82 -30.60
C GLU E 68 -22.90 -32.74 -30.15
N GLU E 69 -23.31 -33.67 -31.02
CA GLU E 69 -24.40 -34.60 -30.71
C GLU E 69 -24.10 -35.49 -29.52
N HIS E 70 -22.94 -36.13 -29.57
CA HIS E 70 -22.51 -37.03 -28.50
C HIS E 70 -22.61 -36.33 -27.15
N LEU E 71 -22.45 -35.00 -27.15
CA LEU E 71 -22.54 -34.23 -25.92
C LEU E 71 -23.99 -33.89 -25.59
N ALA E 72 -24.77 -33.63 -26.64
CA ALA E 72 -26.19 -33.31 -26.48
C ALA E 72 -26.94 -34.52 -25.95
N SER E 73 -26.57 -35.69 -26.44
CA SER E 73 -27.20 -36.94 -26.05
C SER E 73 -26.59 -37.62 -24.81
N LEU E 74 -25.27 -37.50 -24.66
CA LEU E 74 -24.55 -38.13 -23.54
C LEU E 74 -25.34 -38.30 -22.25
N ALA E 75 -26.10 -37.29 -21.85
CA ALA E 75 -26.89 -37.40 -20.62
C ALA E 75 -27.93 -38.51 -20.73
N GLY E 76 -28.82 -38.40 -21.70
CA GLY E 76 -29.86 -39.40 -21.89
C GLY E 76 -29.35 -40.81 -22.16
N ARG E 77 -28.10 -40.91 -22.62
CA ARG E 77 -27.50 -42.20 -22.94
C ARG E 77 -26.99 -42.99 -21.73
N VAL E 78 -26.72 -42.28 -20.64
CA VAL E 78 -26.25 -42.93 -19.42
C VAL E 78 -27.47 -43.17 -18.53
N THR E 79 -28.38 -42.20 -18.51
CA THR E 79 -29.62 -42.28 -17.72
C THR E 79 -30.44 -43.50 -18.16
N GLU E 80 -30.07 -44.10 -19.28
CA GLU E 80 -30.77 -45.27 -19.78
C GLU E 80 -29.87 -46.49 -19.55
N ALA E 81 -28.59 -46.22 -19.35
CA ALA E 81 -27.61 -47.27 -19.12
C ALA E 81 -27.46 -47.56 -17.63
N ILE E 82 -27.79 -46.59 -16.79
CA ILE E 82 -27.69 -46.78 -15.35
C ILE E 82 -29.06 -46.95 -14.71
N GLY E 83 -30.10 -46.93 -15.55
CA GLY E 83 -31.45 -47.09 -15.03
C GLY E 83 -32.20 -45.80 -14.80
N ALA E 84 -33.52 -45.89 -14.81
CA ALA E 84 -34.36 -44.72 -14.61
C ALA E 84 -34.15 -44.15 -13.21
N GLY E 85 -34.16 -42.83 -13.11
CA GLY E 85 -33.98 -42.19 -11.82
C GLY E 85 -32.62 -42.42 -11.20
N ASN E 86 -31.68 -42.92 -11.99
CA ASN E 86 -30.31 -43.16 -11.52
C ASN E 86 -29.40 -42.02 -11.99
N LYS E 87 -28.52 -41.59 -11.09
CA LYS E 87 -27.60 -40.51 -11.38
C LYS E 87 -26.18 -40.99 -11.18
N LEU E 88 -25.23 -40.27 -11.76
CA LEU E 88 -23.83 -40.62 -11.63
C LEU E 88 -23.28 -40.00 -10.36
N ASP E 89 -22.30 -40.65 -9.74
CA ASP E 89 -21.66 -40.14 -8.53
C ASP E 89 -20.32 -39.48 -8.86
N GLY E 90 -19.70 -39.92 -9.96
CA GLY E 90 -18.44 -39.38 -10.36
C GLY E 90 -18.29 -39.25 -11.86
N VAL E 91 -17.29 -38.47 -12.27
CA VAL E 91 -17.00 -38.23 -13.69
C VAL E 91 -15.50 -38.12 -13.89
N VAL E 92 -14.90 -39.15 -14.47
CA VAL E 92 -13.46 -39.11 -14.72
C VAL E 92 -13.19 -38.62 -16.14
N HIS E 93 -12.30 -37.64 -16.24
CA HIS E 93 -11.93 -37.10 -17.53
C HIS E 93 -10.46 -37.49 -17.74
N SER E 94 -10.23 -38.34 -18.74
CA SER E 94 -8.88 -38.76 -19.09
C SER E 94 -8.70 -38.63 -20.60
N ILE E 95 -9.09 -37.46 -21.08
CA ILE E 95 -9.02 -37.15 -22.48
C ILE E 95 -7.85 -36.21 -22.73
N GLY E 96 -7.09 -36.49 -23.78
CA GLY E 96 -5.95 -35.67 -24.11
C GLY E 96 -5.43 -36.03 -25.47
N PHE E 97 -5.01 -35.02 -26.22
CA PHE E 97 -4.48 -35.23 -27.55
C PHE E 97 -3.76 -33.98 -28.03
N MET E 98 -2.86 -34.15 -28.99
CA MET E 98 -2.12 -33.04 -29.55
C MET E 98 -1.33 -33.51 -30.76
N PRO E 99 -1.75 -33.12 -31.98
CA PRO E 99 -1.00 -33.56 -33.16
C PRO E 99 0.50 -33.25 -33.01
N GLN E 100 1.33 -34.02 -33.70
CA GLN E 100 2.80 -33.89 -33.64
C GLN E 100 3.40 -32.50 -33.67
N THR E 101 2.62 -31.50 -34.08
CA THR E 101 3.10 -30.12 -34.16
C THR E 101 3.42 -29.55 -32.78
N GLY E 102 2.40 -29.47 -31.92
CA GLY E 102 2.60 -28.95 -30.58
C GLY E 102 3.35 -29.96 -29.73
N MET E 103 3.54 -31.15 -30.31
CA MET E 103 4.25 -32.23 -29.63
C MET E 103 5.71 -31.82 -29.49
N GLY E 104 6.42 -32.48 -28.58
CA GLY E 104 7.82 -32.17 -28.37
C GLY E 104 8.64 -32.22 -29.64
N ILE E 105 8.39 -33.23 -30.46
CA ILE E 105 9.11 -33.43 -31.72
C ILE E 105 9.55 -32.14 -32.40
N ASN E 106 8.59 -31.44 -33.02
CA ASN E 106 8.86 -30.20 -33.73
C ASN E 106 9.00 -29.02 -32.78
N PRO E 107 9.66 -27.94 -33.25
CA PRO E 107 9.87 -26.72 -32.45
C PRO E 107 8.56 -26.01 -32.10
N PHE E 108 8.57 -25.37 -30.93
CA PHE E 108 7.43 -24.64 -30.39
C PHE E 108 6.76 -23.69 -31.39
N PHE E 109 7.57 -23.01 -32.20
CA PHE E 109 7.07 -22.06 -33.18
C PHE E 109 6.47 -22.69 -34.44
N ASP E 110 7.10 -23.75 -34.93
CA ASP E 110 6.68 -24.43 -36.15
C ASP E 110 5.33 -25.15 -36.12
N ALA E 111 4.50 -24.87 -35.12
CA ALA E 111 3.18 -25.51 -35.06
C ALA E 111 2.09 -24.49 -35.42
N PRO E 112 1.10 -24.90 -36.23
CA PRO E 112 0.00 -24.02 -36.63
C PRO E 112 -1.06 -23.94 -35.54
N TYR E 113 -1.89 -22.91 -35.59
CA TYR E 113 -2.93 -22.75 -34.58
C TYR E 113 -4.01 -23.80 -34.75
N ALA E 114 -4.28 -24.13 -36.01
CA ALA E 114 -5.29 -25.12 -36.31
C ALA E 114 -5.07 -26.34 -35.46
N ASP E 115 -3.80 -26.77 -35.37
CA ASP E 115 -3.42 -27.94 -34.59
C ASP E 115 -3.34 -27.70 -33.09
N VAL E 116 -3.01 -26.47 -32.69
CA VAL E 116 -2.93 -26.16 -31.26
C VAL E 116 -4.33 -25.92 -30.71
N SER E 117 -5.23 -25.52 -31.61
CA SER E 117 -6.62 -25.28 -31.24
C SER E 117 -7.30 -26.62 -31.08
N LYS E 118 -6.89 -27.56 -31.92
CA LYS E 118 -7.41 -28.91 -31.92
C LYS E 118 -7.14 -29.51 -30.56
N GLY E 119 -5.91 -29.34 -30.09
CA GLY E 119 -5.52 -29.89 -28.80
C GLY E 119 -6.33 -29.37 -27.63
N ILE E 120 -6.26 -28.06 -27.41
CA ILE E 120 -6.96 -27.41 -26.32
C ILE E 120 -8.44 -27.76 -26.21
N HIS E 121 -9.11 -27.81 -27.35
CA HIS E 121 -10.53 -28.14 -27.42
C HIS E 121 -10.78 -29.51 -26.79
N ILE E 122 -9.99 -30.49 -27.23
CA ILE E 122 -10.08 -31.86 -26.76
C ILE E 122 -9.52 -32.02 -25.34
N SER E 123 -8.50 -31.24 -25.02
CA SER E 123 -7.87 -31.33 -23.72
C SER E 123 -8.43 -30.48 -22.58
N ALA E 124 -8.59 -29.17 -22.80
CA ALA E 124 -9.08 -28.28 -21.74
C ALA E 124 -10.55 -27.90 -21.84
N TYR E 125 -10.98 -27.58 -23.06
CA TYR E 125 -12.36 -27.21 -23.29
C TYR E 125 -13.32 -28.33 -22.92
N SER E 126 -12.98 -29.55 -23.32
CA SER E 126 -13.81 -30.73 -23.05
C SER E 126 -14.18 -30.91 -21.59
N TYR E 127 -13.25 -30.60 -20.69
CA TYR E 127 -13.55 -30.75 -19.26
C TYR E 127 -14.82 -29.99 -18.93
N ALA E 128 -14.87 -28.71 -19.28
CA ALA E 128 -16.02 -27.85 -19.03
C ALA E 128 -17.31 -28.40 -19.61
N SER E 129 -17.25 -28.83 -20.87
CA SER E 129 -18.42 -29.35 -21.54
C SER E 129 -18.95 -30.61 -20.89
N MET E 130 -18.05 -31.57 -20.60
CA MET E 130 -18.48 -32.80 -19.97
C MET E 130 -19.18 -32.43 -18.69
N ALA E 131 -18.67 -31.40 -18.03
CA ALA E 131 -19.25 -30.92 -16.79
C ALA E 131 -20.63 -30.35 -17.12
N LYS E 132 -20.64 -29.45 -18.08
CA LYS E 132 -21.88 -28.80 -18.52
C LYS E 132 -22.89 -29.82 -19.04
N ALA E 133 -22.38 -30.98 -19.46
CA ALA E 133 -23.24 -32.02 -19.99
C ALA E 133 -23.81 -32.96 -18.90
N LEU E 134 -22.94 -33.52 -18.08
CA LEU E 134 -23.35 -34.47 -17.04
C LEU E 134 -23.70 -33.94 -15.65
N LEU E 135 -23.28 -32.72 -15.34
CA LEU E 135 -23.55 -32.14 -14.01
C LEU E 135 -25.02 -32.15 -13.58
N PRO E 136 -25.97 -32.03 -14.53
CA PRO E 136 -27.40 -32.03 -14.18
C PRO E 136 -27.93 -33.41 -13.72
N ILE E 137 -27.21 -34.47 -14.07
CA ILE E 137 -27.60 -35.82 -13.64
C ILE E 137 -26.54 -36.34 -12.67
N MET E 138 -25.90 -35.41 -11.98
CA MET E 138 -24.89 -35.77 -11.00
C MET E 138 -25.44 -35.70 -9.59
N ASN E 139 -25.30 -36.80 -8.86
CA ASN E 139 -25.78 -36.87 -7.50
C ASN E 139 -25.12 -35.75 -6.69
N PRO E 140 -25.81 -35.23 -5.66
CA PRO E 140 -25.18 -34.17 -4.87
C PRO E 140 -23.97 -34.77 -4.18
N GLY E 141 -23.13 -33.92 -3.59
CA GLY E 141 -21.94 -34.42 -2.93
C GLY E 141 -21.18 -35.35 -3.88
N GLY E 142 -21.29 -35.07 -5.17
CA GLY E 142 -20.64 -35.87 -6.20
C GLY E 142 -19.25 -35.37 -6.52
N SER E 143 -18.56 -36.04 -7.44
CA SER E 143 -17.21 -35.64 -7.77
C SER E 143 -16.76 -35.77 -9.22
N ILE E 144 -16.23 -34.68 -9.77
CA ILE E 144 -15.69 -34.65 -11.15
C ILE E 144 -14.17 -34.57 -11.02
N VAL E 145 -13.44 -35.26 -11.89
CA VAL E 145 -11.97 -35.25 -11.84
C VAL E 145 -11.28 -35.46 -13.19
N GLY E 146 -10.36 -34.54 -13.52
CA GLY E 146 -9.60 -34.64 -14.76
C GLY E 146 -8.15 -34.94 -14.47
N MET E 147 -7.40 -35.34 -15.48
CA MET E 147 -5.98 -35.66 -15.27
C MET E 147 -5.08 -34.52 -15.73
N ASP E 148 -4.23 -34.05 -14.82
CA ASP E 148 -3.33 -32.96 -15.13
C ASP E 148 -1.87 -33.44 -15.19
N PHE E 149 -1.00 -32.57 -15.68
CA PHE E 149 0.44 -32.87 -15.76
C PHE E 149 1.15 -31.55 -15.52
N ASP E 150 1.39 -31.26 -14.25
CA ASP E 150 2.02 -30.01 -13.80
C ASP E 150 2.61 -29.08 -14.84
N PRO E 151 1.85 -28.05 -15.24
CA PRO E 151 2.30 -27.08 -16.24
C PRO E 151 2.91 -25.82 -15.59
N SER E 152 3.20 -25.88 -14.29
CA SER E 152 3.75 -24.75 -13.55
C SER E 152 5.04 -24.18 -14.14
N ARG E 153 5.94 -25.05 -14.56
CA ARG E 153 7.18 -24.62 -15.20
C ARG E 153 7.24 -25.32 -16.54
N ALA E 154 7.76 -24.62 -17.54
CA ALA E 154 7.83 -25.15 -18.89
C ALA E 154 8.82 -26.30 -19.04
N MET E 155 8.40 -27.34 -19.75
CA MET E 155 9.26 -28.49 -19.99
C MET E 155 9.34 -28.81 -21.48
N PRO E 156 10.55 -28.74 -22.06
CA PRO E 156 10.74 -29.04 -23.49
C PRO E 156 10.27 -30.46 -23.80
N ALA E 157 9.86 -30.69 -25.05
CA ALA E 157 9.36 -32.02 -25.41
C ALA E 157 8.15 -32.34 -24.54
N TYR E 158 7.02 -31.75 -24.92
CA TYR E 158 5.71 -31.86 -24.28
C TYR E 158 5.31 -30.39 -24.22
N ASN E 159 5.65 -29.68 -25.30
CA ASN E 159 5.41 -28.24 -25.43
C ASN E 159 3.96 -27.76 -25.35
N TRP E 160 3.32 -27.55 -26.50
CA TRP E 160 1.95 -27.06 -26.52
C TRP E 160 0.97 -27.90 -25.72
N MET E 161 1.43 -29.06 -25.24
CA MET E 161 0.57 -29.90 -24.44
C MET E 161 0.52 -29.29 -23.04
N THR E 162 1.61 -28.63 -22.66
CA THR E 162 1.67 -27.98 -21.36
C THR E 162 0.72 -26.78 -21.42
N VAL E 163 0.82 -25.99 -22.47
CA VAL E 163 -0.05 -24.82 -22.65
C VAL E 163 -1.49 -25.28 -22.51
N ALA E 164 -1.77 -26.52 -22.93
CA ALA E 164 -3.12 -27.06 -22.83
C ALA E 164 -3.49 -27.32 -21.37
N LYS E 165 -2.50 -27.74 -20.58
CA LYS E 165 -2.74 -28.04 -19.16
C LYS E 165 -2.89 -26.78 -18.30
N SER E 166 -2.19 -25.72 -18.67
CA SER E 166 -2.31 -24.49 -17.91
C SER E 166 -3.75 -24.06 -18.09
N ALA E 167 -4.20 -24.16 -19.34
CA ALA E 167 -5.56 -23.80 -19.71
C ALA E 167 -6.55 -24.68 -18.98
N LEU E 168 -6.24 -25.97 -18.87
CA LEU E 168 -7.11 -26.93 -18.19
C LEU E 168 -7.30 -26.58 -16.71
N GLU E 169 -6.17 -26.49 -15.98
CA GLU E 169 -6.16 -26.15 -14.55
C GLU E 169 -7.00 -24.91 -14.30
N SER E 170 -7.01 -24.00 -15.26
CA SER E 170 -7.77 -22.77 -15.13
C SER E 170 -9.25 -23.03 -15.43
N VAL E 171 -9.52 -23.95 -16.34
CA VAL E 171 -10.89 -24.30 -16.67
C VAL E 171 -11.47 -25.05 -15.46
N ASN E 172 -10.63 -25.80 -14.76
CA ASN E 172 -11.09 -26.55 -13.60
C ASN E 172 -11.56 -25.65 -12.46
N ARG E 173 -10.83 -24.55 -12.29
CA ARG E 173 -11.11 -23.58 -11.27
C ARG E 173 -12.47 -22.95 -11.54
N PHE E 174 -12.85 -22.87 -12.81
CA PHE E 174 -14.13 -22.29 -13.19
C PHE E 174 -15.25 -23.30 -13.18
N VAL E 175 -14.92 -24.58 -13.32
CA VAL E 175 -15.95 -25.60 -13.31
C VAL E 175 -16.33 -25.89 -11.88
N ALA E 176 -15.41 -25.70 -10.95
CA ALA E 176 -15.69 -25.96 -9.55
C ALA E 176 -16.78 -25.06 -8.99
N ARG E 177 -16.87 -23.83 -9.48
CA ARG E 177 -17.88 -22.88 -9.01
C ARG E 177 -19.25 -23.15 -9.61
N GLU E 178 -19.26 -23.62 -10.85
CA GLU E 178 -20.50 -23.96 -11.54
C GLU E 178 -21.01 -25.26 -10.92
N ALA E 179 -20.08 -26.21 -10.74
CA ALA E 179 -20.39 -27.50 -10.15
C ALA E 179 -20.66 -27.31 -8.67
N GLY E 180 -20.05 -26.28 -8.09
CA GLY E 180 -20.25 -26.01 -6.69
C GLY E 180 -21.72 -25.82 -6.42
N LYS E 181 -22.37 -25.07 -7.29
CA LYS E 181 -23.79 -24.81 -7.16
C LYS E 181 -24.58 -26.09 -7.10
N TYR E 182 -24.10 -27.14 -7.76
CA TYR E 182 -24.78 -28.44 -7.77
C TYR E 182 -24.33 -29.36 -6.65
N GLY E 183 -23.53 -28.85 -5.71
CA GLY E 183 -23.04 -29.68 -4.62
C GLY E 183 -22.03 -30.72 -5.09
N VAL E 184 -21.45 -30.48 -6.27
CA VAL E 184 -20.47 -31.38 -6.85
C VAL E 184 -19.05 -30.83 -6.80
N ARG E 185 -18.11 -31.68 -6.44
CA ARG E 185 -16.71 -31.32 -6.35
C ARG E 185 -16.08 -31.43 -7.73
N SER E 186 -15.11 -30.56 -7.99
CA SER E 186 -14.38 -30.57 -9.25
C SER E 186 -12.89 -30.38 -8.98
N ASN E 187 -12.11 -31.44 -9.16
CA ASN E 187 -10.67 -31.37 -8.93
C ASN E 187 -9.89 -32.08 -10.02
N LEU E 188 -8.60 -31.80 -10.05
CA LEU E 188 -7.67 -32.39 -11.02
C LEU E 188 -6.72 -33.30 -10.26
N VAL E 189 -6.07 -34.20 -10.98
CA VAL E 189 -5.08 -35.09 -10.39
C VAL E 189 -3.89 -34.96 -11.32
N ALA E 190 -2.82 -34.38 -10.79
CA ALA E 190 -1.59 -34.14 -11.52
C ALA E 190 -0.67 -35.32 -11.31
N ALA E 191 -0.48 -36.10 -12.38
CA ALA E 191 0.36 -37.29 -12.34
C ALA E 191 1.74 -37.09 -12.99
N GLY E 192 2.69 -37.92 -12.61
CA GLY E 192 4.01 -37.86 -13.19
C GLY E 192 3.93 -38.76 -14.41
N PRO E 193 5.02 -38.94 -15.17
CA PRO E 193 5.06 -39.79 -16.36
C PRO E 193 4.54 -41.22 -16.18
N ILE E 194 3.97 -41.74 -17.26
CA ILE E 194 3.42 -43.10 -17.31
C ILE E 194 3.55 -43.57 -18.75
N ARG E 195 4.24 -44.69 -18.95
CA ARG E 195 4.45 -45.24 -20.28
C ARG E 195 3.21 -45.81 -20.96
N THR E 196 2.35 -44.95 -21.47
CA THR E 196 1.16 -45.42 -22.17
C THR E 196 1.65 -45.80 -23.57
N LEU E 197 0.98 -46.75 -24.21
CA LEU E 197 1.39 -47.17 -25.55
C LEU E 197 1.80 -45.95 -26.36
N ALA E 198 1.05 -44.87 -26.19
CA ALA E 198 1.29 -43.60 -26.89
C ALA E 198 2.70 -43.03 -26.68
N MET E 199 3.12 -42.91 -25.42
CA MET E 199 4.44 -42.38 -25.10
C MET E 199 5.52 -43.45 -25.21
N SER E 200 5.13 -44.72 -25.12
CA SER E 200 6.10 -45.80 -25.24
C SER E 200 6.63 -45.74 -26.66
N ALA E 201 5.84 -45.11 -27.54
CA ALA E 201 6.22 -44.95 -28.92
C ALA E 201 7.16 -43.75 -29.03
N ILE E 202 6.66 -42.58 -28.63
CA ILE E 202 7.46 -41.37 -28.67
C ILE E 202 8.87 -41.62 -28.10
N VAL E 203 8.94 -42.30 -26.96
CA VAL E 203 10.23 -42.59 -26.33
C VAL E 203 11.07 -43.55 -27.18
N GLY E 204 10.40 -44.43 -27.91
CA GLY E 204 11.11 -45.39 -28.75
C GLY E 204 11.24 -44.96 -30.19
N GLY E 205 11.07 -43.67 -30.46
CA GLY E 205 11.18 -43.15 -31.81
C GLY E 205 9.92 -42.57 -32.44
N ALA E 206 9.80 -42.73 -33.76
CA ALA E 206 8.64 -42.24 -34.51
C ALA E 206 8.64 -40.72 -34.61
N LEU E 207 8.14 -40.06 -33.56
CA LEU E 207 8.08 -38.60 -33.52
C LEU E 207 9.47 -38.03 -33.29
N GLY E 208 10.41 -38.44 -34.14
CA GLY E 208 11.77 -37.96 -34.02
C GLY E 208 12.48 -38.68 -32.89
N GLU E 209 13.71 -38.28 -32.61
CA GLU E 209 14.48 -38.91 -31.54
C GLU E 209 14.71 -37.92 -30.40
N GLU E 210 14.64 -36.63 -30.71
CA GLU E 210 14.83 -35.60 -29.69
C GLU E 210 13.66 -35.64 -28.72
N ALA E 211 12.46 -35.84 -29.26
CA ALA E 211 11.25 -35.93 -28.45
C ALA E 211 11.37 -37.08 -27.48
N GLY E 212 11.97 -38.18 -27.95
CA GLY E 212 12.16 -39.36 -27.11
C GLY E 212 13.28 -39.20 -26.10
N ALA E 213 14.36 -38.53 -26.52
CA ALA E 213 15.51 -38.29 -25.66
C ALA E 213 15.12 -37.38 -24.49
N GLN E 214 14.36 -36.36 -24.80
CA GLN E 214 13.89 -35.38 -23.82
C GLN E 214 12.97 -35.99 -22.76
N ILE E 215 12.15 -36.97 -23.17
CA ILE E 215 11.25 -37.63 -22.24
C ILE E 215 12.10 -38.53 -21.36
N GLN E 216 13.04 -39.21 -22.00
CA GLN E 216 13.94 -40.13 -21.31
C GLN E 216 14.55 -39.50 -20.07
N LEU E 217 15.39 -38.49 -20.28
CA LEU E 217 16.05 -37.86 -19.14
C LEU E 217 15.05 -37.11 -18.28
N LEU E 218 13.83 -36.98 -18.78
CA LEU E 218 12.81 -36.32 -18.00
C LEU E 218 12.32 -37.31 -16.95
N GLU E 219 11.95 -38.51 -17.40
CA GLU E 219 11.49 -39.57 -16.51
C GLU E 219 12.63 -39.94 -15.59
N GLU E 220 13.83 -39.91 -16.13
CA GLU E 220 15.05 -40.23 -15.38
C GLU E 220 15.09 -39.40 -14.09
N GLY E 221 14.93 -38.09 -14.23
CA GLY E 221 14.96 -37.20 -13.08
C GLY E 221 13.70 -37.14 -12.23
N TRP E 222 12.59 -37.68 -12.71
CA TRP E 222 11.35 -37.65 -11.93
C TRP E 222 11.50 -38.67 -10.80
N ASP E 223 11.97 -39.85 -11.18
CA ASP E 223 12.19 -40.93 -10.23
C ASP E 223 13.30 -40.48 -9.31
N GLN E 224 14.18 -39.65 -9.87
CA GLN E 224 15.34 -39.10 -9.18
C GLN E 224 14.97 -38.10 -8.07
N ARG E 225 13.93 -37.30 -8.30
CA ARG E 225 13.51 -36.29 -7.33
C ARG E 225 12.45 -36.82 -6.38
N ALA E 226 11.53 -37.62 -6.92
CA ALA E 226 10.46 -38.19 -6.14
C ALA E 226 11.04 -38.68 -4.84
N PRO E 227 10.55 -38.17 -3.71
CA PRO E 227 11.16 -38.72 -2.49
C PRO E 227 10.81 -40.18 -2.29
N ILE E 228 9.60 -40.57 -2.68
CA ILE E 228 9.21 -41.96 -2.49
C ILE E 228 9.37 -42.76 -3.78
N GLY E 229 10.09 -42.19 -4.72
CA GLY E 229 10.34 -42.87 -5.97
C GLY E 229 9.22 -42.77 -6.98
N TRP E 230 9.52 -43.15 -8.22
CA TRP E 230 8.53 -43.11 -9.27
C TRP E 230 8.67 -44.23 -10.27
N ASN E 231 7.56 -44.88 -10.53
CA ASN E 231 7.54 -45.97 -11.48
C ASN E 231 6.72 -45.53 -12.69
N MET E 232 7.39 -45.34 -13.83
CA MET E 232 6.68 -44.89 -15.04
C MET E 232 5.80 -45.99 -15.64
N LYS E 233 6.19 -47.25 -15.46
CA LYS E 233 5.43 -48.35 -16.03
C LYS E 233 4.37 -48.95 -15.11
N ASP E 234 3.76 -48.11 -14.28
CA ASP E 234 2.72 -48.53 -13.35
C ASP E 234 1.87 -47.36 -12.86
N ALA E 235 0.58 -47.40 -13.19
CA ALA E 235 -0.37 -46.34 -12.82
C ALA E 235 -1.22 -46.64 -11.58
N THR E 236 -0.89 -47.70 -10.87
CA THR E 236 -1.63 -48.06 -9.68
C THR E 236 -1.69 -46.93 -8.67
N PRO E 237 -0.55 -46.28 -8.39
CA PRO E 237 -0.57 -45.17 -7.42
C PRO E 237 -1.52 -44.08 -7.90
N VAL E 238 -1.44 -43.75 -9.19
CA VAL E 238 -2.29 -42.71 -9.74
C VAL E 238 -3.74 -43.12 -9.67
N ALA E 239 -4.04 -44.35 -10.09
CA ALA E 239 -5.41 -44.85 -10.07
C ALA E 239 -6.02 -44.71 -8.68
N LYS E 240 -5.23 -45.00 -7.66
CA LYS E 240 -5.67 -44.92 -6.28
C LYS E 240 -6.12 -43.51 -5.94
N THR E 241 -5.23 -42.54 -6.18
CA THR E 241 -5.52 -41.14 -5.88
C THR E 241 -6.85 -40.66 -6.47
N VAL E 242 -7.06 -40.95 -7.75
CA VAL E 242 -8.30 -40.56 -8.41
C VAL E 242 -9.48 -41.16 -7.66
N CYS E 243 -9.36 -42.44 -7.31
CA CYS E 243 -10.41 -43.13 -6.58
C CYS E 243 -10.64 -42.49 -5.24
N ALA E 244 -9.57 -42.09 -4.57
CA ALA E 244 -9.70 -41.44 -3.28
C ALA E 244 -10.44 -40.12 -3.50
N LEU E 245 -10.13 -39.47 -4.61
CA LEU E 245 -10.74 -38.18 -4.94
C LEU E 245 -12.17 -38.26 -5.51
N LEU E 246 -12.68 -39.48 -5.65
CA LEU E 246 -14.04 -39.74 -6.15
C LEU E 246 -14.93 -40.18 -5.00
N SER E 247 -14.31 -40.68 -3.94
CA SER E 247 -15.03 -41.13 -2.75
C SER E 247 -15.59 -39.95 -1.96
N ASP E 248 -15.88 -40.18 -0.70
CA ASP E 248 -16.42 -39.13 0.15
C ASP E 248 -15.45 -38.86 1.32
N TRP E 249 -14.15 -38.88 1.01
CA TRP E 249 -13.12 -38.66 2.01
C TRP E 249 -12.26 -37.44 1.76
N LEU E 250 -12.80 -36.54 0.96
CA LEU E 250 -12.16 -35.29 0.62
C LEU E 250 -13.33 -34.45 0.17
N PRO E 251 -14.15 -34.02 1.13
CA PRO E 251 -15.35 -33.20 0.88
C PRO E 251 -15.10 -31.70 1.03
N ALA E 252 -13.84 -31.31 1.21
CA ALA E 252 -13.50 -29.91 1.39
C ALA E 252 -12.71 -29.27 0.27
N THR E 253 -12.33 -30.06 -0.73
CA THR E 253 -11.54 -29.53 -1.84
C THR E 253 -12.29 -29.52 -3.17
N THR E 254 -12.15 -28.42 -3.89
CA THR E 254 -12.78 -28.24 -5.20
C THR E 254 -11.92 -27.24 -5.94
N GLY E 255 -12.06 -27.22 -7.27
CA GLY E 255 -11.26 -26.32 -8.09
C GLY E 255 -9.81 -26.46 -7.69
N ASP E 256 -9.39 -27.67 -7.32
CA ASP E 256 -8.02 -27.87 -6.89
C ASP E 256 -7.18 -28.89 -7.67
N ILE E 257 -5.93 -29.02 -7.22
CA ILE E 257 -4.97 -29.91 -7.84
C ILE E 257 -4.24 -30.79 -6.83
N ILE E 258 -4.68 -32.06 -6.76
CA ILE E 258 -4.08 -33.05 -5.88
C ILE E 258 -3.00 -33.78 -6.66
N TYR E 259 -1.76 -33.69 -6.19
CA TYR E 259 -0.63 -34.32 -6.86
C TYR E 259 -0.35 -35.77 -6.50
N ALA E 260 -0.26 -36.59 -7.53
CA ALA E 260 0.08 -38.00 -7.38
C ALA E 260 1.26 -38.16 -8.33
N ASP E 261 2.38 -37.56 -7.93
CA ASP E 261 3.59 -37.60 -8.73
C ASP E 261 4.77 -38.10 -7.90
N GLY E 262 4.47 -38.56 -6.69
CA GLY E 262 5.53 -39.05 -5.82
C GLY E 262 6.32 -37.93 -5.16
N GLY E 263 5.68 -36.76 -5.01
CA GLY E 263 6.30 -35.61 -4.39
C GLY E 263 7.37 -34.96 -5.25
N ALA E 264 7.60 -35.52 -6.42
CA ALA E 264 8.62 -35.01 -7.33
C ALA E 264 8.61 -33.50 -7.46
N HIS E 265 7.42 -32.92 -7.60
CA HIS E 265 7.29 -31.48 -7.78
C HIS E 265 7.66 -30.56 -6.62
N THR E 266 7.80 -31.12 -5.43
CA THR E 266 8.17 -30.34 -4.24
C THR E 266 9.67 -30.40 -4.00
N GLN E 267 10.39 -30.97 -4.96
CA GLN E 267 11.84 -31.13 -4.88
C GLN E 267 12.58 -30.47 -6.03
N LEU E 268 13.61 -29.70 -5.72
CA LEU E 268 14.36 -29.04 -6.79
C LEU E 268 15.42 -30.00 -7.29
N LEU E 269 15.96 -30.80 -6.38
CA LEU E 269 16.98 -31.76 -6.74
C LEU E 269 16.89 -32.97 -5.82
N THR F 2 17.62 11.75 -23.66
CA THR F 2 18.32 10.62 -22.97
C THR F 2 17.28 9.60 -22.53
N GLY F 3 17.15 9.43 -21.21
CA GLY F 3 16.18 8.50 -20.68
C GLY F 3 16.73 7.19 -20.15
N LEU F 4 15.86 6.20 -20.09
CA LEU F 4 16.20 4.87 -19.59
C LEU F 4 16.13 3.83 -20.72
N LEU F 5 15.63 4.26 -21.89
CA LEU F 5 15.53 3.41 -23.06
C LEU F 5 16.12 4.13 -24.26
N ASP F 6 17.04 5.04 -24.02
CA ASP F 6 17.68 5.79 -25.12
C ASP F 6 18.47 4.89 -26.06
N GLY F 7 18.19 4.98 -27.36
CA GLY F 7 18.89 4.19 -28.34
C GLY F 7 18.21 2.86 -28.67
N LYS F 8 17.15 2.57 -27.93
CA LYS F 8 16.40 1.33 -28.10
C LYS F 8 15.32 1.47 -29.15
N ARG F 9 15.18 0.46 -30.01
CA ARG F 9 14.13 0.47 -31.04
C ARG F 9 13.06 -0.48 -30.53
N ILE F 10 11.88 0.05 -30.23
CA ILE F 10 10.81 -0.80 -29.71
C ILE F 10 9.51 -0.83 -30.51
N LEU F 11 9.00 -2.03 -30.71
CA LEU F 11 7.74 -2.21 -31.40
C LEU F 11 6.68 -2.31 -30.31
N VAL F 12 5.64 -1.49 -30.44
CA VAL F 12 4.54 -1.50 -29.47
C VAL F 12 3.27 -1.79 -30.23
N SER F 13 2.51 -2.78 -29.77
CA SER F 13 1.24 -3.13 -30.41
C SER F 13 0.11 -2.93 -29.41
N GLY F 14 -1.11 -2.79 -29.92
CA GLY F 14 -2.24 -2.62 -29.04
C GLY F 14 -2.92 -1.28 -28.89
N ILE F 15 -2.59 -0.30 -29.73
CA ILE F 15 -3.25 0.99 -29.59
C ILE F 15 -4.43 1.15 -30.54
N ILE F 16 -5.61 1.36 -29.96
CA ILE F 16 -6.84 1.56 -30.72
C ILE F 16 -7.45 2.92 -30.32
N THR F 17 -7.15 3.37 -29.10
CA THR F 17 -7.63 4.65 -28.56
C THR F 17 -6.64 5.20 -27.52
N ASP F 18 -6.58 6.53 -27.41
CA ASP F 18 -5.68 7.24 -26.47
C ASP F 18 -5.82 6.77 -25.02
N SER F 19 -6.68 5.79 -24.81
CA SER F 19 -6.91 5.24 -23.49
C SER F 19 -6.24 3.86 -23.34
N SER F 20 -5.67 3.35 -24.42
CA SER F 20 -5.01 2.03 -24.39
C SER F 20 -3.74 1.95 -23.54
N ILE F 21 -3.65 0.91 -22.70
CA ILE F 21 -2.48 0.73 -21.87
C ILE F 21 -1.27 0.79 -22.79
N ALA F 22 -1.48 0.41 -24.05
CA ALA F 22 -0.44 0.42 -25.07
C ALA F 22 0.01 1.82 -25.50
N PHE F 23 -0.83 2.83 -25.24
CA PHE F 23 -0.52 4.20 -25.61
C PHE F 23 0.27 4.95 -24.52
N HIS F 24 0.07 4.54 -23.27
CA HIS F 24 0.79 5.16 -22.18
C HIS F 24 2.19 4.56 -22.12
N ILE F 25 2.30 3.32 -22.60
CA ILE F 25 3.58 2.64 -22.63
C ILE F 25 4.41 3.22 -23.76
N ALA F 26 3.74 3.58 -24.86
CA ALA F 26 4.40 4.18 -26.03
C ALA F 26 4.80 5.62 -25.71
N ARG F 27 3.95 6.32 -24.95
CA ARG F 27 4.21 7.70 -24.55
C ARG F 27 5.46 7.74 -23.71
N VAL F 28 5.40 7.05 -22.56
CA VAL F 28 6.52 7.01 -21.63
C VAL F 28 7.79 6.50 -22.32
N ALA F 29 7.63 5.54 -23.21
CA ALA F 29 8.79 4.99 -23.92
C ALA F 29 9.56 6.09 -24.63
N GLN F 30 8.88 6.88 -25.46
CA GLN F 30 9.55 7.98 -26.17
C GLN F 30 10.12 9.00 -25.18
N GLU F 31 9.49 9.10 -24.02
CA GLU F 31 9.94 9.99 -22.95
C GLU F 31 11.31 9.52 -22.47
N GLN F 32 11.48 8.20 -22.38
CA GLN F 32 12.75 7.64 -21.94
C GLN F 32 13.76 7.51 -23.06
N GLY F 33 13.46 8.16 -24.18
CA GLY F 33 14.36 8.15 -25.31
C GLY F 33 14.32 6.94 -26.21
N ALA F 34 13.16 6.28 -26.30
CA ALA F 34 13.04 5.12 -27.17
C ALA F 34 12.51 5.52 -28.56
N GLN F 35 12.85 4.73 -29.58
CA GLN F 35 12.42 4.97 -30.96
C GLN F 35 11.41 3.87 -31.33
N LEU F 36 10.13 4.23 -31.36
CA LEU F 36 9.09 3.25 -31.63
C LEU F 36 8.74 2.91 -33.08
N VAL F 37 8.00 1.81 -33.20
CA VAL F 37 7.49 1.28 -34.45
C VAL F 37 6.16 0.74 -33.95
N LEU F 38 5.06 1.30 -34.43
CA LEU F 38 3.75 0.86 -33.96
C LEU F 38 3.03 -0.02 -34.95
N THR F 39 2.17 -0.88 -34.41
CA THR F 39 1.37 -1.80 -35.21
C THR F 39 -0.08 -1.60 -34.81
N GLY F 40 -0.99 -1.70 -35.76
CA GLY F 40 -2.40 -1.52 -35.46
C GLY F 40 -3.30 -2.60 -36.02
N PHE F 41 -4.56 -2.62 -35.60
CA PHE F 41 -5.50 -3.63 -36.07
C PHE F 41 -6.20 -3.19 -37.37
N ASP F 42 -7.53 -3.18 -37.43
CA ASP F 42 -8.17 -2.80 -38.67
C ASP F 42 -8.64 -1.36 -38.84
N ARG F 43 -8.49 -0.53 -37.80
CA ARG F 43 -8.87 0.87 -37.92
C ARG F 43 -7.58 1.64 -38.17
N LEU F 44 -6.70 1.01 -38.96
CA LEU F 44 -5.38 1.55 -39.27
C LEU F 44 -5.29 3.05 -39.54
N ARG F 45 -6.22 3.61 -40.30
CA ARG F 45 -6.16 5.04 -40.57
C ARG F 45 -6.72 5.83 -39.40
N LEU F 46 -7.74 5.28 -38.75
CA LEU F 46 -8.35 5.93 -37.61
C LEU F 46 -7.48 5.72 -36.38
N ILE F 47 -6.34 5.06 -36.57
CA ILE F 47 -5.40 4.81 -35.50
C ILE F 47 -4.22 5.80 -35.64
N GLN F 48 -3.77 6.02 -36.87
CA GLN F 48 -2.66 6.91 -37.15
C GLN F 48 -2.90 8.31 -36.58
N ARG F 49 -4.16 8.66 -36.39
CA ARG F 49 -4.52 9.97 -35.87
C ARG F 49 -4.31 10.09 -34.36
N ILE F 50 -4.61 9.04 -33.61
CA ILE F 50 -4.41 9.07 -32.17
C ILE F 50 -2.92 8.95 -31.87
N THR F 51 -2.21 8.20 -32.70
CA THR F 51 -0.78 8.01 -32.52
C THR F 51 -0.06 9.33 -32.78
N ASP F 52 -0.83 10.36 -33.11
CA ASP F 52 -0.25 11.67 -33.33
C ASP F 52 -0.06 12.32 -31.96
N ARG F 53 -0.91 11.94 -31.00
CA ARG F 53 -0.81 12.49 -29.66
C ARG F 53 0.53 12.07 -29.07
N LEU F 54 1.06 10.96 -29.57
CA LEU F 54 2.35 10.49 -29.06
C LEU F 54 3.40 11.57 -29.25
N PRO F 55 4.14 11.87 -28.17
CA PRO F 55 5.19 12.89 -28.20
C PRO F 55 6.05 12.89 -29.46
N ALA F 56 6.36 11.71 -29.98
CA ALA F 56 7.19 11.63 -31.18
C ALA F 56 6.50 10.99 -32.39
N LYS F 57 7.19 11.03 -33.52
CA LYS F 57 6.71 10.51 -34.77
C LYS F 57 7.08 9.05 -34.89
N ALA F 58 6.08 8.19 -35.11
CA ALA F 58 6.35 6.77 -35.22
C ALA F 58 5.56 6.11 -36.35
N PRO F 59 6.24 5.28 -37.16
CA PRO F 59 5.58 4.60 -38.27
C PRO F 59 4.65 3.51 -37.77
N LEU F 60 3.42 3.54 -38.25
CA LEU F 60 2.41 2.58 -37.85
C LEU F 60 2.18 1.48 -38.86
N LEU F 61 2.78 0.32 -38.65
CA LEU F 61 2.59 -0.81 -39.57
C LEU F 61 1.33 -1.58 -39.21
N GLU F 62 0.73 -2.24 -40.19
CA GLU F 62 -0.49 -3.00 -39.96
C GLU F 62 -0.21 -4.46 -39.63
N LEU F 63 -0.98 -4.99 -38.67
CA LEU F 63 -0.82 -6.38 -38.26
C LEU F 63 -2.08 -6.97 -37.63
N ASP F 64 -2.49 -8.13 -38.12
CA ASP F 64 -3.63 -8.83 -37.56
C ASP F 64 -3.03 -10.18 -37.19
N VAL F 65 -2.82 -10.39 -35.89
CA VAL F 65 -2.23 -11.62 -35.39
C VAL F 65 -2.86 -12.90 -35.92
N GLN F 66 -3.96 -12.78 -36.65
CA GLN F 66 -4.59 -13.98 -37.21
C GLN F 66 -4.25 -14.12 -38.67
N ASN F 67 -3.85 -13.03 -39.30
CA ASN F 67 -3.49 -13.09 -40.71
C ASN F 67 -2.05 -13.55 -40.81
N GLU F 68 -1.86 -14.80 -41.21
CA GLU F 68 -0.53 -15.37 -41.31
C GLU F 68 0.42 -14.55 -42.16
N GLU F 69 -0.12 -13.89 -43.18
CA GLU F 69 0.72 -13.08 -44.07
C GLU F 69 1.27 -11.81 -43.44
N HIS F 70 0.52 -11.19 -42.53
CA HIS F 70 1.01 -9.98 -41.87
C HIS F 70 2.29 -10.37 -41.11
N LEU F 71 2.28 -11.57 -40.54
CA LEU F 71 3.43 -12.07 -39.81
C LEU F 71 4.51 -12.36 -40.83
N ALA F 72 4.18 -13.22 -41.78
CA ALA F 72 5.09 -13.62 -42.84
C ALA F 72 5.81 -12.47 -43.53
N SER F 73 5.49 -11.24 -43.14
CA SER F 73 6.14 -10.08 -43.73
C SER F 73 6.58 -9.09 -42.66
N LEU F 74 6.20 -9.39 -41.43
CA LEU F 74 6.49 -8.59 -40.24
C LEU F 74 7.90 -7.99 -40.13
N ALA F 75 8.91 -8.86 -40.04
CA ALA F 75 10.31 -8.45 -39.90
C ALA F 75 10.83 -7.56 -41.02
N GLY F 76 10.68 -8.04 -42.25
CA GLY F 76 11.14 -7.29 -43.39
C GLY F 76 10.41 -5.96 -43.43
N ARG F 77 9.12 -5.99 -43.12
CA ARG F 77 8.32 -4.78 -43.11
C ARG F 77 8.85 -3.85 -42.02
N VAL F 78 9.21 -4.41 -40.88
CA VAL F 78 9.75 -3.60 -39.81
C VAL F 78 11.15 -3.10 -40.17
N THR F 79 12.01 -4.00 -40.65
CA THR F 79 13.39 -3.65 -41.01
C THR F 79 13.49 -2.39 -41.88
N GLU F 80 12.59 -2.25 -42.85
CA GLU F 80 12.62 -1.07 -43.70
C GLU F 80 11.93 0.11 -43.04
N ALA F 81 11.11 -0.17 -42.03
CA ALA F 81 10.40 0.87 -41.29
C ALA F 81 11.39 1.61 -40.39
N ILE F 82 12.27 0.87 -39.74
CA ILE F 82 13.28 1.46 -38.88
C ILE F 82 14.51 1.77 -39.73
N GLY F 83 15.04 0.75 -40.37
CA GLY F 83 16.21 0.91 -41.21
C GLY F 83 16.93 -0.41 -41.33
N ALA F 84 17.28 -0.79 -42.56
CA ALA F 84 17.98 -2.04 -42.82
C ALA F 84 19.37 -1.98 -42.19
N GLY F 85 19.61 -2.83 -41.20
CA GLY F 85 20.89 -2.83 -40.52
C GLY F 85 20.71 -2.73 -39.01
N ASN F 86 19.73 -1.92 -38.60
CA ASN F 86 19.42 -1.73 -37.20
C ASN F 86 18.49 -2.87 -36.83
N LYS F 87 18.48 -3.23 -35.55
CA LYS F 87 17.63 -4.31 -35.09
C LYS F 87 16.71 -3.83 -33.99
N LEU F 88 15.76 -4.67 -33.59
CA LEU F 88 14.82 -4.33 -32.54
C LEU F 88 15.35 -4.76 -31.17
N ASP F 89 15.04 -3.96 -30.15
CA ASP F 89 15.48 -4.27 -28.80
C ASP F 89 14.28 -4.79 -28.04
N GLY F 90 13.15 -4.12 -28.24
CA GLY F 90 11.97 -4.52 -27.52
C GLY F 90 10.70 -4.63 -28.32
N VAL F 91 9.89 -5.57 -27.88
CA VAL F 91 8.60 -5.87 -28.47
C VAL F 91 7.61 -5.87 -27.33
N VAL F 92 6.51 -5.16 -27.52
CA VAL F 92 5.49 -5.11 -26.49
C VAL F 92 4.23 -5.65 -27.13
N HIS F 93 3.74 -6.74 -26.56
CA HIS F 93 2.52 -7.37 -27.04
C HIS F 93 1.44 -6.92 -26.05
N SER F 94 0.64 -5.95 -26.48
CA SER F 94 -0.43 -5.42 -25.64
C SER F 94 -1.74 -5.70 -26.36
N ILE F 95 -1.98 -6.99 -26.63
CA ILE F 95 -3.15 -7.45 -27.35
C ILE F 95 -4.02 -8.43 -26.57
N GLY F 96 -5.33 -8.28 -26.71
CA GLY F 96 -6.25 -9.17 -26.04
C GLY F 96 -7.61 -9.10 -26.70
N PHE F 97 -8.31 -10.22 -26.74
CA PHE F 97 -9.64 -10.24 -27.32
C PHE F 97 -10.42 -11.44 -26.82
N MET F 98 -11.73 -11.27 -26.75
CA MET F 98 -12.61 -12.33 -26.29
C MET F 98 -14.04 -11.87 -26.54
N PRO F 99 -14.86 -12.72 -27.16
CA PRO F 99 -16.26 -12.33 -27.41
C PRO F 99 -17.11 -12.35 -26.13
N GLN F 100 -18.15 -11.52 -26.09
CA GLN F 100 -19.02 -11.42 -24.93
C GLN F 100 -19.63 -12.77 -24.53
N THR F 101 -19.56 -13.70 -25.46
CA THR F 101 -20.09 -15.03 -25.26
C THR F 101 -19.25 -15.79 -24.22
N GLY F 102 -17.97 -15.48 -24.15
CA GLY F 102 -17.08 -16.15 -23.22
C GLY F 102 -16.36 -15.23 -22.24
N MET F 103 -16.99 -14.13 -21.86
CA MET F 103 -16.40 -13.19 -20.91
C MET F 103 -17.46 -12.36 -20.21
N GLY F 104 -17.81 -11.23 -20.82
CA GLY F 104 -18.80 -10.34 -20.22
C GLY F 104 -19.73 -10.88 -19.14
N ILE F 105 -20.98 -11.13 -19.51
CA ILE F 105 -22.00 -11.60 -18.58
C ILE F 105 -22.51 -13.00 -18.91
N ASN F 106 -22.43 -13.40 -20.17
CA ASN F 106 -22.88 -14.72 -20.59
C ASN F 106 -22.24 -15.82 -19.72
N PRO F 107 -22.95 -16.93 -19.50
CA PRO F 107 -22.47 -18.05 -18.67
C PRO F 107 -21.18 -18.70 -19.16
N PHE F 108 -20.34 -19.12 -18.21
CA PHE F 108 -19.08 -19.76 -18.53
C PHE F 108 -19.32 -21.02 -19.36
N PHE F 109 -20.23 -21.87 -18.91
CA PHE F 109 -20.53 -23.09 -19.62
C PHE F 109 -21.16 -22.90 -21.00
N ASP F 110 -21.64 -21.69 -21.29
CA ASP F 110 -22.30 -21.44 -22.57
C ASP F 110 -21.49 -20.71 -23.65
N ALA F 111 -20.17 -20.62 -23.47
CA ALA F 111 -19.31 -19.98 -24.47
C ALA F 111 -18.92 -21.05 -25.49
N PRO F 112 -19.43 -20.94 -26.72
CA PRO F 112 -19.04 -21.97 -27.69
C PRO F 112 -17.54 -21.90 -28.01
N TYR F 113 -16.93 -23.05 -28.26
CA TYR F 113 -15.50 -23.12 -28.54
C TYR F 113 -15.03 -22.23 -29.67
N ALA F 114 -15.81 -22.13 -30.74
CA ALA F 114 -15.42 -21.30 -31.89
C ALA F 114 -14.98 -19.91 -31.46
N ASP F 115 -15.57 -19.40 -30.39
CA ASP F 115 -15.24 -18.08 -29.88
C ASP F 115 -14.13 -18.12 -28.84
N VAL F 116 -14.12 -19.16 -28.01
CA VAL F 116 -13.09 -19.27 -26.99
C VAL F 116 -11.73 -19.34 -27.69
N SER F 117 -11.73 -19.97 -28.86
CA SER F 117 -10.52 -20.18 -29.67
C SER F 117 -10.00 -18.94 -30.37
N LYS F 118 -10.91 -18.08 -30.82
CA LYS F 118 -10.51 -16.85 -31.49
C LYS F 118 -9.87 -15.96 -30.43
N GLY F 119 -10.38 -16.09 -29.21
CA GLY F 119 -9.86 -15.32 -28.09
C GLY F 119 -8.51 -15.88 -27.63
N ILE F 120 -8.36 -17.20 -27.70
CA ILE F 120 -7.12 -17.83 -27.31
C ILE F 120 -6.12 -17.54 -28.41
N HIS F 121 -6.62 -17.52 -29.64
CA HIS F 121 -5.79 -17.26 -30.82
C HIS F 121 -5.11 -15.88 -30.76
N ILE F 122 -5.90 -14.84 -30.52
CA ILE F 122 -5.41 -13.46 -30.46
C ILE F 122 -4.75 -13.07 -29.14
N SER F 123 -5.21 -13.64 -28.03
CA SER F 123 -4.66 -13.29 -26.72
C SER F 123 -3.49 -14.14 -26.29
N ALA F 124 -3.50 -15.42 -26.65
CA ALA F 124 -2.45 -16.31 -26.23
C ALA F 124 -1.44 -16.62 -27.32
N TYR F 125 -1.84 -17.49 -28.23
CA TYR F 125 -0.99 -17.90 -29.32
C TYR F 125 -0.15 -16.79 -29.95
N SER F 126 -0.79 -15.66 -30.25
CA SER F 126 -0.10 -14.54 -30.89
C SER F 126 1.17 -14.10 -30.18
N TYR F 127 1.35 -14.55 -28.95
CA TYR F 127 2.53 -14.19 -28.20
C TYR F 127 3.67 -15.04 -28.75
N ALA F 128 3.33 -16.22 -29.26
CA ALA F 128 4.32 -17.15 -29.82
C ALA F 128 4.72 -16.68 -31.22
N SER F 129 3.71 -16.40 -32.02
CA SER F 129 3.90 -15.94 -33.39
C SER F 129 4.79 -14.72 -33.46
N MET F 130 4.31 -13.59 -32.94
CA MET F 130 5.07 -12.34 -32.94
C MET F 130 6.53 -12.60 -32.56
N ALA F 131 6.69 -13.34 -31.47
CA ALA F 131 8.01 -13.68 -30.98
C ALA F 131 8.77 -14.36 -32.10
N LYS F 132 8.12 -15.35 -32.72
CA LYS F 132 8.72 -16.07 -33.82
C LYS F 132 9.11 -15.10 -34.92
N ALA F 133 8.15 -14.28 -35.34
CA ALA F 133 8.35 -13.30 -36.40
C ALA F 133 9.52 -12.33 -36.21
N LEU F 134 9.54 -11.68 -35.05
CA LEU F 134 10.59 -10.67 -34.78
C LEU F 134 11.94 -11.12 -34.22
N LEU F 135 11.96 -12.16 -33.38
CA LEU F 135 13.19 -12.64 -32.78
C LEU F 135 14.41 -12.59 -33.71
N PRO F 136 14.25 -13.02 -34.97
CA PRO F 136 15.40 -12.96 -35.88
C PRO F 136 16.01 -11.56 -36.05
N ILE F 137 15.18 -10.52 -35.93
CA ILE F 137 15.70 -9.17 -36.11
C ILE F 137 15.96 -8.37 -34.84
N MET F 138 15.97 -9.03 -33.68
CA MET F 138 16.25 -8.35 -32.40
C MET F 138 17.71 -8.55 -31.97
N ASN F 139 18.18 -7.73 -31.04
CA ASN F 139 19.57 -7.81 -30.55
C ASN F 139 19.72 -8.52 -29.20
N PRO F 140 20.89 -9.11 -28.91
CA PRO F 140 21.04 -9.77 -27.61
C PRO F 140 20.84 -8.74 -26.51
N GLY F 141 20.06 -9.09 -25.49
CA GLY F 141 19.79 -8.13 -24.44
C GLY F 141 18.44 -7.53 -24.74
N GLY F 142 17.84 -8.00 -25.83
CA GLY F 142 16.53 -7.51 -26.22
C GLY F 142 15.53 -7.96 -25.18
N SER F 143 14.31 -7.40 -25.23
CA SER F 143 13.29 -7.78 -24.29
C SER F 143 11.93 -7.94 -24.96
N ILE F 144 11.14 -8.90 -24.47
CA ILE F 144 9.81 -9.14 -24.99
C ILE F 144 8.85 -9.20 -23.78
N VAL F 145 7.91 -8.28 -23.71
CA VAL F 145 6.95 -8.26 -22.61
C VAL F 145 5.50 -8.14 -23.08
N GLY F 146 4.66 -9.01 -22.52
CA GLY F 146 3.24 -9.02 -22.87
C GLY F 146 2.42 -8.56 -21.69
N MET F 147 1.12 -8.39 -21.89
CA MET F 147 0.23 -7.94 -20.83
C MET F 147 -0.52 -9.13 -20.24
N ASP F 148 -0.79 -9.09 -18.95
CA ASP F 148 -1.50 -10.20 -18.31
C ASP F 148 -2.39 -9.69 -17.16
N PHE F 149 -3.18 -10.60 -16.60
CA PHE F 149 -4.06 -10.30 -15.47
C PHE F 149 -4.16 -11.59 -14.68
N ASP F 150 -3.47 -11.62 -13.54
CA ASP F 150 -3.42 -12.80 -12.69
C ASP F 150 -4.61 -13.76 -12.81
N PRO F 151 -4.40 -14.96 -13.39
CA PRO F 151 -5.47 -15.95 -13.54
C PRO F 151 -5.38 -17.05 -12.46
N SER F 152 -4.36 -16.93 -11.61
CA SER F 152 -4.10 -17.91 -10.57
C SER F 152 -5.33 -18.40 -9.82
N ARG F 153 -6.29 -17.50 -9.60
CA ARG F 153 -7.52 -17.85 -8.87
C ARG F 153 -8.70 -17.55 -9.78
N ALA F 154 -9.84 -18.15 -9.49
CA ALA F 154 -11.04 -17.94 -10.28
C ALA F 154 -11.87 -16.76 -9.76
N MET F 155 -12.49 -16.04 -10.68
CA MET F 155 -13.30 -14.88 -10.34
C MET F 155 -14.46 -14.79 -11.32
N PRO F 156 -15.53 -14.07 -10.93
CA PRO F 156 -16.68 -13.92 -11.81
C PRO F 156 -16.40 -13.08 -13.07
N ALA F 157 -17.25 -13.26 -14.09
CA ALA F 157 -17.16 -12.52 -15.35
C ALA F 157 -15.95 -12.71 -16.23
N TYR F 158 -14.73 -12.57 -15.71
CA TYR F 158 -13.56 -12.73 -16.56
C TYR F 158 -13.68 -13.99 -17.41
N ASN F 159 -14.33 -15.01 -16.85
CA ASN F 159 -14.57 -16.28 -17.51
C ASN F 159 -13.41 -16.82 -18.34
N TRP F 160 -13.66 -17.03 -19.63
CA TRP F 160 -12.66 -17.56 -20.56
C TRP F 160 -11.52 -16.63 -20.97
N MET F 161 -11.45 -15.44 -20.40
CA MET F 161 -10.33 -14.55 -20.72
C MET F 161 -9.20 -14.96 -19.75
N THR F 162 -9.60 -15.52 -18.62
CA THR F 162 -8.66 -15.98 -17.59
C THR F 162 -7.89 -17.17 -18.18
N VAL F 163 -8.62 -18.09 -18.80
CA VAL F 163 -7.99 -19.26 -19.38
C VAL F 163 -6.98 -18.82 -20.46
N ALA F 164 -7.35 -17.81 -21.22
CA ALA F 164 -6.47 -17.31 -22.24
C ALA F 164 -5.17 -16.88 -21.57
N LYS F 165 -5.28 -16.10 -20.48
CA LYS F 165 -4.13 -15.62 -19.74
C LYS F 165 -3.36 -16.74 -19.03
N SER F 166 -4.10 -17.70 -18.45
CA SER F 166 -3.47 -18.83 -17.80
C SER F 166 -2.66 -19.46 -18.92
N ALA F 167 -3.30 -19.59 -20.07
CA ALA F 167 -2.65 -20.15 -21.22
C ALA F 167 -1.52 -19.19 -21.65
N LEU F 168 -1.75 -17.89 -21.51
CA LEU F 168 -0.73 -16.92 -21.91
C LEU F 168 0.56 -17.10 -21.12
N GLU F 169 0.46 -17.10 -19.80
CA GLU F 169 1.64 -17.25 -18.97
C GLU F 169 2.43 -18.46 -19.47
N SER F 170 1.72 -19.54 -19.77
CA SER F 170 2.32 -20.79 -20.23
C SER F 170 3.16 -20.61 -21.48
N VAL F 171 2.60 -19.90 -22.45
CA VAL F 171 3.30 -19.62 -23.71
C VAL F 171 4.57 -18.83 -23.42
N ASN F 172 4.51 -17.92 -22.45
CA ASN F 172 5.65 -17.07 -22.11
C ASN F 172 6.88 -17.83 -21.60
N ARG F 173 6.64 -18.90 -20.84
CA ARG F 173 7.72 -19.72 -20.29
C ARG F 173 8.52 -20.37 -21.41
N PHE F 174 7.80 -20.87 -22.42
CA PHE F 174 8.39 -21.51 -23.59
C PHE F 174 9.00 -20.47 -24.52
N VAL F 175 8.24 -19.42 -24.81
CA VAL F 175 8.77 -18.39 -25.68
C VAL F 175 10.09 -17.96 -25.08
N ALA F 176 10.18 -18.09 -23.75
CA ALA F 176 11.38 -17.70 -23.04
C ALA F 176 12.57 -18.52 -23.51
N ARG F 177 12.37 -19.82 -23.66
CA ARG F 177 13.46 -20.67 -24.10
C ARG F 177 13.79 -20.58 -25.58
N GLU F 178 12.79 -20.31 -26.41
CA GLU F 178 13.05 -20.17 -27.85
C GLU F 178 13.58 -18.77 -28.15
N ALA F 179 13.65 -17.92 -27.12
CA ALA F 179 14.13 -16.54 -27.27
C ALA F 179 15.46 -16.39 -26.54
N GLY F 180 15.63 -17.19 -25.49
CA GLY F 180 16.87 -17.14 -24.73
C GLY F 180 18.07 -17.36 -25.62
N LYS F 181 17.88 -18.17 -26.66
CA LYS F 181 18.96 -18.46 -27.59
C LYS F 181 19.46 -17.18 -28.25
N TYR F 182 18.51 -16.35 -28.69
CA TYR F 182 18.84 -15.08 -29.31
C TYR F 182 19.29 -14.08 -28.25
N GLY F 183 19.31 -14.51 -26.99
CA GLY F 183 19.71 -13.64 -25.90
C GLY F 183 18.62 -12.66 -25.52
N VAL F 184 17.38 -13.00 -25.90
CA VAL F 184 16.23 -12.17 -25.61
C VAL F 184 15.41 -12.74 -24.47
N ARG F 185 14.86 -11.83 -23.67
CA ARG F 185 14.05 -12.19 -22.51
C ARG F 185 12.61 -12.11 -22.92
N SER F 186 11.78 -12.84 -22.20
CA SER F 186 10.35 -12.85 -22.42
C SER F 186 9.71 -12.87 -21.04
N ASN F 187 8.88 -11.88 -20.77
CA ASN F 187 8.21 -11.79 -19.48
C ASN F 187 6.87 -11.13 -19.74
N LEU F 188 5.97 -11.29 -18.77
CA LEU F 188 4.62 -10.72 -18.80
C LEU F 188 4.51 -9.74 -17.64
N VAL F 189 3.65 -8.75 -17.78
CA VAL F 189 3.43 -7.82 -16.69
C VAL F 189 1.96 -7.94 -16.31
N ALA F 190 1.71 -8.41 -15.09
CA ALA F 190 0.34 -8.58 -14.59
C ALA F 190 -0.15 -7.27 -14.02
N ALA F 191 -0.87 -6.52 -14.84
CA ALA F 191 -1.42 -5.23 -14.43
C ALA F 191 -2.70 -5.45 -13.62
N GLY F 192 -3.12 -4.41 -12.93
CA GLY F 192 -4.35 -4.49 -12.16
C GLY F 192 -5.39 -3.86 -13.07
N PRO F 193 -6.56 -3.47 -12.54
CA PRO F 193 -7.63 -2.84 -13.33
C PRO F 193 -7.36 -1.38 -13.72
N ILE F 194 -7.52 -1.07 -15.01
CA ILE F 194 -7.32 0.28 -15.51
C ILE F 194 -8.56 0.78 -16.26
N ARG F 195 -9.17 1.86 -15.75
CA ARG F 195 -10.35 2.49 -16.36
C ARG F 195 -10.07 2.84 -17.81
N THR F 196 -10.75 2.15 -18.73
CA THR F 196 -10.56 2.39 -20.17
C THR F 196 -11.90 2.60 -20.88
N LEU F 197 -12.07 1.93 -22.01
CA LEU F 197 -13.31 2.02 -22.78
C LEU F 197 -14.21 0.88 -22.35
N ALA F 198 -13.61 -0.29 -22.17
CA ALA F 198 -14.34 -1.48 -21.75
C ALA F 198 -14.99 -1.25 -20.39
N MET F 199 -14.31 -0.51 -19.51
CA MET F 199 -14.84 -0.25 -18.18
C MET F 199 -15.83 0.92 -18.17
N SER F 200 -16.15 1.41 -19.36
CA SER F 200 -17.10 2.51 -19.50
C SER F 200 -18.47 1.88 -19.76
N ALA F 201 -18.43 0.59 -20.06
CA ALA F 201 -19.65 -0.18 -20.33
C ALA F 201 -19.75 -1.33 -19.31
N ILE F 202 -18.62 -1.75 -18.77
CA ILE F 202 -18.60 -2.83 -17.79
C ILE F 202 -18.64 -2.24 -16.38
N VAL F 203 -19.01 -0.96 -16.30
CA VAL F 203 -19.12 -0.25 -15.03
C VAL F 203 -20.17 0.84 -15.18
N GLY F 204 -20.23 1.43 -16.37
CA GLY F 204 -21.19 2.49 -16.62
C GLY F 204 -22.62 1.95 -16.62
N GLY F 205 -22.75 0.62 -16.53
CA GLY F 205 -24.06 0.01 -16.52
C GLY F 205 -24.47 -0.72 -17.79
N ALA F 206 -23.58 -0.79 -18.77
CA ALA F 206 -23.87 -1.46 -20.04
C ALA F 206 -24.12 -2.94 -19.88
N LEU F 207 -23.73 -3.51 -18.75
CA LEU F 207 -23.97 -4.92 -18.50
C LEU F 207 -25.15 -5.06 -17.54
N GLY F 208 -25.79 -3.92 -17.28
CA GLY F 208 -26.93 -3.88 -16.39
C GLY F 208 -26.66 -3.37 -14.99
N GLU F 209 -26.56 -4.32 -14.06
CA GLU F 209 -26.30 -4.01 -12.66
C GLU F 209 -25.68 -5.21 -11.97
N GLU F 210 -26.30 -6.37 -12.14
CA GLU F 210 -25.82 -7.61 -11.53
C GLU F 210 -24.35 -7.88 -11.82
N ALA F 211 -23.90 -7.49 -13.01
CA ALA F 211 -22.51 -7.67 -13.42
C ALA F 211 -21.70 -6.41 -13.12
N GLY F 212 -22.34 -5.26 -13.35
CA GLY F 212 -21.67 -3.99 -13.09
C GLY F 212 -21.48 -3.76 -11.60
N ALA F 213 -21.94 -4.72 -10.80
CA ALA F 213 -21.83 -4.65 -9.34
C ALA F 213 -20.67 -5.51 -8.86
N GLN F 214 -20.40 -6.60 -9.57
CA GLN F 214 -19.31 -7.49 -9.21
C GLN F 214 -18.02 -6.82 -9.65
N ILE F 215 -18.02 -6.22 -10.84
CA ILE F 215 -16.84 -5.55 -11.36
C ILE F 215 -16.34 -4.49 -10.39
N GLN F 216 -17.15 -3.46 -10.20
CA GLN F 216 -16.81 -2.36 -9.30
C GLN F 216 -16.46 -2.88 -7.90
N LEU F 217 -16.97 -4.06 -7.56
CA LEU F 217 -16.70 -4.65 -6.26
C LEU F 217 -15.32 -5.32 -6.16
N LEU F 218 -14.88 -6.00 -7.21
CA LEU F 218 -13.55 -6.60 -7.13
C LEU F 218 -12.60 -5.47 -7.43
N GLU F 219 -13.10 -4.48 -8.17
CA GLU F 219 -12.32 -3.31 -8.53
C GLU F 219 -11.98 -2.56 -7.24
N GLU F 220 -13.02 -2.01 -6.62
CA GLU F 220 -12.86 -1.25 -5.38
C GLU F 220 -12.30 -2.12 -4.26
N GLY F 221 -11.96 -3.37 -4.57
CA GLY F 221 -11.41 -4.26 -3.58
C GLY F 221 -9.91 -4.42 -3.81
N TRP F 222 -9.42 -3.78 -4.86
CA TRP F 222 -8.01 -3.85 -5.25
C TRP F 222 -7.19 -2.72 -4.61
N ASP F 223 -7.87 -1.66 -4.19
CA ASP F 223 -7.26 -0.48 -3.54
C ASP F 223 -7.11 -0.82 -2.05
N GLN F 224 -8.03 -1.64 -1.55
CA GLN F 224 -8.03 -2.04 -0.15
C GLN F 224 -6.83 -2.94 0.17
N ARG F 225 -6.73 -4.07 -0.51
CA ARG F 225 -5.65 -5.03 -0.33
C ARG F 225 -4.26 -4.45 -0.60
N ALA F 226 -4.09 -3.86 -1.78
CA ALA F 226 -2.80 -3.27 -2.18
C ALA F 226 -2.24 -2.36 -1.08
N PRO F 227 -1.10 -2.74 -0.48
CA PRO F 227 -0.53 -1.88 0.58
C PRO F 227 -0.21 -0.46 0.14
N ILE F 228 0.02 -0.26 -1.15
CA ILE F 228 0.35 1.07 -1.66
C ILE F 228 -0.80 1.77 -2.39
N GLY F 229 -1.95 1.11 -2.43
CA GLY F 229 -3.09 1.71 -3.09
C GLY F 229 -3.08 1.49 -4.59
N TRP F 230 -4.27 1.48 -5.20
CA TRP F 230 -4.35 1.25 -6.63
C TRP F 230 -5.24 2.21 -7.41
N ASN F 231 -4.62 3.19 -8.05
CA ASN F 231 -5.37 4.15 -8.83
C ASN F 231 -5.79 3.59 -10.19
N MET F 232 -7.04 3.16 -10.29
CA MET F 232 -7.56 2.62 -11.54
C MET F 232 -7.41 3.58 -12.70
N LYS F 233 -7.62 4.87 -12.44
CA LYS F 233 -7.53 5.88 -13.49
C LYS F 233 -6.13 6.20 -13.97
N ASP F 234 -5.11 5.78 -13.24
CA ASP F 234 -3.74 6.06 -13.66
C ASP F 234 -3.04 4.80 -14.18
N ALA F 235 -2.84 4.73 -15.50
CA ALA F 235 -2.17 3.61 -16.14
C ALA F 235 -0.64 3.79 -16.16
N THR F 236 -0.19 4.96 -15.70
CA THR F 236 1.22 5.30 -15.71
C THR F 236 2.13 4.34 -14.96
N PRO F 237 1.66 3.77 -13.83
CA PRO F 237 2.53 2.85 -13.09
C PRO F 237 2.82 1.57 -13.89
N VAL F 238 1.82 1.06 -14.59
CA VAL F 238 2.03 -0.13 -15.40
C VAL F 238 3.02 0.27 -16.49
N ALA F 239 2.71 1.37 -17.16
CA ALA F 239 3.56 1.89 -18.23
C ALA F 239 5.00 2.03 -17.79
N LYS F 240 5.21 2.53 -16.58
CA LYS F 240 6.56 2.70 -16.04
C LYS F 240 7.17 1.31 -15.81
N THR F 241 6.31 0.37 -15.42
CA THR F 241 6.70 -1.00 -15.14
C THR F 241 7.19 -1.68 -16.41
N VAL F 242 6.46 -1.49 -17.50
CA VAL F 242 6.82 -2.10 -18.77
C VAL F 242 8.15 -1.56 -19.27
N CYS F 243 8.35 -0.25 -19.18
CA CYS F 243 9.61 0.31 -19.64
C CYS F 243 10.81 -0.25 -18.87
N ALA F 244 10.64 -0.43 -17.56
CA ALA F 244 11.71 -1.00 -16.76
C ALA F 244 12.04 -2.39 -17.33
N LEU F 245 11.01 -3.21 -17.58
CA LEU F 245 11.22 -4.56 -18.15
C LEU F 245 11.92 -4.46 -19.50
N LEU F 246 11.78 -3.31 -20.14
CA LEU F 246 12.41 -3.08 -21.43
C LEU F 246 13.83 -2.54 -21.32
N SER F 247 14.33 -2.33 -20.11
CA SER F 247 15.67 -1.79 -19.95
C SER F 247 16.73 -2.84 -19.67
N ASP F 248 17.92 -2.38 -19.31
CA ASP F 248 19.05 -3.25 -19.01
C ASP F 248 19.11 -3.57 -17.51
N TRP F 249 18.10 -3.14 -16.78
CA TRP F 249 18.08 -3.32 -15.33
C TRP F 249 17.45 -4.58 -14.76
N LEU F 250 17.05 -5.50 -15.62
CA LEU F 250 16.48 -6.78 -15.18
C LEU F 250 16.97 -7.80 -16.22
N PRO F 251 18.30 -7.86 -16.40
CA PRO F 251 18.97 -8.75 -17.35
C PRO F 251 18.76 -10.22 -17.10
N ALA F 252 18.43 -10.59 -15.87
CA ALA F 252 18.31 -11.99 -15.55
C ALA F 252 16.93 -12.52 -15.21
N THR F 253 15.89 -11.81 -15.66
CA THR F 253 14.52 -12.23 -15.39
C THR F 253 13.78 -12.61 -16.68
N THR F 254 13.47 -13.89 -16.85
CA THR F 254 12.77 -14.38 -18.05
C THR F 254 11.79 -15.54 -17.81
N GLY F 255 10.71 -15.56 -18.60
CA GLY F 255 9.67 -16.57 -18.49
C GLY F 255 8.90 -16.30 -17.23
N ASP F 256 9.05 -15.08 -16.75
CA ASP F 256 8.45 -14.63 -15.51
C ASP F 256 7.24 -13.76 -15.65
N ILE F 257 6.68 -13.39 -14.49
CA ILE F 257 5.52 -12.53 -14.40
C ILE F 257 5.78 -11.42 -13.37
N ILE F 258 5.91 -10.18 -13.84
CA ILE F 258 6.11 -9.05 -12.93
C ILE F 258 4.73 -8.46 -12.58
N TYR F 259 4.41 -8.45 -11.29
CA TYR F 259 3.13 -7.94 -10.82
C TYR F 259 3.12 -6.44 -10.55
N ALA F 260 2.40 -5.69 -11.39
CA ALA F 260 2.29 -4.25 -11.22
C ALA F 260 0.87 -3.95 -10.78
N ASP F 261 0.52 -4.34 -9.55
CA ASP F 261 -0.82 -4.13 -9.03
C ASP F 261 -0.88 -3.60 -7.60
N GLY F 262 0.11 -2.81 -7.22
CA GLY F 262 0.11 -2.27 -5.88
C GLY F 262 0.33 -3.31 -4.81
N GLY F 263 0.59 -4.54 -5.22
CA GLY F 263 0.85 -5.60 -4.24
C GLY F 263 -0.40 -6.31 -3.78
N ALA F 264 -1.53 -6.00 -4.43
CA ALA F 264 -2.80 -6.62 -4.09
C ALA F 264 -2.79 -8.16 -4.08
N HIS F 265 -2.09 -8.80 -5.02
CA HIS F 265 -2.11 -10.27 -5.05
C HIS F 265 -1.36 -10.96 -3.91
N THR F 266 -0.70 -10.20 -3.05
CA THR F 266 0.02 -10.80 -1.93
C THR F 266 -0.72 -10.65 -0.61
N GLN F 267 -1.96 -10.19 -0.67
CA GLN F 267 -2.79 -9.98 0.51
C GLN F 267 -4.17 -10.60 0.27
N LEU F 268 -4.73 -11.21 1.30
CA LEU F 268 -6.03 -11.86 1.16
C LEU F 268 -7.15 -10.87 1.45
N LEU F 269 -6.77 -9.74 2.06
CA LEU F 269 -7.67 -8.63 2.39
C LEU F 269 -7.04 -7.73 3.46
PA NAD G . -2.33 22.36 19.71
O1A NAD G . -1.14 22.99 20.52
O2A NAD G . -2.55 20.92 20.10
O5B NAD G . -1.97 22.50 18.15
C5B NAD G . -1.36 23.66 17.50
C4B NAD G . -0.39 23.11 16.48
O4B NAD G . 0.27 24.14 15.80
C3B NAD G . 0.82 22.28 16.98
O3B NAD G . 0.74 21.07 17.76
C2B NAD G . 1.63 22.12 15.68
O2B NAD G . 1.60 20.86 14.90
C1B NAD G . 1.16 23.45 14.92
N9A NAD G . 2.28 24.31 14.65
C8A NAD G . 2.94 25.11 15.53
N7A NAD G . 3.94 25.79 14.98
C5A NAD G . 3.91 25.38 13.63
C6A NAD G . 4.59 25.62 12.42
N6A NAD G . 5.60 26.43 12.30
N1A NAD G . 4.30 25.03 11.23
C2A NAD G . 3.30 24.16 11.13
N3A NAD G . 2.52 23.81 12.19
C4A NAD G . 2.86 24.44 13.43
O3 NAD G . -3.53 23.24 20.12
PN NAD G . -4.95 23.14 19.66
O1N NAD G . -5.76 23.39 20.92
O2N NAD G . -5.39 21.76 19.12
O5D NAD G . -5.39 24.35 18.83
C5D NAD G . -4.95 24.47 17.49
C4D NAD G . -5.48 25.76 16.83
O4D NAD G . -6.78 26.05 17.34
C3D NAD G . -4.55 26.98 17.10
O3D NAD G . -4.42 27.83 15.89
C2D NAD G . -5.28 27.56 18.30
O2D NAD G . -4.95 28.92 18.75
C1D NAD G . -6.78 27.34 17.88
N1N NAD G . -7.83 27.34 18.96
C2N NAD G . -7.66 26.79 20.25
C3N NAD G . -8.72 26.86 21.24
C7N NAD G . -8.61 26.32 22.62
O7N NAD G . -9.49 26.37 23.45
N7N NAD G . -7.52 25.73 23.01
C4N NAD G . -9.96 27.50 20.84
C5N NAD G . -10.12 28.03 19.55
C6N NAD G . -9.04 27.94 18.64
C1A GEQ H . -3.18 28.58 21.61
C2A GEQ H . -4.35 27.92 22.09
C3A GEQ H . -4.36 26.50 22.28
C4A GEQ H . -3.22 25.72 22.00
C5A GEQ H . -2.07 26.38 21.53
C6A GEQ H . -2.05 27.78 21.33
C7A GEQ H . -0.77 28.08 20.85
C8A GEQ H . -0.09 26.87 20.78
N9A GEQ H . -0.89 25.86 21.19
C1B GEQ H . -5.57 28.78 22.39
O2B GEQ H . -6.06 29.33 21.41
N1C GEQ H . -6.13 28.95 23.66
C2C GEQ H . -7.41 29.64 23.79
C3C GEQ H . -7.48 30.35 25.15
N4C GEQ H . -7.41 29.35 26.31
C5C GEQ H . -6.57 28.12 26.02
C6C GEQ H . -5.53 28.31 24.86
C1D GEQ H . -7.00 29.99 27.63
C1E GEQ H . -7.99 31.09 28.05
C2E GEQ H . -9.40 30.97 28.17
C3E GEQ H . -10.15 32.12 28.57
C4E GEQ H . -9.49 33.35 28.84
C5E GEQ H . -8.09 33.48 28.72
C6E GEQ H . -7.34 32.32 28.32
C1F GEQ H . -5.70 30.83 27.73
C2F GEQ H . -4.34 30.42 27.48
C3F GEQ H . -3.29 31.38 27.63
C4F GEQ H . -3.57 32.72 28.02
C5F GEQ H . -4.91 33.14 28.27
C6F GEQ H . -5.97 32.17 28.12
PA NAD I . 1.33 60.05 6.04
O1A NAD I . 2.25 59.24 5.06
O2A NAD I . 1.42 61.53 5.78
O5B NAD I . 1.79 59.69 7.52
C5B NAD I . 2.29 58.41 8.00
C4B NAD I . 3.61 58.74 8.66
O4B NAD I . 4.18 57.58 9.19
C3B NAD I . 4.77 59.26 7.80
O3B NAD I . 4.72 60.46 6.99
C2B NAD I . 5.94 59.22 8.80
O2B NAD I . 6.46 60.46 9.47
C1B NAD I . 5.42 58.05 9.75
N9A NAD I . 6.33 56.96 9.75
C8A NAD I . 6.58 56.09 8.74
N7A NAD I . 7.50 55.19 9.06
C5A NAD I . 7.86 55.50 10.38
C6A NAD I . 8.69 55.06 11.37
N6A NAD I . 9.48 54.06 11.25
N1A NAD I . 8.82 55.61 12.62
C2A NAD I . 8.08 56.66 12.95
N3A NAD I . 7.20 57.25 12.11
C4A NAD I . 7.12 56.64 10.83
O3 NAD I . -0.11 59.54 5.74
PN NAD I . -1.41 59.98 6.39
O1N NAD I . -2.43 59.68 5.30
O2N NAD I . -1.54 61.47 6.71
O5D NAD I . -1.98 59.04 7.47
C5D NAD I . -1.56 59.17 8.84
C4D NAD I . -2.27 58.15 9.75
O4D NAD I . -3.66 58.13 9.43
C3D NAD I . -1.70 56.70 9.58
O3D NAD I . -1.58 56.03 10.90
C2D NAD I . -2.72 56.16 8.57
O2D NAD I . -2.82 54.72 8.33
C1D NAD I . -4.04 56.83 9.07
N1N NAD I . -5.18 57.03 8.09
C2N NAD I . -5.12 57.79 6.91
C3N NAD I . -6.26 57.92 6.02
C7N NAD I . -6.28 58.69 4.75
O7N NAD I . -7.24 58.79 4.02
N7N NAD I . -5.22 59.33 4.37
C4N NAD I . -7.48 57.22 6.41
C5N NAD I . -7.52 56.45 7.60
C6N NAD I . -6.37 56.38 8.40
C1A GEQ J . -1.58 53.95 4.04
C2A GEQ J . -2.44 54.99 4.52
C3A GEQ J . -1.91 56.25 4.92
C4A GEQ J . -0.50 56.50 4.86
C5A GEQ J . 0.32 55.44 4.38
C6A GEQ J . -0.20 54.20 3.98
C7A GEQ J . 0.89 53.42 3.56
C8A GEQ J . 2.02 54.22 3.74
N9A GEQ J . 1.66 55.44 4.24
C1B GEQ J . -3.93 54.67 4.57
O2B GEQ J . -4.28 54.04 5.56
N1C GEQ J . -4.83 55.04 3.59
C2C GEQ J . -6.25 54.80 3.85
C3C GEQ J . -6.87 54.29 2.54
N4C GEQ J . -6.82 55.35 1.46
C5C GEQ J . -5.65 56.30 1.56
C6C GEQ J . -4.42 55.77 2.38
C1D GEQ J . -6.95 54.80 0.04
C1E GEQ J . -8.26 54.00 -0.13
C2E GEQ J . -9.58 54.44 0.20
C3E GEQ J . -10.66 53.55 -0.03
C4E GEQ J . -10.44 52.25 -0.57
C5E GEQ J . -9.12 51.80 -0.90
C6E GEQ J . -8.03 52.70 -0.67
C1F GEQ J . -5.98 53.70 -0.52
C2F GEQ J . -4.55 53.76 -0.66
C3F GEQ J . -3.87 52.63 -1.21
C4F GEQ J . -4.58 51.45 -1.59
C5F GEQ J . -6.00 51.39 -1.45
C6F GEQ J . -6.68 52.52 -0.91
PA NAD K . 27.84 -12.74 2.48
O1A NAD K . 28.42 -13.96 3.26
O2A NAD K . 28.95 -12.00 1.78
O5B NAD K . 27.08 -11.82 3.52
C5B NAD K . 26.21 -12.26 4.58
C4B NAD K . 26.12 -11.09 5.54
O4B NAD K . 25.29 -11.43 6.61
C3B NAD K . 27.38 -10.63 6.28
O3B NAD K . 28.61 -10.14 5.66
C2B NAD K . 26.76 -9.63 7.28
O2B NAD K . 26.82 -8.16 7.08
C1B NAD K . 25.31 -10.28 7.42
N9A NAD K . 25.08 -10.68 8.77
C8A NAD K . 25.14 -11.94 9.29
N7A NAD K . 24.87 -11.98 10.59
C5A NAD K . 24.61 -10.63 10.91
C6A NAD K . 24.25 -9.87 12.02
N6A NAD K . 24.05 -10.34 13.20
N1A NAD K . 24.06 -8.49 12.00
C2A NAD K . 24.21 -7.82 10.86
N3A NAD K . 24.55 -8.40 9.69
C4A NAD K . 24.74 -9.81 9.76
O3 NAD K . 26.83 -13.37 1.49
PN NAD K . 25.99 -12.62 0.49
O1N NAD K . 26.29 -13.36 -0.81
O2N NAD K . 26.35 -11.15 0.27
O5D NAD K . 24.48 -12.90 0.57
C5D NAD K . 23.63 -11.82 0.98
C4D NAD K . 22.16 -12.21 1.00
O4D NAD K . 21.82 -12.86 -0.22
C3D NAD K . 21.78 -13.15 2.19
O3D NAD K . 20.50 -12.70 2.78
C2D NAD K . 21.82 -14.50 1.47
O2D NAD K . 21.17 -15.64 2.12
C1D NAD K . 21.28 -14.12 0.05
N1N NAD K . 21.68 -14.92 -1.15
C2N NAD K . 23.00 -15.29 -1.45
C3N NAD K . 23.32 -16.07 -2.63
C7N NAD K . 24.67 -16.50 -3.03
O7N NAD K . 24.92 -17.15 -4.01
N7N NAD K . 25.70 -16.18 -2.29
C4N NAD K . 22.20 -16.44 -3.48
C5N NAD K . 20.88 -16.07 -3.17
C6N NAD K . 20.65 -15.31 -2.01
C1A GEQ L . 24.27 -18.19 3.58
C2A GEQ L . 24.24 -17.62 2.27
C3A GEQ L . 25.01 -16.46 1.97
C4A GEQ L . 25.82 -15.85 2.96
C5A GEQ L . 25.84 -16.43 4.26
C6A GEQ L . 25.08 -17.58 4.56
C7A GEQ L . 25.33 -17.87 5.91
C8A GEQ L . 26.22 -16.89 6.36
N9A GEQ L . 26.52 -16.04 5.35
C1B GEQ L . 23.35 -18.30 1.23
O2B GEQ L . 22.14 -18.16 1.41
N1C GEQ L . 23.82 -19.04 0.15
C2C GEQ L . 22.86 -19.47 -0.85
C3C GEQ L . 23.17 -20.92 -1.21
N4C GEQ L . 24.53 -21.04 -1.86
C5C GEQ L . 25.55 -19.97 -1.46
C6C GEQ L . 25.26 -19.26 -0.08
C1D GEQ L . 25.15 -22.43 -1.77
C1E GEQ L . 24.24 -23.51 -2.39
C2E GEQ L . 23.66 -23.50 -3.69
C3E GEQ L . 22.83 -24.61 -4.07
C4E GEQ L . 22.59 -25.69 -3.17
C5E GEQ L . 23.17 -25.70 -1.87
C6E GEQ L . 23.99 -24.59 -1.49
C1F GEQ L . 25.37 -23.12 -0.38
C2F GEQ L . 26.16 -22.66 0.73
C3F GEQ L . 26.22 -23.46 1.91
C4F GEQ L . 25.52 -24.71 1.99
C5F GEQ L . 24.74 -25.16 0.89
C6F GEQ L . 24.68 -24.36 -0.30
PA NAD M . -5.80 -26.79 19.58
O1A NAD M . -5.36 -25.57 20.47
O2A NAD M . -7.04 -27.43 20.12
O5B NAD M . -4.58 -27.80 19.55
C5B NAD M . -3.18 -27.45 19.48
C4B NAD M . -2.54 -28.00 20.73
O4B NAD M . -1.19 -27.71 20.75
C3B NAD M . -2.97 -27.44 22.10
O3B NAD M . -4.33 -27.47 22.64
C2B NAD M . -1.92 -28.09 23.03
O2B NAD M . -2.24 -29.27 23.88
C1B NAD M . -0.73 -28.27 21.97
N9A NAD M . 0.46 -27.55 22.37
C8A NAD M . 0.65 -26.20 22.47
N7A NAD M . 1.88 -25.86 22.86
C5A NAD M . 2.52 -27.10 23.02
C6A NAD M . 3.77 -27.61 23.40
N6A NAD M . 4.79 -26.88 23.74
N1A NAD M . 4.11 -28.94 23.46
C2A NAD M . 3.20 -29.86 23.15
N3A NAD M . 1.94 -29.57 22.76
C4A NAD M . 1.64 -28.18 22.71
O3 NAD M . -6.05 -26.16 18.21
PN NAD M . -6.50 -26.89 16.98
O1N NAD M . -7.64 -26.02 16.47
O2N NAD M . -7.07 -28.29 17.24
O5D NAD M . -5.53 -26.79 15.79
C5D NAD M . -4.24 -27.40 15.92
C4D NAD M . -3.34 -27.26 14.68
O4D NAD M . -4.12 -27.02 13.50
C3D NAD M . -2.27 -26.14 14.84
O3D NAD M . -0.93 -26.63 14.44
C2D NAD M . -2.94 -25.04 13.98
O2D NAD M . -2.11 -23.95 13.48
C1D NAD M . -3.65 -25.87 12.86
N1N NAD M . -4.89 -25.31 12.18
C2N NAD M . -5.97 -24.66 12.84
C3N NAD M . -7.11 -24.16 12.09
C7N NAD M . -8.30 -23.46 12.68
O7N NAD M . -9.24 -23.04 12.05
N7N NAD M . -8.36 -23.27 13.97
C4N NAD M . -7.08 -24.34 10.64
C5N NAD M . -5.99 -24.98 10.00
C6N NAD M . -4.92 -25.45 10.80
C1A GEQ N . -3.79 -21.20 17.02
C2A GEQ N . -4.80 -21.84 16.24
C3A GEQ N . -5.66 -22.82 16.85
C4A GEQ N . -5.55 -23.15 18.23
C5A GEQ N . -4.54 -22.50 18.97
C6A GEQ N . -3.68 -21.54 18.39
C7A GEQ N . -2.83 -21.09 19.41
C8A GEQ N . -3.20 -21.80 20.57
N9A GEQ N . -4.23 -22.64 20.28
C1B GEQ N . -4.92 -21.48 14.76
O2B GEQ N . -4.10 -22.02 14.02
N1C GEQ N . -5.85 -20.60 14.26
C2C GEQ N . -5.97 -20.49 12.80
C3C GEQ N . -6.52 -19.10 12.41
N4C GEQ N . -7.89 -18.84 13.03
C5C GEQ N . -8.13 -19.54 14.36
C6C GEQ N . -6.82 -19.92 15.13
C1D GEQ N . -8.24 -17.36 13.14
C1E GEQ N . -8.25 -16.70 11.74
C2E GEQ N . -8.99 -17.11 10.61
C3E GEQ N . -8.87 -16.36 9.40
C4E GEQ N . -8.01 -15.23 9.33
C5E GEQ N . -7.27 -14.81 10.47
C6E GEQ N . -7.41 -15.56 11.67
C1F GEQ N . -7.24 -16.38 13.82
C2F GEQ N . -6.76 -16.38 15.17
C3F GEQ N . -5.84 -15.38 15.58
C4F GEQ N . -5.39 -14.37 14.69
C5F GEQ N . -5.87 -14.35 13.34
C6F GEQ N . -6.80 -15.36 12.92
PA NAD O . -3.99 -42.39 -23.57
O1A NAD O . -3.33 -42.15 -24.97
O2A NAD O . -3.98 -43.83 -23.18
O5B NAD O . -5.47 -41.82 -23.66
C5B NAD O . -5.85 -40.49 -24.08
C4B NAD O . -7.19 -40.70 -24.72
O4B NAD O . -7.71 -39.48 -25.19
C3B NAD O . -7.28 -41.55 -25.99
O3B NAD O . -6.86 -42.95 -26.07
C2B NAD O . -8.74 -41.32 -26.39
O2B NAD O . -9.78 -42.34 -26.08
C1B NAD O . -8.95 -39.86 -25.76
N9A NAD O . -9.32 -38.93 -26.80
C8A NAD O . -8.50 -38.30 -27.69
N7A NAD O . -9.16 -37.51 -28.53
C5A NAD O . -10.50 -37.64 -28.14
C6A NAD O . -11.77 -37.17 -28.50
N6A NAD O . -11.99 -36.34 -29.48
N1A NAD O . -12.96 -37.50 -27.88
C2A NAD O . -12.95 -38.35 -26.85
N3A NAD O . -11.82 -38.92 -26.36
C4A NAD O . -10.61 -38.54 -27.04
O3 NAD O . -3.12 -41.52 -22.63
PN NAD O . -3.27 -41.35 -21.15
O1N NAD O . -1.81 -41.39 -20.71
O2N NAD O . -3.99 -42.48 -20.41
O5D NAD O . -3.57 -39.93 -20.65
C5D NAD O . -4.32 -39.80 -19.44
C4D NAD O . -4.50 -38.35 -18.97
O4D NAD O . -3.47 -38.11 -18.02
C3D NAD O . -4.38 -37.27 -20.09
O3D NAD O . -5.42 -36.26 -19.93
C2D NAD O . -2.92 -36.85 -19.92
O2D NAD O . -2.50 -35.56 -20.42
C1D NAD O . -2.68 -37.04 -18.39
N1N NAD O . -1.30 -37.44 -17.96
C2N NAD O . -0.42 -38.21 -18.76
C3N NAD O . 0.90 -38.57 -18.31
C7N NAD O . 1.86 -39.37 -19.10
O7N NAD O . 2.98 -39.67 -18.74
N7N NAD O . 1.54 -39.79 -20.28
C4N NAD O . 1.27 -38.12 -16.99
C5N NAD O . 0.38 -37.35 -16.19
C6N NAD O . -0.88 -37.03 -16.71
PA NAD P . -7.39 -2.39 -25.51
O1A NAD P . -8.79 -2.95 -25.88
O2A NAD P . -7.30 -0.90 -25.76
O5B NAD P . -6.30 -3.19 -26.36
C5B NAD P . -6.42 -4.54 -26.89
C4B NAD P . -6.03 -4.47 -28.36
O4B NAD P . -6.10 -5.72 -28.94
C3B NAD P . -6.91 -3.66 -29.33
O3B NAD P . -7.19 -2.23 -29.22
C2B NAD P . -6.29 -4.07 -30.71
O2B NAD P . -5.38 -3.17 -31.46
C1B NAD P . -5.73 -5.51 -30.30
N9A NAD P . -6.30 -6.56 -31.11
C8A NAD P . -7.52 -7.16 -30.96
N7A NAD P . -7.77 -8.10 -31.86
C5A NAD P . -6.62 -8.10 -32.66
C6A NAD P . -6.09 -8.76 -33.78
N6A NAD P . -6.71 -9.71 -34.42
N1A NAD P . -4.86 -8.52 -34.34
C2A NAD P . -4.06 -7.59 -33.82
N3A NAD P . -4.40 -6.84 -32.74
C4A NAD P . -5.68 -7.13 -32.19
O3 NAD P . -7.29 -2.70 -23.99
PN NAD P . -6.13 -2.38 -23.08
O1N NAD P . -6.81 -1.95 -21.79
O2N NAD P . -5.24 -1.22 -23.50
O5D NAD P . -5.40 -3.63 -22.58
C5D NAD P . -4.66 -4.37 -23.55
C4D NAD P . -3.98 -5.61 -22.98
O4D NAD P . -3.79 -5.47 -21.56
C3D NAD P . -4.81 -6.89 -23.26
O3D NAD P . -3.91 -7.99 -23.74
C2D NAD P . -5.51 -7.02 -21.89
O2D NAD P . -6.17 -8.27 -21.51
C1D NAD P . -4.40 -6.56 -20.91
N1N NAD P . -4.83 -6.02 -19.57
C2N NAD P . -5.76 -4.99 -19.39
C3N NAD P . -6.13 -4.54 -18.07
C7N NAD P . -7.12 -3.45 -17.81
O7N NAD P . -7.43 -3.07 -16.70
N7N NAD P . -7.70 -2.85 -18.79
C4N NAD P . -5.50 -5.19 -16.94
C5N NAD P . -4.56 -6.24 -17.14
C6N NAD P . -4.25 -6.61 -18.45
#